data_8WF7
# 
_entry.id   8WF7 
# 
_audit_conform.dict_name       mmcif_pdbx.dic 
_audit_conform.dict_version    5.379 
_audit_conform.dict_location   http://mmcif.pdb.org/dictionaries/ascii/mmcif_pdbx.dic 
# 
loop_
_database_2.database_id 
_database_2.database_code 
_database_2.pdbx_database_accession 
_database_2.pdbx_DOI 
PDB   8WF7         pdb_00008wf7 10.2210/pdb8wf7/pdb 
WWPDB D_1300041018 ?            ?                   
# 
_pdbx_database_status.status_code                     REL 
_pdbx_database_status.status_code_sf                  REL 
_pdbx_database_status.status_code_mr                  ? 
_pdbx_database_status.entry_id                        8WF7 
_pdbx_database_status.recvd_initial_deposition_date   2023-09-19 
_pdbx_database_status.SG_entry                        N 
_pdbx_database_status.deposit_site                    PDBJ 
_pdbx_database_status.process_site                    PDBJ 
_pdbx_database_status.status_code_cs                  ? 
_pdbx_database_status.status_code_nmr_data            ? 
_pdbx_database_status.methods_development_category    ? 
_pdbx_database_status.pdb_format_compatible           Y 
# 
loop_
_audit_author.name 
_audit_author.pdbx_ordinal 
_audit_author.identifier_ORCID 
'Wang, F.'  1 ? 
'Cheng, W.' 2 ? 
'Yuan, Z.'  3 ? 
'Qi, J.'    4 ? 
'Li, J.'    5 ? 
# 
_citation.abstract                  ? 
_citation.abstract_id_CAS           ? 
_citation.book_id_ISBN              ? 
_citation.book_publisher            ? 
_citation.book_publisher_city       ? 
_citation.book_title                ? 
_citation.coordinate_linkage        ? 
_citation.country                   ? 
_citation.database_id_Medline       ? 
_citation.details                   ? 
_citation.id                        primary 
_citation.journal_abbrev            'To Be Published' 
_citation.journal_id_ASTM           ? 
_citation.journal_id_CSD            0353 
_citation.journal_id_ISSN           ? 
_citation.journal_full              ? 
_citation.journal_issue             ? 
_citation.journal_volume            ? 
_citation.language                  ? 
_citation.page_first                ? 
_citation.page_last                 ? 
_citation.title                     'The Crystal Structure of integrase from Biortus' 
_citation.year                      ? 
_citation.database_id_CSD           ? 
_citation.pdbx_database_id_DOI      ? 
_citation.pdbx_database_id_PubMed   ? 
_citation.pdbx_database_id_patent   ? 
_citation.unpublished_flag          ? 
# 
loop_
_citation_author.citation_id 
_citation_author.name 
_citation_author.ordinal 
_citation_author.identifier_ORCID 
primary 'Wang, F.'  1 ? 
primary 'Cheng, W.' 2 ? 
primary 'Yuan, Z.'  3 ? 
primary 'Qi, J.'    4 ? 
primary 'Li, J.'    5 ? 
# 
_cell.angle_alpha                  90.000 
_cell.angle_alpha_esd              ? 
_cell.angle_beta                   90.000 
_cell.angle_beta_esd               ? 
_cell.angle_gamma                  120.000 
_cell.angle_gamma_esd              ? 
_cell.entry_id                     8WF7 
_cell.details                      ? 
_cell.formula_units_Z              ? 
_cell.length_a                     71.027 
_cell.length_a_esd                 ? 
_cell.length_b                     71.027 
_cell.length_b_esd                 ? 
_cell.length_c                     66.849 
_cell.length_c_esd                 ? 
_cell.volume                       ? 
_cell.volume_esd                   ? 
_cell.Z_PDB                        6 
_cell.reciprocal_angle_alpha       ? 
_cell.reciprocal_angle_beta        ? 
_cell.reciprocal_angle_gamma       ? 
_cell.reciprocal_angle_alpha_esd   ? 
_cell.reciprocal_angle_beta_esd    ? 
_cell.reciprocal_angle_gamma_esd   ? 
_cell.reciprocal_length_a          ? 
_cell.reciprocal_length_b          ? 
_cell.reciprocal_length_c          ? 
_cell.reciprocal_length_a_esd      ? 
_cell.reciprocal_length_b_esd      ? 
_cell.reciprocal_length_c_esd      ? 
_cell.pdbx_unique_axis             ? 
_cell.pdbx_esd_method              ? 
# 
_symmetry.entry_id                         8WF7 
_symmetry.cell_setting                     ? 
_symmetry.Int_Tables_number                152 
_symmetry.space_group_name_Hall            ? 
_symmetry.space_group_name_H-M             'P 31 2 1' 
_symmetry.pdbx_full_space_group_name_H-M   ? 
# 
loop_
_entity.id 
_entity.type 
_entity.src_method 
_entity.pdbx_description 
_entity.formula_weight 
_entity.pdbx_number_of_molecules 
_entity.pdbx_ec 
_entity.pdbx_mutation 
_entity.pdbx_fragment 
_entity.details 
1 polymer     man Integrase     17204.553 1   ? C56S,F139D,F185H ? ? 
2 non-polymer syn 'SULFATE ION' 96.063    6   ? ?                ? ? 
3 non-polymer syn 'ACETATE ION' 59.044    1   ? ?                ? ? 
4 water       nat water         18.015    137 ? ?                ? ? 
# 
_entity_poly.entity_id                      1 
_entity_poly.type                           'polypeptide(L)' 
_entity_poly.nstd_linkage                   no 
_entity_poly.nstd_monomer                   no 
_entity_poly.pdbx_seq_one_letter_code       
;SSPGIWQLDCTHLEGKVILVAVHVASGYIEAEVIPAETGQETAYFLLKLAGRWPVKTVHTDNGSNFTSTTVKAACWWAGI
KQEDGIPYNPQSQGVIESMNKELKKIIGQVRDQAEHLKTAVQMAVFIHNHKRKGGIGGYSAGERIVDIIATDIQTKE
;
_entity_poly.pdbx_seq_one_letter_code_can   
;SSPGIWQLDCTHLEGKVILVAVHVASGYIEAEVIPAETGQETAYFLLKLAGRWPVKTVHTDNGSNFTSTTVKAACWWAGI
KQEDGIPYNPQSQGVIESMNKELKKIIGQVRDQAEHLKTAVQMAVFIHNHKRKGGIGGYSAGERIVDIIATDIQTKE
;
_entity_poly.pdbx_strand_id                 A 
_entity_poly.pdbx_target_identifier         ? 
# 
loop_
_entity_poly_seq.entity_id 
_entity_poly_seq.num 
_entity_poly_seq.mon_id 
_entity_poly_seq.hetero 
1 1   SER n 
1 2   SER n 
1 3   PRO n 
1 4   GLY n 
1 5   ILE n 
1 6   TRP n 
1 7   GLN n 
1 8   LEU n 
1 9   ASP n 
1 10  CYS n 
1 11  THR n 
1 12  HIS n 
1 13  LEU n 
1 14  GLU n 
1 15  GLY n 
1 16  LYS n 
1 17  VAL n 
1 18  ILE n 
1 19  LEU n 
1 20  VAL n 
1 21  ALA n 
1 22  VAL n 
1 23  HIS n 
1 24  VAL n 
1 25  ALA n 
1 26  SER n 
1 27  GLY n 
1 28  TYR n 
1 29  ILE n 
1 30  GLU n 
1 31  ALA n 
1 32  GLU n 
1 33  VAL n 
1 34  ILE n 
1 35  PRO n 
1 36  ALA n 
1 37  GLU n 
1 38  THR n 
1 39  GLY n 
1 40  GLN n 
1 41  GLU n 
1 42  THR n 
1 43  ALA n 
1 44  TYR n 
1 45  PHE n 
1 46  LEU n 
1 47  LEU n 
1 48  LYS n 
1 49  LEU n 
1 50  ALA n 
1 51  GLY n 
1 52  ARG n 
1 53  TRP n 
1 54  PRO n 
1 55  VAL n 
1 56  LYS n 
1 57  THR n 
1 58  VAL n 
1 59  HIS n 
1 60  THR n 
1 61  ASP n 
1 62  ASN n 
1 63  GLY n 
1 64  SER n 
1 65  ASN n 
1 66  PHE n 
1 67  THR n 
1 68  SER n 
1 69  THR n 
1 70  THR n 
1 71  VAL n 
1 72  LYS n 
1 73  ALA n 
1 74  ALA n 
1 75  CYS n 
1 76  TRP n 
1 77  TRP n 
1 78  ALA n 
1 79  GLY n 
1 80  ILE n 
1 81  LYS n 
1 82  GLN n 
1 83  GLU n 
1 84  ASP n 
1 85  GLY n 
1 86  ILE n 
1 87  PRO n 
1 88  TYR n 
1 89  ASN n 
1 90  PRO n 
1 91  GLN n 
1 92  SER n 
1 93  GLN n 
1 94  GLY n 
1 95  VAL n 
1 96  ILE n 
1 97  GLU n 
1 98  SER n 
1 99  MET n 
1 100 ASN n 
1 101 LYS n 
1 102 GLU n 
1 103 LEU n 
1 104 LYS n 
1 105 LYS n 
1 106 ILE n 
1 107 ILE n 
1 108 GLY n 
1 109 GLN n 
1 110 VAL n 
1 111 ARG n 
1 112 ASP n 
1 113 GLN n 
1 114 ALA n 
1 115 GLU n 
1 116 HIS n 
1 117 LEU n 
1 118 LYS n 
1 119 THR n 
1 120 ALA n 
1 121 VAL n 
1 122 GLN n 
1 123 MET n 
1 124 ALA n 
1 125 VAL n 
1 126 PHE n 
1 127 ILE n 
1 128 HIS n 
1 129 ASN n 
1 130 HIS n 
1 131 LYS n 
1 132 ARG n 
1 133 LYS n 
1 134 GLY n 
1 135 GLY n 
1 136 ILE n 
1 137 GLY n 
1 138 GLY n 
1 139 TYR n 
1 140 SER n 
1 141 ALA n 
1 142 GLY n 
1 143 GLU n 
1 144 ARG n 
1 145 ILE n 
1 146 VAL n 
1 147 ASP n 
1 148 ILE n 
1 149 ILE n 
1 150 ALA n 
1 151 THR n 
1 152 ASP n 
1 153 ILE n 
1 154 GLN n 
1 155 THR n 
1 156 LYS n 
1 157 GLU n 
# 
_entity_src_gen.entity_id                          1 
_entity_src_gen.pdbx_src_id                        1 
_entity_src_gen.pdbx_alt_source_flag               sample 
_entity_src_gen.pdbx_seq_type                      'Biological sequence' 
_entity_src_gen.pdbx_beg_seq_num                   1 
_entity_src_gen.pdbx_end_seq_num                   157 
_entity_src_gen.gene_src_common_name               ? 
_entity_src_gen.gene_src_genus                     ? 
_entity_src_gen.pdbx_gene_src_gene                 pol 
_entity_src_gen.gene_src_species                   ? 
_entity_src_gen.gene_src_strain                    ? 
_entity_src_gen.gene_src_tissue                    ? 
_entity_src_gen.gene_src_tissue_fraction           ? 
_entity_src_gen.gene_src_details                   ? 
_entity_src_gen.pdbx_gene_src_fragment             ? 
_entity_src_gen.pdbx_gene_src_scientific_name      'Human immunodeficiency virus 1' 
_entity_src_gen.pdbx_gene_src_ncbi_taxonomy_id     11676 
_entity_src_gen.pdbx_gene_src_variant              ? 
_entity_src_gen.pdbx_gene_src_cell_line            ? 
_entity_src_gen.pdbx_gene_src_atcc                 ? 
_entity_src_gen.pdbx_gene_src_organ                ? 
_entity_src_gen.pdbx_gene_src_organelle            ? 
_entity_src_gen.pdbx_gene_src_cell                 ? 
_entity_src_gen.pdbx_gene_src_cellular_location    ? 
_entity_src_gen.host_org_common_name               ? 
_entity_src_gen.pdbx_host_org_scientific_name      'Escherichia coli' 
_entity_src_gen.pdbx_host_org_ncbi_taxonomy_id     562 
_entity_src_gen.host_org_genus                     ? 
_entity_src_gen.pdbx_host_org_gene                 ? 
_entity_src_gen.pdbx_host_org_organ                ? 
_entity_src_gen.host_org_species                   ? 
_entity_src_gen.pdbx_host_org_tissue               ? 
_entity_src_gen.pdbx_host_org_tissue_fraction      ? 
_entity_src_gen.pdbx_host_org_strain               ? 
_entity_src_gen.pdbx_host_org_variant              ? 
_entity_src_gen.pdbx_host_org_cell_line            ? 
_entity_src_gen.pdbx_host_org_atcc                 ? 
_entity_src_gen.pdbx_host_org_culture_collection   ? 
_entity_src_gen.pdbx_host_org_cell                 ? 
_entity_src_gen.pdbx_host_org_organelle            ? 
_entity_src_gen.pdbx_host_org_cellular_location    ? 
_entity_src_gen.pdbx_host_org_vector_type          ? 
_entity_src_gen.pdbx_host_org_vector               ? 
_entity_src_gen.host_org_details                   ? 
_entity_src_gen.expression_system_id               ? 
_entity_src_gen.plasmid_name                       ? 
_entity_src_gen.plasmid_details                    ? 
_entity_src_gen.pdbx_description                   ? 
# 
_struct_ref.id                         1 
_struct_ref.db_name                    UNP 
_struct_ref.db_code                    F2WR39_9HIV1 
_struct_ref.pdbx_db_accession          F2WR39 
_struct_ref.pdbx_db_isoform            ? 
_struct_ref.entity_id                  1 
_struct_ref.pdbx_seq_one_letter_code   
;CSPGIWQLDCTHLEGKVILVAVHVASGYIEAEVIPAETGQETAYFLLKLAGRWPVKTVHTDNGSNFTSTTVKAACWWAGI
KQEFGIPYNPQSQGVIESMNKELKKIIGQVRDQAEHLKTAVQMAVFIHNFKRKGGIGGYSAGERIVDIIATDIQTKE
;
_struct_ref.pdbx_align_begin           56 
# 
_struct_ref_seq.align_id                      1 
_struct_ref_seq.ref_id                        1 
_struct_ref_seq.pdbx_PDB_id_code              8WF7 
_struct_ref_seq.pdbx_strand_id                A 
_struct_ref_seq.seq_align_beg                 1 
_struct_ref_seq.pdbx_seq_align_beg_ins_code   ? 
_struct_ref_seq.seq_align_end                 157 
_struct_ref_seq.pdbx_seq_align_end_ins_code   ? 
_struct_ref_seq.pdbx_db_accession             F2WR39 
_struct_ref_seq.db_align_beg                  56 
_struct_ref_seq.pdbx_db_align_beg_ins_code    ? 
_struct_ref_seq.db_align_end                  212 
_struct_ref_seq.pdbx_db_align_end_ins_code    ? 
_struct_ref_seq.pdbx_auth_seq_align_beg       56 
_struct_ref_seq.pdbx_auth_seq_align_end       212 
# 
loop_
_struct_ref_seq_dif.align_id 
_struct_ref_seq_dif.pdbx_pdb_id_code 
_struct_ref_seq_dif.mon_id 
_struct_ref_seq_dif.pdbx_pdb_strand_id 
_struct_ref_seq_dif.seq_num 
_struct_ref_seq_dif.pdbx_pdb_ins_code 
_struct_ref_seq_dif.pdbx_seq_db_name 
_struct_ref_seq_dif.pdbx_seq_db_accession_code 
_struct_ref_seq_dif.db_mon_id 
_struct_ref_seq_dif.pdbx_seq_db_seq_num 
_struct_ref_seq_dif.details 
_struct_ref_seq_dif.pdbx_auth_seq_num 
_struct_ref_seq_dif.pdbx_ordinal 
1 8WF7 SER A 1   ? UNP F2WR39 CYS 56  'engineered mutation' 56  1 
1 8WF7 ASP A 84  ? UNP F2WR39 PHE 139 'engineered mutation' 139 2 
1 8WF7 HIS A 130 ? UNP F2WR39 PHE 185 'engineered mutation' 185 3 
# 
loop_
_chem_comp.id 
_chem_comp.type 
_chem_comp.mon_nstd_flag 
_chem_comp.name 
_chem_comp.pdbx_synonyms 
_chem_comp.formula 
_chem_comp.formula_weight 
ACT non-polymer         . 'ACETATE ION'   ? 'C2 H3 O2 -1'    59.044  
ALA 'L-peptide linking' y ALANINE         ? 'C3 H7 N O2'     89.093  
ARG 'L-peptide linking' y ARGININE        ? 'C6 H15 N4 O2 1' 175.209 
ASN 'L-peptide linking' y ASPARAGINE      ? 'C4 H8 N2 O3'    132.118 
ASP 'L-peptide linking' y 'ASPARTIC ACID' ? 'C4 H7 N O4'     133.103 
CYS 'L-peptide linking' y CYSTEINE        ? 'C3 H7 N O2 S'   121.158 
GLN 'L-peptide linking' y GLUTAMINE       ? 'C5 H10 N2 O3'   146.144 
GLU 'L-peptide linking' y 'GLUTAMIC ACID' ? 'C5 H9 N O4'     147.129 
GLY 'peptide linking'   y GLYCINE         ? 'C2 H5 N O2'     75.067  
HIS 'L-peptide linking' y HISTIDINE       ? 'C6 H10 N3 O2 1' 156.162 
HOH non-polymer         . WATER           ? 'H2 O'           18.015  
ILE 'L-peptide linking' y ISOLEUCINE      ? 'C6 H13 N O2'    131.173 
LEU 'L-peptide linking' y LEUCINE         ? 'C6 H13 N O2'    131.173 
LYS 'L-peptide linking' y LYSINE          ? 'C6 H15 N2 O2 1' 147.195 
MET 'L-peptide linking' y METHIONINE      ? 'C5 H11 N O2 S'  149.211 
PHE 'L-peptide linking' y PHENYLALANINE   ? 'C9 H11 N O2'    165.189 
PRO 'L-peptide linking' y PROLINE         ? 'C5 H9 N O2'     115.130 
SER 'L-peptide linking' y SERINE          ? 'C3 H7 N O3'     105.093 
SO4 non-polymer         . 'SULFATE ION'   ? 'O4 S -2'        96.063  
THR 'L-peptide linking' y THREONINE       ? 'C4 H9 N O3'     119.119 
TRP 'L-peptide linking' y TRYPTOPHAN      ? 'C11 H12 N2 O2'  204.225 
TYR 'L-peptide linking' y TYROSINE        ? 'C9 H11 N O3'    181.189 
VAL 'L-peptide linking' y VALINE          ? 'C5 H11 N O2'    117.146 
# 
_exptl.absorpt_coefficient_mu     ? 
_exptl.absorpt_correction_T_max   ? 
_exptl.absorpt_correction_T_min   ? 
_exptl.absorpt_correction_type    ? 
_exptl.absorpt_process_details    ? 
_exptl.entry_id                   8WF7 
_exptl.crystals_number            1 
_exptl.details                    ? 
_exptl.method                     'X-RAY DIFFRACTION' 
_exptl.method_details             ? 
# 
_exptl_crystal.colour                       ? 
_exptl_crystal.density_diffrn               ? 
_exptl_crystal.density_Matthews             2.83 
_exptl_crystal.density_method               ? 
_exptl_crystal.density_percent_sol          56.53 
_exptl_crystal.description                  ? 
_exptl_crystal.F_000                        ? 
_exptl_crystal.id                           1 
_exptl_crystal.preparation                  ? 
_exptl_crystal.size_max                     ? 
_exptl_crystal.size_mid                     ? 
_exptl_crystal.size_min                     ? 
_exptl_crystal.size_rad                     ? 
_exptl_crystal.colour_lustre                ? 
_exptl_crystal.colour_modifier              ? 
_exptl_crystal.colour_primary               ? 
_exptl_crystal.density_meas                 ? 
_exptl_crystal.density_meas_esd             ? 
_exptl_crystal.density_meas_gt              ? 
_exptl_crystal.density_meas_lt              ? 
_exptl_crystal.density_meas_temp            ? 
_exptl_crystal.density_meas_temp_esd        ? 
_exptl_crystal.density_meas_temp_gt         ? 
_exptl_crystal.density_meas_temp_lt         ? 
_exptl_crystal.pdbx_crystal_image_url       ? 
_exptl_crystal.pdbx_crystal_image_format    ? 
_exptl_crystal.pdbx_mosaicity               ? 
_exptl_crystal.pdbx_mosaicity_esd           ? 
_exptl_crystal.pdbx_mosaic_method           ? 
_exptl_crystal.pdbx_mosaic_block_size       ? 
_exptl_crystal.pdbx_mosaic_block_size_esd   ? 
# 
_exptl_crystal_grow.apparatus       ? 
_exptl_crystal_grow.atmosphere      ? 
_exptl_crystal_grow.crystal_id      1 
_exptl_crystal_grow.details         ? 
_exptl_crystal_grow.method          'VAPOR DIFFUSION, SITTING DROP' 
_exptl_crystal_grow.method_ref      ? 
_exptl_crystal_grow.pH              ? 
_exptl_crystal_grow.pressure        ? 
_exptl_crystal_grow.pressure_esd    ? 
_exptl_crystal_grow.seeding         ? 
_exptl_crystal_grow.seeding_ref     ? 
_exptl_crystal_grow.temp_details    ? 
_exptl_crystal_grow.temp_esd        ? 
_exptl_crystal_grow.time            ? 
_exptl_crystal_grow.pdbx_details    '100mM sodium acetate at pH 5.3, 1.9M ammonium' 
_exptl_crystal_grow.pdbx_pH_range   ? 
_exptl_crystal_grow.temp            293 
# 
_diffrn.ambient_environment              ? 
_diffrn.ambient_temp                     100 
_diffrn.ambient_temp_details             ? 
_diffrn.ambient_temp_esd                 ? 
_diffrn.crystal_id                       1 
_diffrn.crystal_support                  ? 
_diffrn.crystal_treatment                ? 
_diffrn.details                          ? 
_diffrn.id                               1 
_diffrn.ambient_pressure                 ? 
_diffrn.ambient_pressure_esd             ? 
_diffrn.ambient_pressure_gt              ? 
_diffrn.ambient_pressure_lt              ? 
_diffrn.ambient_temp_gt                  ? 
_diffrn.ambient_temp_lt                  ? 
_diffrn.pdbx_serial_crystal_experiment   N 
# 
_diffrn_detector.details                      ? 
_diffrn_detector.detector                     PIXEL 
_diffrn_detector.diffrn_id                    1 
_diffrn_detector.type                         'DECTRIS EIGER X 9M' 
_diffrn_detector.area_resol_mean              ? 
_diffrn_detector.dtime                        ? 
_diffrn_detector.pdbx_frames_total            ? 
_diffrn_detector.pdbx_collection_time_total   ? 
_diffrn_detector.pdbx_collection_date         2022-12-21 
_diffrn_detector.pdbx_frequency               ? 
_diffrn_detector.id                           ? 
_diffrn_detector.number_of_axes               ? 
# 
_diffrn_radiation.collimation                      ? 
_diffrn_radiation.diffrn_id                        1 
_diffrn_radiation.filter_edge                      ? 
_diffrn_radiation.inhomogeneity                    ? 
_diffrn_radiation.monochromator                    ? 
_diffrn_radiation.polarisn_norm                    ? 
_diffrn_radiation.polarisn_ratio                   ? 
_diffrn_radiation.probe                            ? 
_diffrn_radiation.type                             ? 
_diffrn_radiation.xray_symbol                      ? 
_diffrn_radiation.wavelength_id                    1 
_diffrn_radiation.pdbx_monochromatic_or_laue_m_l   M 
_diffrn_radiation.pdbx_wavelength_list             ? 
_diffrn_radiation.pdbx_wavelength                  ? 
_diffrn_radiation.pdbx_diffrn_protocol             'SINGLE WAVELENGTH' 
_diffrn_radiation.pdbx_analyzer                    ? 
_diffrn_radiation.pdbx_scattering_type             x-ray 
# 
_diffrn_radiation_wavelength.id           1 
_diffrn_radiation_wavelength.wavelength   0.953743 
_diffrn_radiation_wavelength.wt           1.0 
# 
_diffrn_source.current                     ? 
_diffrn_source.details                     ? 
_diffrn_source.diffrn_id                   1 
_diffrn_source.power                       ? 
_diffrn_source.size                        ? 
_diffrn_source.source                      SYNCHROTRON 
_diffrn_source.target                      ? 
_diffrn_source.type                        'CLSI BEAMLINE 08ID-1' 
_diffrn_source.voltage                     ? 
_diffrn_source.take-off_angle              ? 
_diffrn_source.pdbx_wavelength_list        0.953743 
_diffrn_source.pdbx_wavelength             ? 
_diffrn_source.pdbx_synchrotron_beamline   08ID-1 
_diffrn_source.pdbx_synchrotron_site       CLSI 
# 
_reflns.B_iso_Wilson_estimate                          ? 
_reflns.entry_id                                       8WF7 
_reflns.data_reduction_details                         ? 
_reflns.data_reduction_method                          ? 
_reflns.d_resolution_high                              1.55 
_reflns.d_resolution_low                               45.306 
_reflns.details                                        ? 
_reflns.limit_h_max                                    ? 
_reflns.limit_h_min                                    ? 
_reflns.limit_k_max                                    ? 
_reflns.limit_k_min                                    ? 
_reflns.limit_l_max                                    ? 
_reflns.limit_l_min                                    ? 
_reflns.number_all                                     ? 
_reflns.number_obs                                     28716 
_reflns.observed_criterion                             ? 
_reflns.observed_criterion_F_max                       ? 
_reflns.observed_criterion_F_min                       ? 
_reflns.observed_criterion_I_max                       ? 
_reflns.observed_criterion_I_min                       ? 
_reflns.observed_criterion_sigma_F                     ? 
_reflns.observed_criterion_sigma_I                     ? 
_reflns.percent_possible_obs                           100 
_reflns.R_free_details                                 ? 
_reflns.Rmerge_F_all                                   ? 
_reflns.Rmerge_F_obs                                   ? 
_reflns.Friedel_coverage                               ? 
_reflns.number_gt                                      ? 
_reflns.threshold_expression                           ? 
_reflns.pdbx_redundancy                                15.1 
_reflns.pdbx_netI_over_av_sigmaI                       ? 
_reflns.pdbx_netI_over_sigmaI                          19.1 
_reflns.pdbx_res_netI_over_av_sigmaI_2                 ? 
_reflns.pdbx_res_netI_over_sigmaI_2                    ? 
_reflns.pdbx_chi_squared                               ? 
_reflns.pdbx_scaling_rejects                           ? 
_reflns.pdbx_d_res_high_opt                            ? 
_reflns.pdbx_d_res_low_opt                             ? 
_reflns.pdbx_d_res_opt_method                          ? 
_reflns.phase_calculation_details                      ? 
_reflns.pdbx_Rrim_I_all                                ? 
_reflns.pdbx_Rpim_I_all                                ? 
_reflns.pdbx_d_opt                                     ? 
_reflns.pdbx_number_measured_all                       ? 
_reflns.pdbx_diffrn_id                                 1 
_reflns.pdbx_ordinal                                   1 
_reflns.pdbx_CC_half                                   ? 
_reflns.pdbx_CC_star                                   ? 
_reflns.pdbx_R_split                                   ? 
_reflns.pdbx_Rmerge_I_obs                              0.08 
_reflns.pdbx_Rmerge_I_all                              ? 
_reflns.pdbx_Rsym_value                                ? 
_reflns.pdbx_CC_split_method                           ? 
_reflns.pdbx_aniso_diffraction_limit_axis_1_ortho[1]   ? 
_reflns.pdbx_aniso_diffraction_limit_axis_1_ortho[2]   ? 
_reflns.pdbx_aniso_diffraction_limit_axis_1_ortho[3]   ? 
_reflns.pdbx_aniso_diffraction_limit_axis_2_ortho[1]   ? 
_reflns.pdbx_aniso_diffraction_limit_axis_2_ortho[2]   ? 
_reflns.pdbx_aniso_diffraction_limit_axis_2_ortho[3]   ? 
_reflns.pdbx_aniso_diffraction_limit_axis_3_ortho[1]   ? 
_reflns.pdbx_aniso_diffraction_limit_axis_3_ortho[2]   ? 
_reflns.pdbx_aniso_diffraction_limit_axis_3_ortho[3]   ? 
_reflns.pdbx_aniso_diffraction_limit_1                 ? 
_reflns.pdbx_aniso_diffraction_limit_2                 ? 
_reflns.pdbx_aniso_diffraction_limit_3                 ? 
_reflns.pdbx_aniso_B_tensor_eigenvector_1_ortho[1]     ? 
_reflns.pdbx_aniso_B_tensor_eigenvector_1_ortho[2]     ? 
_reflns.pdbx_aniso_B_tensor_eigenvector_1_ortho[3]     ? 
_reflns.pdbx_aniso_B_tensor_eigenvector_2_ortho[1]     ? 
_reflns.pdbx_aniso_B_tensor_eigenvector_2_ortho[2]     ? 
_reflns.pdbx_aniso_B_tensor_eigenvector_2_ortho[3]     ? 
_reflns.pdbx_aniso_B_tensor_eigenvector_3_ortho[1]     ? 
_reflns.pdbx_aniso_B_tensor_eigenvector_3_ortho[2]     ? 
_reflns.pdbx_aniso_B_tensor_eigenvector_3_ortho[3]     ? 
_reflns.pdbx_aniso_B_tensor_eigenvalue_1               ? 
_reflns.pdbx_aniso_B_tensor_eigenvalue_2               ? 
_reflns.pdbx_aniso_B_tensor_eigenvalue_3               ? 
_reflns.pdbx_orthogonalization_convention              ? 
_reflns.pdbx_percent_possible_ellipsoidal              ? 
_reflns.pdbx_percent_possible_spherical                ? 
_reflns.pdbx_percent_possible_ellipsoidal_anomalous    ? 
_reflns.pdbx_percent_possible_spherical_anomalous      ? 
_reflns.pdbx_redundancy_anomalous                      ? 
_reflns.pdbx_CC_half_anomalous                         ? 
_reflns.pdbx_absDiff_over_sigma_anomalous              ? 
_reflns.pdbx_percent_possible_anomalous                ? 
_reflns.pdbx_observed_signal_threshold                 ? 
_reflns.pdbx_signal_type                               ? 
_reflns.pdbx_signal_details                            ? 
_reflns.pdbx_signal_software_id                        ? 
# 
_reflns_shell.d_res_high                                    1.55 
_reflns_shell.d_res_low                                     1.58 
_reflns_shell.meanI_over_sigI_all                           ? 
_reflns_shell.meanI_over_sigI_obs                           3.2 
_reflns_shell.number_measured_all                           ? 
_reflns_shell.number_measured_obs                           ? 
_reflns_shell.number_possible                               ? 
_reflns_shell.number_unique_all                             ? 
_reflns_shell.number_unique_obs                             2019 
_reflns_shell.percent_possible_obs                          ? 
_reflns_shell.Rmerge_F_all                                  ? 
_reflns_shell.Rmerge_F_obs                                  ? 
_reflns_shell.meanI_over_sigI_gt                            ? 
_reflns_shell.meanI_over_uI_all                             ? 
_reflns_shell.meanI_over_uI_gt                              ? 
_reflns_shell.number_measured_gt                            ? 
_reflns_shell.number_unique_gt                              ? 
_reflns_shell.percent_possible_gt                           ? 
_reflns_shell.Rmerge_F_gt                                   ? 
_reflns_shell.Rmerge_I_gt                                   ? 
_reflns_shell.pdbx_redundancy                               ? 
_reflns_shell.pdbx_chi_squared                              ? 
_reflns_shell.pdbx_netI_over_sigmaI_all                     ? 
_reflns_shell.pdbx_netI_over_sigmaI_obs                     ? 
_reflns_shell.pdbx_Rrim_I_all                               ? 
_reflns_shell.pdbx_Rpim_I_all                               ? 
_reflns_shell.pdbx_rejects                                  ? 
_reflns_shell.pdbx_ordinal                                  1 
_reflns_shell.pdbx_diffrn_id                                1 
_reflns_shell.pdbx_CC_half                                  ? 
_reflns_shell.pdbx_CC_star                                  ? 
_reflns_shell.pdbx_R_split                                  ? 
_reflns_shell.percent_possible_all                          100 
_reflns_shell.Rmerge_I_all                                  ? 
_reflns_shell.Rmerge_I_obs                                  0.853 
_reflns_shell.pdbx_Rsym_value                               ? 
_reflns_shell.pdbx_percent_possible_ellipsoidal             ? 
_reflns_shell.pdbx_percent_possible_spherical               ? 
_reflns_shell.pdbx_percent_possible_ellipsoidal_anomalous   ? 
_reflns_shell.pdbx_percent_possible_spherical_anomalous     ? 
_reflns_shell.pdbx_redundancy_anomalous                     ? 
_reflns_shell.pdbx_CC_half_anomalous                        ? 
_reflns_shell.pdbx_absDiff_over_sigma_anomalous             ? 
_reflns_shell.pdbx_percent_possible_anomalous               ? 
# 
_refine.aniso_B[1][1]                            0.086 
_refine.aniso_B[1][2]                            0.043 
_refine.aniso_B[1][3]                            0.000 
_refine.aniso_B[2][2]                            0.086 
_refine.aniso_B[2][3]                            -0.000 
_refine.aniso_B[3][3]                            -0.278 
_refine.B_iso_max                                ? 
_refine.B_iso_mean                               25.388 
_refine.B_iso_min                                ? 
_refine.correlation_coeff_Fo_to_Fc               0.964 
_refine.correlation_coeff_Fo_to_Fc_free          0.956 
_refine.details                                  'Hydrogens have been added in their riding positions' 
_refine.diff_density_max                         ? 
_refine.diff_density_max_esd                     ? 
_refine.diff_density_min                         ? 
_refine.diff_density_min_esd                     ? 
_refine.diff_density_rms                         ? 
_refine.diff_density_rms_esd                     ? 
_refine.entry_id                                 8WF7 
_refine.pdbx_refine_id                           'X-RAY DIFFRACTION' 
_refine.ls_abs_structure_details                 ? 
_refine.ls_abs_structure_Flack                   ? 
_refine.ls_abs_structure_Flack_esd               ? 
_refine.ls_abs_structure_Rogers                  ? 
_refine.ls_abs_structure_Rogers_esd              ? 
_refine.ls_d_res_high                            1.550 
_refine.ls_d_res_low                             45.306 
_refine.ls_extinction_coef                       ? 
_refine.ls_extinction_coef_esd                   ? 
_refine.ls_extinction_expression                 ? 
_refine.ls_extinction_method                     ? 
_refine.ls_goodness_of_fit_all                   ? 
_refine.ls_goodness_of_fit_all_esd               ? 
_refine.ls_goodness_of_fit_obs                   ? 
_refine.ls_goodness_of_fit_obs_esd               ? 
_refine.ls_hydrogen_treatment                    ? 
_refine.ls_matrix_type                           ? 
_refine.ls_number_constraints                    ? 
_refine.ls_number_parameters                     ? 
_refine.ls_number_reflns_all                     ? 
_refine.ls_number_reflns_obs                     28716 
_refine.ls_number_reflns_R_free                  1449 
_refine.ls_number_reflns_R_work                  27267 
_refine.ls_number_restraints                     ? 
_refine.ls_percent_reflns_obs                    99.979 
_refine.ls_percent_reflns_R_free                 5.046 
_refine.ls_R_factor_all                          0.177 
_refine.ls_R_factor_obs                          ? 
_refine.ls_R_factor_R_free                       0.1986 
_refine.ls_R_factor_R_free_error                 ? 
_refine.ls_R_factor_R_free_error_details         ? 
_refine.ls_R_factor_R_work                       0.1761 
_refine.ls_R_Fsqd_factor_obs                     ? 
_refine.ls_R_I_factor_obs                        ? 
_refine.ls_redundancy_reflns_all                 ? 
_refine.ls_redundancy_reflns_obs                 ? 
_refine.ls_restrained_S_all                      ? 
_refine.ls_restrained_S_obs                      ? 
_refine.ls_shift_over_esd_max                    ? 
_refine.ls_shift_over_esd_mean                   ? 
_refine.ls_structure_factor_coef                 ? 
_refine.ls_weighting_details                     ? 
_refine.ls_weighting_scheme                      ? 
_refine.ls_wR_factor_all                         ? 
_refine.ls_wR_factor_obs                         ? 
_refine.ls_wR_factor_R_free                      ? 
_refine.ls_wR_factor_R_work                      ? 
_refine.occupancy_max                            ? 
_refine.occupancy_min                            ? 
_refine.solvent_model_details                    'MASK BULK SOLVENT' 
_refine.solvent_model_param_bsol                 ? 
_refine.solvent_model_param_ksol                 ? 
_refine.pdbx_R_complete                          ? 
_refine.ls_R_factor_gt                           ? 
_refine.ls_goodness_of_fit_gt                    ? 
_refine.ls_goodness_of_fit_ref                   ? 
_refine.ls_shift_over_su_max                     ? 
_refine.ls_shift_over_su_max_lt                  ? 
_refine.ls_shift_over_su_mean                    ? 
_refine.ls_shift_over_su_mean_lt                 ? 
_refine.pdbx_ls_sigma_I                          ? 
_refine.pdbx_ls_sigma_F                          ? 
_refine.pdbx_ls_sigma_Fsqd                       ? 
_refine.pdbx_data_cutoff_high_absF               ? 
_refine.pdbx_data_cutoff_high_rms_absF           ? 
_refine.pdbx_data_cutoff_low_absF                ? 
_refine.pdbx_isotropic_thermal_model             ? 
_refine.pdbx_ls_cross_valid_method               'FREE R-VALUE' 
_refine.pdbx_method_to_determine_struct          'MOLECULAR REPLACEMENT' 
_refine.pdbx_starting_model                      ? 
_refine.pdbx_stereochemistry_target_values       ? 
_refine.pdbx_R_Free_selection_details            ? 
_refine.pdbx_stereochem_target_val_spec_case     ? 
_refine.pdbx_overall_ESU_R                       0.070 
_refine.pdbx_overall_ESU_R_Free                  0.071 
_refine.pdbx_solvent_vdw_probe_radii             1.200 
_refine.pdbx_solvent_ion_probe_radii             0.800 
_refine.pdbx_solvent_shrinkage_radii             0.800 
_refine.pdbx_real_space_R                        ? 
_refine.pdbx_density_correlation                 ? 
_refine.pdbx_pd_number_of_powder_patterns        ? 
_refine.pdbx_pd_number_of_points                 ? 
_refine.pdbx_pd_meas_number_of_points            ? 
_refine.pdbx_pd_proc_ls_prof_R_factor            ? 
_refine.pdbx_pd_proc_ls_prof_wR_factor           ? 
_refine.pdbx_pd_Marquardt_correlation_coeff      ? 
_refine.pdbx_pd_Fsqrd_R_factor                   ? 
_refine.pdbx_pd_ls_matrix_band_width             ? 
_refine.pdbx_overall_phase_error                 ? 
_refine.pdbx_overall_SU_R_free_Cruickshank_DPI   ? 
_refine.pdbx_overall_SU_R_free_Blow_DPI          ? 
_refine.pdbx_overall_SU_R_Blow_DPI               ? 
_refine.pdbx_TLS_residual_ADP_flag               ? 
_refine.pdbx_diffrn_id                           1 
_refine.overall_SU_B                             1.062 
_refine.overall_SU_ML                            0.039 
_refine.overall_SU_R_Cruickshank_DPI             ? 
_refine.overall_SU_R_free                        ? 
_refine.overall_FOM_free_R_set                   ? 
_refine.overall_FOM_work_R_set                   ? 
_refine.pdbx_average_fsc_overall                 ? 
_refine.pdbx_average_fsc_work                    ? 
_refine.pdbx_average_fsc_free                    ? 
# 
_refine_hist.pdbx_refine_id                   'X-RAY DIFFRACTION' 
_refine_hist.cycle_id                         LAST 
_refine_hist.pdbx_number_atoms_protein        1179 
_refine_hist.pdbx_number_atoms_nucleic_acid   0 
_refine_hist.pdbx_number_atoms_ligand         34 
_refine_hist.number_atoms_solvent             137 
_refine_hist.number_atoms_total               1350 
_refine_hist.d_res_high                       1.550 
_refine_hist.d_res_low                        45.306 
# 
loop_
_refine_ls_restr.pdbx_refine_id 
_refine_ls_restr.criterion 
_refine_ls_restr.dev_ideal 
_refine_ls_restr.dev_ideal_target 
_refine_ls_restr.number 
_refine_ls_restr.rejects 
_refine_ls_restr.type 
_refine_ls_restr.weight 
_refine_ls_restr.pdbx_restraint_function 
'X-RAY DIFFRACTION' ? 0.005  0.012  1273 ? r_bond_refined_d               ? ? 
'X-RAY DIFFRACTION' ? 0.001  0.016  1178 ? r_bond_other_d                 ? ? 
'X-RAY DIFFRACTION' ? 1.219  1.643  1737 ? r_angle_refined_deg            ? ? 
'X-RAY DIFFRACTION' ? 0.419  1.572  2756 ? r_angle_other_deg              ? ? 
'X-RAY DIFFRACTION' ? 5.803  5.000  164  ? r_dihedral_angle_1_deg         ? ? 
'X-RAY DIFFRACTION' ? 6.150  5.000  4    ? r_dihedral_angle_2_deg         ? ? 
'X-RAY DIFFRACTION' ? 11.426 10.000 225  ? r_dihedral_angle_3_deg         ? ? 
'X-RAY DIFFRACTION' ? 15.672 10.000 53   ? r_dihedral_angle_6_deg         ? ? 
'X-RAY DIFFRACTION' ? 0.057  0.200  200  ? r_chiral_restr                 ? ? 
'X-RAY DIFFRACTION' ? 0.007  0.020  1401 ? r_gen_planes_refined           ? ? 
'X-RAY DIFFRACTION' ? 0.001  0.020  231  ? r_gen_planes_other             ? ? 
'X-RAY DIFFRACTION' ? 0.235  0.200  249  ? r_nbd_refined                  ? ? 
'X-RAY DIFFRACTION' ? 0.173  0.200  1006 ? r_symmetry_nbd_other           ? ? 
'X-RAY DIFFRACTION' ? 0.180  0.200  605  ? r_nbtor_refined                ? ? 
'X-RAY DIFFRACTION' ? 0.073  0.200  652  ? r_symmetry_nbtor_other         ? ? 
'X-RAY DIFFRACTION' ? 0.165  0.200  92   ? r_xyhbond_nbd_refined          ? ? 
'X-RAY DIFFRACTION' ? 0.036  0.200  1    ? r_symmetry_xyhbond_nbd_other   ? ? 
'X-RAY DIFFRACTION' ? 0.170  0.200  29   ? r_symmetry_nbd_refined         ? ? 
'X-RAY DIFFRACTION' ? 0.209  0.200  107  ? r_nbd_other                    ? ? 
'X-RAY DIFFRACTION' ? 0.159  0.200  29   ? r_symmetry_xyhbond_nbd_refined ? ? 
'X-RAY DIFFRACTION' ? 1.907  2.531  621  ? r_mcbond_it                    ? ? 
'X-RAY DIFFRACTION' ? 1.908  2.529  620  ? r_mcbond_other                 ? ? 
'X-RAY DIFFRACTION' ? 3.057  3.770  775  ? r_mcangle_it                   ? ? 
'X-RAY DIFFRACTION' ? 3.055  3.779  776  ? r_mcangle_other                ? ? 
'X-RAY DIFFRACTION' ? 2.766  2.968  652  ? r_scbond_it                    ? ? 
'X-RAY DIFFRACTION' ? 2.764  2.969  653  ? r_scbond_other                 ? ? 
'X-RAY DIFFRACTION' ? 4.329  4.298  955  ? r_scangle_it                   ? ? 
'X-RAY DIFFRACTION' ? 4.326  4.300  956  ? r_scangle_other                ? ? 
'X-RAY DIFFRACTION' ? 6.611  43.319 1499 ? r_lrange_it                    ? ? 
'X-RAY DIFFRACTION' ? 6.395  38.657 1455 ? r_lrange_other                 ? ? 
# 
loop_
_refine_ls_shell.pdbx_refine_id 
_refine_ls_shell.d_res_high 
_refine_ls_shell.d_res_low 
_refine_ls_shell.number_reflns_all 
_refine_ls_shell.number_reflns_obs 
_refine_ls_shell.number_reflns_R_free 
_refine_ls_shell.number_reflns_R_work 
_refine_ls_shell.percent_reflns_obs 
_refine_ls_shell.percent_reflns_R_free 
_refine_ls_shell.R_factor_all 
_refine_ls_shell.R_factor_obs 
_refine_ls_shell.R_factor_R_free_error 
_refine_ls_shell.R_factor_R_work 
_refine_ls_shell.redundancy_reflns_all 
_refine_ls_shell.redundancy_reflns_obs 
_refine_ls_shell.wR_factor_all 
_refine_ls_shell.wR_factor_obs 
_refine_ls_shell.wR_factor_R_free 
_refine_ls_shell.wR_factor_R_work 
_refine_ls_shell.pdbx_R_complete 
_refine_ls_shell.pdbx_total_number_of_bins_used 
_refine_ls_shell.pdbx_phase_error 
_refine_ls_shell.pdbx_fsc_work 
_refine_ls_shell.pdbx_fsc_free 
_refine_ls_shell.R_factor_R_free 
'X-RAY DIFFRACTION' 1.550 1.590  2106 . 85  2019 99.9050  . 0.251 . . 0.251 . . . . . 0.251 . 20 . 0.970 0.960 0.272 
'X-RAY DIFFRACTION' 1.590 1.634  2049 . 116 1933 100.0000 . 0.216 . . 0.216 . . . . . 0.216 . 20 . 0.976 0.971 0.218 
'X-RAY DIFFRACTION' 1.634 1.681  1969 . 112 1857 100.0000 . 0.205 . . 0.206 . . . . . 0.206 . 20 . 0.977 0.982 0.184 
'X-RAY DIFFRACTION' 1.681 1.733  1935 . 97  1838 100.0000 . 0.199 . . 0.197 . . . . . 0.197 . 20 . 0.977 0.963 0.261 
'X-RAY DIFFRACTION' 1.733 1.790  1851 . 88  1763 100.0000 . 0.186 . . 0.184 . . . . . 0.184 . 20 . 0.980 0.967 0.227 
'X-RAY DIFFRACTION' 1.790 1.852  1822 . 99  1723 100.0000 . 0.174 . . 0.173 . . . . . 0.173 . 20 . 0.981 0.976 0.197 
'X-RAY DIFFRACTION' 1.852 1.922  1778 . 103 1675 100.0000 . 0.174 . . 0.173 . . . . . 0.173 . 20 . 0.982 0.978 0.190 
'X-RAY DIFFRACTION' 1.922 2.000  1661 . 80  1581 100.0000 . 0.165 . . 0.164 . . . . . 0.164 . 20 . 0.984 0.977 0.188 
'X-RAY DIFFRACTION' 2.000 2.089  1638 . 99  1537 99.8779  . 0.166 . . 0.165 . . . . . 0.165 . 20 . 0.984 0.976 0.197 
'X-RAY DIFFRACTION' 2.089 2.191  1539 . 92  1447 100.0000 . 0.167 . . 0.166 . . . . . 0.166 . 20 . 0.984 0.980 0.187 
'X-RAY DIFFRACTION' 2.191 2.309  1495 . 78  1417 100.0000 . 0.161 . . 0.160 . . . . . 0.160 . 20 . 0.985 0.980 0.186 
'X-RAY DIFFRACTION' 2.309 2.449  1410 . 71  1339 100.0000 . 0.170 . . 0.169 . . . . . 0.169 . 20 . 0.983 0.982 0.177 
'X-RAY DIFFRACTION' 2.449 2.617  1327 . 77  1250 100.0000 . 0.152 . . 0.150 . . . . . 0.150 . 20 . 0.986 0.981 0.192 
'X-RAY DIFFRACTION' 2.617 2.826  1215 . 56  1159 100.0000 . 0.157 . . 0.158 . . . . . 0.158 . 20 . 0.984 0.988 0.139 
'X-RAY DIFFRACTION' 2.826 3.095  1145 . 35  1110 100.0000 . 0.159 . . 0.159 . . . . . 0.159 . 20 . 0.984 0.988 0.159 
'X-RAY DIFFRACTION' 3.095 3.458  1042 . 33  1009 100.0000 . 0.172 . . 0.171 . . . . . 0.171 . 20 . 0.982 0.972 0.200 
'X-RAY DIFFRACTION' 3.458 3.989  933  . 45  887  99.8928  . 0.158 . . 0.155 . . . . . 0.155 . 20 . 0.984 0.975 0.208 
'X-RAY DIFFRACTION' 3.989 4.876  795  . 43  752  100.0000 . 0.169 . . 0.166 . . . . . 0.166 . 20 . 0.983 0.970 0.221 
'X-RAY DIFFRACTION' 4.876 6.856  630  . 34  596  100.0000 . 0.250 . . 0.250 . . . . . 0.250 . 20 . 0.966 0.971 0.253 
'X-RAY DIFFRACTION' 6.856 45.306 381  . 6   375  100.0000 . 0.239 . . 0.239 . . . . . 0.239 . 20 . 0.969 0.977 0.231 
# 
_struct.entry_id                     8WF7 
_struct.title                        'The Crystal Structure of integrase from Biortus' 
_struct.pdbx_model_details           ? 
_struct.pdbx_formula_weight          ? 
_struct.pdbx_formula_weight_method   ? 
_struct.pdbx_model_type_details      ? 
_struct.pdbx_CASP_flag               N 
# 
_struct_keywords.entry_id        8WF7 
_struct_keywords.text            'Endonuclease, DNA integration, Metal-binding, TRANSFERASE' 
_struct_keywords.pdbx_keywords   TRANSFERASE 
# 
loop_
_struct_asym.id 
_struct_asym.pdbx_blank_PDB_chainid_flag 
_struct_asym.pdbx_modified 
_struct_asym.entity_id 
_struct_asym.details 
A N N 1 ? 
B N N 2 ? 
C N N 2 ? 
D N N 2 ? 
E N N 2 ? 
F N N 2 ? 
G N N 2 ? 
H N N 3 ? 
I N N 4 ? 
# 
loop_
_struct_conf.conf_type_id 
_struct_conf.id 
_struct_conf.pdbx_PDB_helix_id 
_struct_conf.beg_label_comp_id 
_struct_conf.beg_label_asym_id 
_struct_conf.beg_label_seq_id 
_struct_conf.pdbx_beg_PDB_ins_code 
_struct_conf.end_label_comp_id 
_struct_conf.end_label_asym_id 
_struct_conf.end_label_seq_id 
_struct_conf.pdbx_end_PDB_ins_code 
_struct_conf.beg_auth_comp_id 
_struct_conf.beg_auth_asym_id 
_struct_conf.beg_auth_seq_id 
_struct_conf.end_auth_comp_id 
_struct_conf.end_auth_asym_id 
_struct_conf.end_auth_seq_id 
_struct_conf.pdbx_PDB_helix_class 
_struct_conf.details 
_struct_conf.pdbx_PDB_helix_length 
HELX_P HELX_P1 AA1 THR A 38  ? TRP A 53  ? THR A 93  TRP A 108 1 ? 16 
HELX_P HELX_P2 AA2 ASN A 62  ? SER A 68  ? ASN A 117 SER A 123 1 ? 7  
HELX_P HELX_P3 AA3 SER A 68  ? GLY A 79  ? SER A 123 GLY A 134 1 ? 12 
HELX_P HELX_P4 AA4 PRO A 90  ? ARG A 111 ? PRO A 145 ARG A 166 1 ? 22 
HELX_P HELX_P5 AA5 ASP A 112 ? ALA A 114 ? ASP A 167 ALA A 169 5 ? 3  
HELX_P HELX_P6 AA6 HIS A 116 ? LYS A 131 ? HIS A 171 LYS A 186 1 ? 16 
HELX_P HELX_P7 AA7 SER A 140 ? LYS A 156 ? SER A 195 LYS A 211 1 ? 17 
# 
_struct_conf_type.id          HELX_P 
_struct_conf_type.criteria    ? 
_struct_conf_type.reference   ? 
# 
_struct_sheet.id               AA1 
_struct_sheet.type             ? 
_struct_sheet.number_strands   5 
_struct_sheet.details          ? 
# 
loop_
_struct_sheet_order.sheet_id 
_struct_sheet_order.range_id_1 
_struct_sheet_order.range_id_2 
_struct_sheet_order.offset 
_struct_sheet_order.sense 
AA1 1 2 ? anti-parallel 
AA1 2 3 ? anti-parallel 
AA1 3 4 ? parallel      
AA1 4 5 ? parallel      
# 
loop_
_struct_sheet_range.sheet_id 
_struct_sheet_range.id 
_struct_sheet_range.beg_label_comp_id 
_struct_sheet_range.beg_label_asym_id 
_struct_sheet_range.beg_label_seq_id 
_struct_sheet_range.pdbx_beg_PDB_ins_code 
_struct_sheet_range.end_label_comp_id 
_struct_sheet_range.end_label_asym_id 
_struct_sheet_range.end_label_seq_id 
_struct_sheet_range.pdbx_end_PDB_ins_code 
_struct_sheet_range.beg_auth_comp_id 
_struct_sheet_range.beg_auth_asym_id 
_struct_sheet_range.beg_auth_seq_id 
_struct_sheet_range.end_auth_comp_id 
_struct_sheet_range.end_auth_asym_id 
_struct_sheet_range.end_auth_seq_id 
AA1 1 ILE A 29 ? ILE A 34 ? ILE A 84  ILE A 89  
AA1 2 LYS A 16 ? HIS A 23 ? LYS A 71  HIS A 78  
AA1 3 ILE A 5  ? LEU A 13 ? ILE A 60  LEU A 68  
AA1 4 THR A 57 ? HIS A 59 ? THR A 112 HIS A 114 
AA1 5 LYS A 81 ? GLU A 83 ? LYS A 136 GLU A 138 
# 
loop_
_pdbx_struct_sheet_hbond.sheet_id 
_pdbx_struct_sheet_hbond.range_id_1 
_pdbx_struct_sheet_hbond.range_id_2 
_pdbx_struct_sheet_hbond.range_1_label_atom_id 
_pdbx_struct_sheet_hbond.range_1_label_comp_id 
_pdbx_struct_sheet_hbond.range_1_label_asym_id 
_pdbx_struct_sheet_hbond.range_1_label_seq_id 
_pdbx_struct_sheet_hbond.range_1_PDB_ins_code 
_pdbx_struct_sheet_hbond.range_1_auth_atom_id 
_pdbx_struct_sheet_hbond.range_1_auth_comp_id 
_pdbx_struct_sheet_hbond.range_1_auth_asym_id 
_pdbx_struct_sheet_hbond.range_1_auth_seq_id 
_pdbx_struct_sheet_hbond.range_2_label_atom_id 
_pdbx_struct_sheet_hbond.range_2_label_comp_id 
_pdbx_struct_sheet_hbond.range_2_label_asym_id 
_pdbx_struct_sheet_hbond.range_2_label_seq_id 
_pdbx_struct_sheet_hbond.range_2_PDB_ins_code 
_pdbx_struct_sheet_hbond.range_2_auth_atom_id 
_pdbx_struct_sheet_hbond.range_2_auth_comp_id 
_pdbx_struct_sheet_hbond.range_2_auth_asym_id 
_pdbx_struct_sheet_hbond.range_2_auth_seq_id 
AA1 1 2 O GLU A 30 ? O GLU A 85  N ALA A 21 ? N ALA A 76  
AA1 2 3 O VAL A 20 ? O VAL A 75  N ASP A 9  ? N ASP A 64  
AA1 3 4 N LEU A 8  ? N LEU A 63  O HIS A 59 ? O HIS A 114 
AA1 4 5 N VAL A 58 ? N VAL A 113 O GLU A 83 ? O GLU A 138 
# 
_atom_sites.entry_id                    8WF7 
_atom_sites.Cartn_transf_matrix[1][1]   ? 
_atom_sites.Cartn_transf_matrix[1][2]   ? 
_atom_sites.Cartn_transf_matrix[1][3]   ? 
_atom_sites.Cartn_transf_matrix[2][1]   ? 
_atom_sites.Cartn_transf_matrix[2][2]   ? 
_atom_sites.Cartn_transf_matrix[2][3]   ? 
_atom_sites.Cartn_transf_matrix[3][1]   ? 
_atom_sites.Cartn_transf_matrix[3][2]   ? 
_atom_sites.Cartn_transf_matrix[3][3]   ? 
_atom_sites.Cartn_transf_vector[1]      ? 
_atom_sites.Cartn_transf_vector[2]      ? 
_atom_sites.Cartn_transf_vector[3]      ? 
_atom_sites.Cartn_transform_axes        ? 
_atom_sites.fract_transf_matrix[1][1]   0.01004600 
_atom_sites.fract_transf_matrix[1][2]   -0.00863823 
_atom_sites.fract_transf_matrix[1][3]   0.00942114 
_atom_sites.fract_transf_matrix[2][1]   -0.00042076 
_atom_sites.fract_transf_matrix[2][2]   -0.01624612 
_atom_sites.fract_transf_matrix[2][3]   -0.00042008 
_atom_sites.fract_transf_matrix[3][1]   0.01024047 
_atom_sites.fract_transf_matrix[3][2]   0.00001674 
_atom_sites.fract_transf_matrix[3][3]   -0.01090432 
_atom_sites.fract_transf_vector[1]      0.476049 
_atom_sites.fract_transf_vector[2]      0.585421 
_atom_sites.fract_transf_vector[3]      -0.123397 
_atom_sites.solution_primary            ? 
_atom_sites.solution_secondary          ? 
_atom_sites.solution_hydrogens          ? 
_atom_sites.special_details             ? 
# 
loop_
_atom_type.symbol 
_atom_type.pdbx_scat_Z 
_atom_type.pdbx_N_electrons 
_atom_type.scat_Cromer_Mann_a1 
_atom_type.scat_Cromer_Mann_b1 
_atom_type.scat_Cromer_Mann_a2 
_atom_type.scat_Cromer_Mann_b2 
_atom_type.scat_Cromer_Mann_a3 
_atom_type.scat_Cromer_Mann_b3 
_atom_type.scat_Cromer_Mann_a4 
_atom_type.scat_Cromer_Mann_b4 
_atom_type.scat_Cromer_Mann_c 
C 6  6  2.310  20.844 1.020 10.208 1.589 0.569  0.865 51.651 0.216   
H 1  1  0.493  10.511 0.323 26.126 0.140 3.142  0.041 57.800 0.003   
N 7  7  12.222 0.006  3.135 9.893  2.014 28.997 1.167 0.583  -11.538 
O 8  8  3.049  13.277 2.287 5.701  1.546 0.324  0.867 32.909 0.251   
S 16 16 6.905  1.468  5.203 22.215 1.438 0.254  1.586 56.172 1.042   
# 
loop_
_atom_site.group_PDB 
_atom_site.id 
_atom_site.type_symbol 
_atom_site.label_atom_id 
_atom_site.label_alt_id 
_atom_site.label_comp_id 
_atom_site.label_asym_id 
_atom_site.label_entity_id 
_atom_site.label_seq_id 
_atom_site.pdbx_PDB_ins_code 
_atom_site.Cartn_x 
_atom_site.Cartn_y 
_atom_site.Cartn_z 
_atom_site.occupancy 
_atom_site.B_iso_or_equiv 
_atom_site.pdbx_formal_charge 
_atom_site.auth_seq_id 
_atom_site.auth_comp_id 
_atom_site.auth_asym_id 
_atom_site.auth_atom_id 
_atom_site.pdbx_PDB_model_num 
_atom_site.calc_flag 
ATOM   1    N N   . SER A 1 2   ? 2.761   -15.810 0.088   1.000 40.096 0 57  SER A N   1 ? 
ATOM   2    C CA  . SER A 1 2   ? 2.285   -14.590 -0.621  1.000 36.592 0 57  SER A CA  1 ? 
ATOM   3    C C   . SER A 1 2   ? 3.377   -13.527 -0.659  1.000 33.348 0 57  SER A C   1 ? 
ATOM   4    O O   . SER A 1 2   ? 3.135   -12.376 -0.306  1.000 33.327 0 57  SER A O   1 ? 
ATOM   5    C CB  . SER A 1 2   ? 1.050   -14.036 0.043   1.000 38.715 0 57  SER A CB  1 ? 
ATOM   6    O OG  . SER A 1 2   ? 0.017   -15.003 0.100   1.000 38.508 0 57  SER A OG  1 ? 
ATOM   7    N N   . PRO A 1 3   ? 4.621   -13.837 -1.074  1.000 28.390 0 58  PRO A N   1 ? 
ATOM   8    C CA  . PRO A 1 3   ? 5.665   -12.816 -1.085  1.000 26.787 0 58  PRO A CA  1 ? 
ATOM   9    C C   . PRO A 1 3   ? 5.333   -11.625 -1.988  1.000 23.511 0 58  PRO A C   1 ? 
ATOM   10   O O   . PRO A 1 3   ? 5.778   -10.514 -1.722  1.000 23.468 0 58  PRO A O   1 ? 
ATOM   11   C CB  . PRO A 1 3   ? 6.908   -13.577 -1.574  1.000 28.660 0 58  PRO A CB  1 ? 
ATOM   12   C CG  . PRO A 1 3   ? 6.335   -14.756 -2.333  1.000 30.069 0 58  PRO A CG  1 ? 
ATOM   13   C CD  . PRO A 1 3   ? 5.101   -15.145 -1.553  1.000 30.073 0 58  PRO A CD  1 ? 
ATOM   14   N N   . GLY A 1 4   ? 4.590   -11.862 -3.079  1.000 22.214 0 59  GLY A N   1 ? 
ATOM   15   C CA  . GLY A 1 4   ? 4.400   -10.829 -4.084  1.000 20.930 0 59  GLY A CA  1 ? 
ATOM   16   C C   . GLY A 1 4   ? 3.007   -10.192 -4.136  1.000 19.251 0 59  GLY A C   1 ? 
ATOM   17   O O   . GLY A 1 4   ? 2.714   -9.489  -5.100  1.000 18.520 0 59  GLY A O   1 ? 
ATOM   18   N N   . ILE A 1 5   ? 2.187   -10.364 -3.100  1.000 19.391 0 60  ILE A N   1 ? 
ATOM   19   C CA  A ILE A 1 5   ? 0.802   -9.915  -3.145  0.500 19.286 0 60  ILE A CA  1 ? 
ATOM   20   C CA  B ILE A 1 5   ? 0.803   -9.921  -3.130  0.500 18.786 0 60  ILE A CA  1 ? 
ATOM   21   C C   . ILE A 1 5   ? 0.650   -8.616  -2.356  1.000 18.177 0 60  ILE A C   1 ? 
ATOM   22   O O   . ILE A 1 5   ? 0.961   -8.556  -1.157  1.000 17.956 0 60  ILE A O   1 ? 
ATOM   23   C CB  A ILE A 1 5   ? -0.155  -11.002 -2.622  0.500 21.584 0 60  ILE A CB  1 ? 
ATOM   24   C CB  B ILE A 1 5   ? -0.128  -10.992 -2.539  0.500 20.298 0 60  ILE A CB  1 ? 
ATOM   25   C CG1 A ILE A 1 5   ? -0.190  -12.220 -3.551  0.500 23.228 0 60  ILE A CG1 1 ? 
ATOM   26   C CG1 B ILE A 1 5   ? 0.182   -12.385 -3.092  0.500 20.664 0 60  ILE A CG1 1 ? 
ATOM   27   C CG2 A ILE A 1 5   ? -1.545  -10.434 -2.393  0.500 21.623 0 60  ILE A CG2 1 ? 
ATOM   28   C CG2 B ILE A 1 5   ? -1.567  -10.589 -2.775  0.500 20.713 0 60  ILE A CG2 1 ? 
ATOM   29   C CD1 A ILE A 1 5   ? -1.049  -13.353 -3.037  0.500 24.532 0 60  ILE A CD1 1 ? 
ATOM   30   C CD1 B ILE A 1 5   ? 0.121   -12.452 -4.598  0.500 21.020 0 60  ILE A CD1 1 ? 
ATOM   31   N N   . TRP A 1 6   ? 0.104   -7.601  -3.042  1.000 16.883 0 61  TRP A N   1 ? 
ATOM   32   C CA  . TRP A 1 6   ? -0.146  -6.291  -2.483  1.000 16.432 0 61  TRP A CA  1 ? 
ATOM   33   C C   . TRP A 1 6   ? -1.611  -5.919  -2.658  1.000 17.118 0 61  TRP A C   1 ? 
ATOM   34   O O   . TRP A 1 6   ? -2.284  -6.405  -3.577  1.000 17.657 0 61  TRP A O   1 ? 
ATOM   35   C CB  . TRP A 1 6   ? 0.741   -5.248  -3.170  1.000 16.015 0 61  TRP A CB  1 ? 
ATOM   36   C CG  . TRP A 1 6   ? 2.209   -5.442  -2.926  1.000 15.535 0 61  TRP A CG  1 ? 
ATOM   37   C CD1 . TRP A 1 6   ? 3.025   -6.401  -3.458  1.000 16.307 0 61  TRP A CD1 1 ? 
ATOM   38   C CD2 . TRP A 1 6   ? 3.024   -4.658  -2.038  1.000 15.768 0 61  TRP A CD2 1 ? 
ATOM   39   N NE1 . TRP A 1 6   ? 4.295   -6.264  -2.957  1.000 16.192 0 61  TRP A NE1 1 ? 
ATOM   40   C CE2 . TRP A 1 6   ? 4.327   -5.201  -2.102  1.000 16.279 0 61  TRP A CE2 1 ? 
ATOM   41   C CE3 . TRP A 1 6   ? 2.791   -3.549  -1.227  1.000 15.871 0 61  TRP A CE3 1 ? 
ATOM   42   C CZ2 . TRP A 1 6   ? 5.384   -4.647  -1.385  1.000 15.316 0 61  TRP A CZ2 1 ? 
ATOM   43   C CZ3 . TRP A 1 6   ? 3.836   -3.016  -0.500  1.000 15.873 0 61  TRP A CZ3 1 ? 
ATOM   44   C CH2 . TRP A 1 6   ? 5.117   -3.556  -0.603  1.000 15.574 0 61  TRP A CH2 1 ? 
ATOM   45   N N   . GLN A 1 7   ? -2.065  -5.030  -1.781  1.000 17.371 0 62  GLN A N   1 ? 
ATOM   46   C CA  A GLN A 1 7   ? -3.410  -4.494  -1.867  0.500 18.059 0 62  GLN A CA  1 ? 
ATOM   47   C CA  B GLN A 1 7   ? -3.422  -4.499  -1.808  0.500 17.754 0 62  GLN A CA  1 ? 
ATOM   48   C C   . GLN A 1 7   ? -3.351  -2.976  -1.831  1.000 17.876 0 62  GLN A C   1 ? 
ATOM   49   O O   . GLN A 1 7   ? -2.714  -2.387  -0.968  1.000 17.301 0 62  GLN A O   1 ? 
ATOM   50   C CB  A GLN A 1 7   ? -4.261  -4.993  -0.710  0.500 19.680 0 62  GLN A CB  1 ? 
ATOM   51   C CB  B GLN A 1 7   ? -4.183  -4.957  -0.563  0.500 19.010 0 62  GLN A CB  1 ? 
ATOM   52   C CG  A GLN A 1 7   ? -5.738  -4.685  -0.886  0.500 20.829 0 62  GLN A CG  1 ? 
ATOM   53   C CG  B GLN A 1 7   ? -5.562  -4.325  -0.377  0.500 19.867 0 62  GLN A CG  1 ? 
ATOM   54   C CD  A GLN A 1 7   ? -6.550  -5.484  0.099   0.500 22.490 0 62  GLN A CD  1 ? 
ATOM   55   C CD  B GLN A 1 7   ? -6.598  -4.817  -1.360  0.500 21.132 0 62  GLN A CD  1 ? 
ATOM   56   O OE1 A GLN A 1 7   ? -6.320  -6.677  0.282   0.500 28.309 0 62  GLN A OE1 1 ? 
ATOM   57   O OE1 B GLN A 1 7   ? -6.887  -6.015  -1.430  0.500 23.219 0 62  GLN A OE1 1 ? 
ATOM   58   N NE2 A GLN A 1 7   ? -7.502  -4.826  0.741   0.500 25.940 0 62  GLN A NE2 1 ? 
ATOM   59   N NE2 B GLN A 1 7   ? -7.206  -3.893  -2.090  0.500 19.809 0 62  GLN A NE2 1 ? 
ATOM   60   N N   . LEU A 1 8   ? -4.053  -2.345  -2.776  1.000 17.215 0 63  LEU A N   1 ? 
ATOM   61   C CA  . LEU A 1 8   ? -4.205  -0.904  -2.778  1.000 16.744 0 63  LEU A CA  1 ? 
ATOM   62   C C   . LEU A 1 8   ? -5.327  -0.483  -1.840  1.000 18.101 0 63  LEU A C   1 ? 
ATOM   63   O O   . LEU A 1 8   ? -6.311  -1.194  -1.628  1.000 18.642 0 63  LEU A O   1 ? 
ATOM   64   C CB  . LEU A 1 8   ? -4.547  -0.416  -4.182  1.000 18.947 0 63  LEU A CB  1 ? 
ATOM   65   C CG  . LEU A 1 8   ? -3.397  -0.271  -5.163  1.000 21.868 0 63  LEU A CG  1 ? 
ATOM   66   C CD1 . LEU A 1 8   ? -3.944  0.109   -6.527  1.000 23.130 0 63  LEU A CD1 1 ? 
ATOM   67   C CD2 . LEU A 1 8   ? -2.416  0.794   -4.681  1.000 23.296 0 63  LEU A CD2 1 ? 
ATOM   68   N N   . ASP A 1 9   ? -5.167  0.711   -1.299  1.000 18.457 0 64  ASP A N   1 ? 
ATOM   69   C CA  . ASP A 1 9   ? -6.093  1.285   -0.341  1.000 19.286 0 64  ASP A CA  1 ? 
ATOM   70   C C   . ASP A 1 9   ? -6.025  2.794   -0.498  1.000 21.453 0 64  ASP A C   1 ? 
ATOM   71   O O   . ASP A 1 9   ? -4.945  3.363   -0.613  1.000 23.357 0 64  ASP A O   1 ? 
ATOM   72   C CB  . ASP A 1 9   ? -5.700  0.831   1.066   1.000 19.862 0 64  ASP A CB  1 ? 
ATOM   73   C CG  . ASP A 1 9   ? -6.211  1.684   2.210   1.000 23.206 0 64  ASP A CG  1 ? 
ATOM   74   O OD1 . ASP A 1 9   ? -7.407  2.017   2.207   1.000 24.435 0 64  ASP A OD1 1 ? 
ATOM   75   O OD2 . ASP A 1 9   ? -5.416  1.955   3.136   1.000 24.967 0 64  ASP A OD2 1 ? 
ATOM   76   N N   . CYS A 1 10  ? -7.181  3.449   -0.579  1.000 19.297 0 65  CYS A N   1 ? 
ATOM   77   C CA  . CYS A 1 10  ? -7.239  4.886   -0.734  1.000 21.296 0 65  CYS A CA  1 ? 
ATOM   78   C C   . CYS A 1 10  ? -8.064  5.415   0.430   1.000 22.133 0 65  CYS A C   1 ? 
ATOM   79   O O   . CYS A 1 10  ? -9.142  4.906   0.688   1.000 23.058 0 65  CYS A O   1 ? 
ATOM   80   C CB  . CYS A 1 10  ? -7.840  5.254   -2.082  1.000 23.980 0 65  CYS A CB  1 ? 
ATOM   81   S SG  . CYS A 1 10  ? -7.815  7.035   -2.417  1.000 31.516 0 65  CYS A SG  1 ? 
ATOM   82   N N   . THR A 1 11  ? -7.481  6.329   1.199   1.000 21.589 0 66  THR A N   1 ? 
ATOM   83   C CA  . THR A 1 11  ? -8.177  6.964   2.315   1.000 22.793 0 66  THR A CA  1 ? 
ATOM   84   C C   . THR A 1 11  ? -8.043  8.483   2.182   1.000 23.623 0 66  THR A C   1 ? 
ATOM   85   O O   . THR A 1 11  ? -7.260  9.006   1.396   1.000 23.249 0 66  THR A O   1 ? 
ATOM   86   C CB  . THR A 1 11  ? -7.642  6.401   3.636   1.000 24.315 0 66  THR A CB  1 ? 
ATOM   87   O OG1 . THR A 1 11  ? -8.501  6.788   4.708   1.000 27.131 0 66  THR A OG1 1 ? 
ATOM   88   C CG2 . THR A 1 11  ? -6.228  6.842   3.932   1.000 24.164 0 66  THR A CG2 1 ? 
ATOM   89   N N   . HIS A 1 12  ? -8.870  9.222   2.928   1.000 25.905 0 67  HIS A N   1 ? 
ATOM   90   C CA  . HIS A 1 12  ? -8.967  10.664  2.752   1.000 26.079 0 67  HIS A CA  1 ? 
ATOM   91   C C   . HIS A 1 12  ? -8.692  11.361  4.078   1.000 24.745 0 67  HIS A C   1 ? 
ATOM   92   O O   . HIS A 1 12  ? -9.094  10.845  5.108   1.000 26.143 0 67  HIS A O   1 ? 
ATOM   93   C CB  . HIS A 1 12  ? -10.360 11.063  2.243   1.000 29.649 0 67  HIS A CB  1 ? 
ATOM   94   C CG  . HIS A 1 12  ? -10.618 10.475  0.907   1.000 32.024 0 67  HIS A CG  1 ? 
ATOM   95   N ND1 . HIS A 1 12  ? -11.019 9.165   0.745   1.000 34.299 0 67  HIS A ND1 1 ? 
ATOM   96   C CD2 . HIS A 1 12  ? -10.467 10.980  -0.315  1.000 34.038 0 67  HIS A CD2 1 ? 
ATOM   97   C CE1 . HIS A 1 12  ? -11.125 8.907   -0.550  1.000 34.572 0 67  HIS A CE1 1 ? 
ATOM   98   N NE2 . HIS A 1 12  ? -10.790 9.990   -1.211  1.000 34.343 0 67  HIS A NE2 1 ? 
ATOM   99   N N   . LEU A 1 13  ? -8.001  12.498  3.997   1.000 26.089 0 68  LEU A N   1 ? 
ATOM   100  C CA  . LEU A 1 13  ? -7.701  13.365  5.128   1.000 29.293 0 68  LEU A CA  1 ? 
ATOM   101  C C   . LEU A 1 13  ? -7.379  14.764  4.594   1.000 27.053 0 68  LEU A C   1 ? 
ATOM   102  O O   . LEU A 1 13  ? -6.699  14.913  3.584   1.000 28.374 0 68  LEU A O   1 ? 
ATOM   103  C CB  . LEU A 1 13  ? -6.513  12.767  5.898   1.000 29.118 0 68  LEU A CB  1 ? 
ATOM   104  C CG  . LEU A 1 13  ? -6.333  13.248  7.338   1.000 30.996 0 68  LEU A CG  1 ? 
ATOM   105  C CD1 . LEU A 1 13  ? -7.424  12.694  8.235   1.000 32.142 0 68  LEU A CD1 1 ? 
ATOM   106  C CD2 . LEU A 1 13  ? -4.958  12.849  7.873   1.000 30.598 0 68  LEU A CD2 1 ? 
ATOM   107  N N   . GLU A 1 14  ? -7.884  15.803  5.279   1.000 33.576 0 69  GLU A N   1 ? 
ATOM   108  C CA  . GLU A 1 14  ? -7.569  17.197  4.982   1.000 34.865 0 69  GLU A CA  1 ? 
ATOM   109  C C   . GLU A 1 14  ? -7.930  17.577  3.546   1.000 33.812 0 69  GLU A C   1 ? 
ATOM   110  O O   . GLU A 1 14  ? -7.248  18.388  2.918   1.000 34.354 0 69  GLU A O   1 ? 
ATOM   111  C CB  . GLU A 1 14  ? -6.091  17.491  5.253   1.000 36.020 0 69  GLU A CB  1 ? 
ATOM   112  C CG  . GLU A 1 14  ? -5.715  17.306  6.706   1.000 37.317 0 69  GLU A CG  1 ? 
ATOM   113  C CD  . GLU A 1 14  ? -4.286  17.678  7.067   1.000 36.510 0 69  GLU A CD  1 ? 
ATOM   114  O OE1 . GLU A 1 14  ? -3.597  18.309  6.243   1.000 36.441 0 69  GLU A OE1 1 ? 
ATOM   115  O OE2 . GLU A 1 14  ? -3.868  17.327  8.181   1.000 40.858 0 69  GLU A OE2 1 ? 
ATOM   116  N N   . GLY A 1 15  ? -9.015  16.992  3.028   1.000 33.002 0 70  GLY A N   1 ? 
ATOM   117  C CA  . GLY A 1 15  ? -9.450  17.231  1.660   1.000 33.269 0 70  GLY A CA  1 ? 
ATOM   118  C C   . GLY A 1 15  ? -8.484  16.658  0.627   1.000 33.386 0 70  GLY A C   1 ? 
ATOM   119  O O   . GLY A 1 15  ? -8.557  17.003  -0.553  1.000 35.277 0 70  GLY A O   1 ? 
ATOM   120  N N   . LYS A 1 16  ? -7.581  15.783  1.092   1.000 30.114 0 71  LYS A N   1 ? 
ATOM   121  C CA  . LYS A 1 16  ? -6.573  15.196  0.235   1.000 29.894 0 71  LYS A CA  1 ? 
ATOM   122  C C   . LYS A 1 16  ? -6.733  13.683  0.272   1.000 24.644 0 71  LYS A C   1 ? 
ATOM   123  O O   . LYS A 1 16  ? -7.449  13.124  1.100   1.000 24.828 0 71  LYS A O   1 ? 
ATOM   124  C CB  . LYS A 1 16  ? -5.163  15.618  0.670   1.000 33.199 0 71  LYS A CB  1 ? 
ATOM   125  C CG  . LYS A 1 16  ? -4.832  17.082  0.397   1.000 37.497 0 71  LYS A CG  1 ? 
ATOM   126  C CD  . LYS A 1 16  ? -3.350  17.403  0.412   1.000 41.230 0 71  LYS A CD  1 ? 
ATOM   127  C CE  . LYS A 1 16  ? -3.075  18.853  0.069   1.000 46.316 0 71  LYS A CE  1 ? 
ATOM   128  N NZ  . LYS A 1 16  ? -1.648  19.084  -0.257  1.000 51.494 0 71  LYS A NZ  1 ? 
ATOM   129  N N   . VAL A 1 17  ? -6.036  13.051  -0.663  1.000 23.786 0 72  VAL A N   1 ? 
ATOM   130  C CA  . VAL A 1 17  ? -6.123  11.627  -0.868  1.000 22.355 0 72  VAL A CA  1 ? 
ATOM   131  C C   . VAL A 1 17  ? -4.789  11.012  -0.458  1.000 19.363 0 72  VAL A C   1 ? 
ATOM   132  O O   . VAL A 1 17  ? -3.749  11.515  -0.862  1.000 19.664 0 72  VAL A O   1 ? 
ATOM   133  C CB  . VAL A 1 17  ? -6.442  11.405  -2.355  1.000 26.133 0 72  VAL A CB  1 ? 
ATOM   134  C CG1 . VAL A 1 17  ? -6.480  9.943   -2.722  1.000 27.753 0 72  VAL A CG1 1 ? 
ATOM   135  C CG2 . VAL A 1 17  ? -7.737  12.131  -2.726  1.000 30.149 0 72  VAL A CG2 1 ? 
ATOM   136  N N   . ILE A 1 18  ? -4.861  9.934   0.325   1.000 18.248 0 73  ILE A N   1 ? 
ATOM   137  C CA  . ILE A 1 18  ? -3.682  9.154   0.674   1.000 18.189 0 73  ILE A CA  1 ? 
ATOM   138  C C   . ILE A 1 18  ? -3.841  7.794   0.010   1.000 17.971 0 73  ILE A C   1 ? 
ATOM   139  O O   . ILE A 1 18  ? -4.768  7.057   0.327   1.000 19.395 0 73  ILE A O   1 ? 
ATOM   140  C CB  . ILE A 1 18  ? -3.528  9.043   2.199   1.000 19.148 0 73  ILE A CB  1 ? 
ATOM   141  C CG1 . ILE A 1 18  ? -3.469  10.425  2.853   1.000 20.249 0 73  ILE A CG1 1 ? 
ATOM   142  C CG2 . ILE A 1 18  ? -2.302  8.195   2.540   1.000 19.522 0 73  ILE A CG2 1 ? 
ATOM   143  C CD1 . ILE A 1 18  ? -3.640  10.394  4.340   1.000 21.548 0 73  ILE A CD1 1 ? 
ATOM   144  N N   . LEU A 1 19  ? -2.900  7.467   -0.876  1.000 17.120 0 74  LEU A N   1 ? 
ATOM   145  C CA  . LEU A 1 19  ? -2.921  6.200   -1.575  1.000 16.790 0 74  LEU A CA  1 ? 
ATOM   146  C C   . LEU A 1 19  ? -1.899  5.301   -0.894  1.000 16.796 0 74  LEU A C   1 ? 
ATOM   147  O O   . LEU A 1 19  ? -0.763  5.727   -0.700  1.000 16.496 0 74  LEU A O   1 ? 
ATOM   148  C CB  . LEU A 1 19  ? -2.561  6.438   -3.041  1.000 19.454 0 74  LEU A CB  1 ? 
ATOM   149  C CG  . LEU A 1 19  ? -2.656  5.231   -3.955  1.000 22.315 0 74  LEU A CG  1 ? 
ATOM   150  C CD1 . LEU A 1 19  ? -4.034  4.603   -3.883  1.000 23.345 0 74  LEU A CD1 1 ? 
ATOM   151  C CD2 . LEU A 1 19  ? -2.347  5.653   -5.389  1.000 22.440 0 74  LEU A CD2 1 ? 
ATOM   152  N N   . VAL A 1 20  ? -2.332  4.097   -0.514  1.000 16.438 0 75  VAL A N   1 ? 
ATOM   153  C CA  . VAL A 1 20  ? -1.525  3.179   0.270   1.000 17.225 0 75  VAL A CA  1 ? 
ATOM   154  C C   . VAL A 1 20  ? -1.431  1.866   -0.486  1.000 17.446 0 75  VAL A C   1 ? 
ATOM   155  O O   . VAL A 1 20  ? -2.426  1.393   -1.029  1.000 18.467 0 75  VAL A O   1 ? 
ATOM   156  C CB  . VAL A 1 20  ? -2.135  2.956   1.662   1.000 18.257 0 75  VAL A CB  1 ? 
ATOM   157  C CG1 . VAL A 1 20  ? -1.311  2.010   2.506   1.000 18.862 0 75  VAL A CG1 1 ? 
ATOM   158  C CG2 . VAL A 1 20  ? -2.370  4.263   2.405   1.000 19.579 0 75  VAL A CG2 1 ? 
ATOM   159  N N   . ALA A 1 21  ? -0.232  1.263   -0.492  1.000 16.192 0 76  ALA A N   1 ? 
ATOM   160  C CA  . ALA A 1 21  ? -0.053  -0.111  -0.910  1.000 16.397 0 76  ALA A CA  1 ? 
ATOM   161  C C   . ALA A 1 21  ? 0.335   -0.921  0.313   1.000 17.346 0 76  ALA A C   1 ? 
ATOM   162  O O   . ALA A 1 21  ? 1.290   -0.552  0.986   1.000 17.561 0 76  ALA A O   1 ? 
ATOM   163  C CB  . ALA A 1 21  ? 1.002   -0.218  -1.981  1.000 17.042 0 76  ALA A CB  1 ? 
ATOM   164  N N   . VAL A 1 22  ? -0.399  -2.007  0.587   1.000 17.107 0 77  VAL A N   1 ? 
ATOM   165  C CA  . VAL A 1 22  ? -0.124  -2.881  1.713   1.000 17.766 0 77  VAL A CA  1 ? 
ATOM   166  C C   . VAL A 1 22  ? 0.375   -4.217  1.191   1.000 16.935 0 77  VAL A C   1 ? 
ATOM   167  O O   . VAL A 1 22  ? -0.274  -4.845  0.356   1.000 17.037 0 77  VAL A O   1 ? 
ATOM   168  C CB  . VAL A 1 22  ? -1.366  -3.097  2.589   1.000 20.378 0 77  VAL A CB  1 ? 
ATOM   169  C CG1 . VAL A 1 22  ? -0.984  -3.879  3.842   1.000 20.641 0 77  VAL A CG1 1 ? 
ATOM   170  C CG2 . VAL A 1 22  ? -2.054  -1.787  2.919   1.000 21.606 0 77  VAL A CG2 1 ? 
ATOM   171  N N   . HIS A 1 23  ? 1.513   -4.650  1.725   1.000 16.631 0 78  HIS A N   1 ? 
ATOM   172  C CA  . HIS A 1 23  ? 2.024   -5.986  1.499   1.000 16.802 0 78  HIS A CA  1 ? 
ATOM   173  C C   . HIS A 1 23  ? 1.274   -6.914  2.445   1.000 18.376 0 78  HIS A C   1 ? 
ATOM   174  O O   . HIS A 1 23  ? 1.507   -6.858  3.645   1.000 19.560 0 78  HIS A O   1 ? 
ATOM   175  C CB  . HIS A 1 23  ? 3.537   -6.051  1.710   1.000 16.883 0 78  HIS A CB  1 ? 
ATOM   176  C CG  . HIS A 1 23  ? 4.110   -7.389  1.412   1.000 16.559 0 78  HIS A CG  1 ? 
ATOM   177  N ND1 . HIS A 1 23  ? 4.409   -8.301  2.405   1.000 18.200 0 78  HIS A ND1 1 ? 
ATOM   178  C CD2 . HIS A 1 23  ? 4.408   -7.989  0.266   1.000 17.572 0 78  HIS A CD2 1 ? 
ATOM   179  C CE1 . HIS A 1 23  ? 4.906   -9.398  1.859   1.000 18.707 0 78  HIS A CE1 1 ? 
ATOM   180  N NE2 . HIS A 1 23  ? 4.919   -9.241  0.550   1.000 18.728 0 78  HIS A NE2 1 ? 
ATOM   181  N N   . VAL A 1 24  ? 0.351   -7.711  1.890   1.000 20.107 0 79  VAL A N   1 ? 
ATOM   182  C CA  . VAL A 1 24  ? -0.689  -8.341  2.690   1.000 21.405 0 79  VAL A CA  1 ? 
ATOM   183  C C   . VAL A 1 24  ? -0.090  -9.254  3.770   1.000 22.616 0 79  VAL A C   1 ? 
ATOM   184  O O   . VAL A 1 24  ? -0.557  -9.230  4.912   1.000 24.785 0 79  VAL A O   1 ? 
ATOM   185  C CB  . VAL A 1 24  ? -1.684  -9.095  1.787   1.000 24.627 0 79  VAL A CB  1 ? 
ATOM   186  C CG1 . VAL A 1 24  ? -2.734  -9.803  2.629   1.000 28.337 0 79  VAL A CG1 1 ? 
ATOM   187  C CG2 . VAL A 1 24  ? -2.351  -8.172  0.770   1.000 26.378 0 79  VAL A CG2 1 ? 
ATOM   188  N N   . ALA A 1 25  ? 0.934   -10.029 3.420   1.000 20.425 0 80  ALA A N   1 ? 
ATOM   189  C CA  . ALA A 1 25  ? 1.480   -11.035 4.334   1.000 21.975 0 80  ALA A CA  1 ? 
ATOM   190  C C   . ALA A 1 25  ? 2.269   -10.445 5.502   1.000 24.219 0 80  ALA A C   1 ? 
ATOM   191  O O   . ALA A 1 25  ? 2.431   -11.127 6.520   1.000 24.348 0 80  ALA A O   1 ? 
ATOM   192  C CB  . ALA A 1 25  ? 2.341   -12.011 3.584   1.000 21.816 0 80  ALA A CB  1 ? 
ATOM   193  N N   . SER A 1 26  ? 2.805   -9.221  5.365   1.000 21.054 0 81  SER A N   1 ? 
ATOM   194  C CA  . SER A 1 26  ? 3.629   -8.587  6.392   1.000 19.744 0 81  SER A CA  1 ? 
ATOM   195  C C   . SER A 1 26  ? 2.951   -7.406  7.094   1.000 19.535 0 81  SER A C   1 ? 
ATOM   196  O O   . SER A 1 26  ? 3.343   -7.078  8.223   1.000 22.382 0 81  SER A O   1 ? 
ATOM   197  C CB  . SER A 1 26  ? 4.924   -8.098  5.790   1.000 19.863 0 81  SER A CB  1 ? 
ATOM   198  O OG  . SER A 1 26  ? 4.657   -7.058  4.839   1.000 19.410 0 81  SER A OG  1 ? 
ATOM   199  N N   . GLY A 1 27  ? 2.037   -6.699  6.405   1.000 19.240 0 82  GLY A N   1 ? 
ATOM   200  C CA  . GLY A 1 27  ? 1.476   -5.442  6.866   1.000 19.599 0 82  GLY A CA  1 ? 
ATOM   201  C C   . GLY A 1 27  ? 2.349   -4.224  6.538   1.000 19.035 0 82  GLY A C   1 ? 
ATOM   202  O O   . GLY A 1 27  ? 2.032   -3.104  6.935   1.000 20.260 0 82  GLY A O   1 ? 
ATOM   203  N N   . TYR A 1 28  ? 3.449   -4.437  5.821   1.000 17.676 0 83  TYR A N   1 ? 
ATOM   204  C CA  . TYR A 1 28  ? 4.310   -3.328  5.405   1.000 17.150 0 83  TYR A CA  1 ? 
ATOM   205  C C   . TYR A 1 28  ? 3.564   -2.443  4.418   1.000 16.937 0 83  TYR A C   1 ? 
ATOM   206  O O   . TYR A 1 28  ? 2.821   -2.962  3.581   1.000 17.591 0 83  TYR A O   1 ? 
ATOM   207  C CB  . TYR A 1 28  ? 5.569   -3.881  4.752   1.000 16.767 0 83  TYR A CB  1 ? 
ATOM   208  C CG  . TYR A 1 28  ? 6.487   -2.907  4.064   1.000 17.192 0 83  TYR A CG  1 ? 
ATOM   209  C CD1 . TYR A 1 28  ? 6.264   -2.522  2.758   1.000 17.451 0 83  TYR A CD1 1 ? 
ATOM   210  C CD2 . TYR A 1 28  ? 7.594   -2.422  4.730   1.000 18.414 0 83  TYR A CD2 1 ? 
ATOM   211  C CE1 . TYR A 1 28  ? 7.144   -1.669  2.109   1.000 18.225 0 83  TYR A CE1 1 ? 
ATOM   212  C CE2 . TYR A 1 28  ? 8.494   -1.584  4.089   1.000 20.559 0 83  TYR A CE2 1 ? 
ATOM   213  C CZ  . TYR A 1 28  ? 8.262   -1.217  2.782   1.000 20.435 0 83  TYR A CZ  1 ? 
ATOM   214  O OH  . TYR A 1 28  ? 9.165   -0.401  2.126   1.000 22.094 0 83  TYR A OH  1 ? 
ATOM   215  N N   . ILE A 1 29  ? 3.794   -1.131  4.489   1.000 15.803 0 84  ILE A N   1 ? 
ATOM   216  C CA  . ILE A 1 29  ? 3.105   -0.200  3.597   1.000 16.910 0 84  ILE A CA  1 ? 
ATOM   217  C C   . ILE A 1 29  ? 4.069   0.768   2.920   1.000 18.098 0 84  ILE A C   1 ? 
ATOM   218  O O   . ILE A 1 29  ? 5.147   1.113   3.411   1.000 16.831 0 84  ILE A O   1 ? 
ATOM   219  C CB  . ILE A 1 29  ? 2.010   0.594   4.322   1.000 18.183 0 84  ILE A CB  1 ? 
ATOM   220  C CG1 . ILE A 1 29  ? 2.589   1.604   5.306   1.000 18.512 0 84  ILE A CG1 1 ? 
ATOM   221  C CG2 . ILE A 1 29  ? 0.998   -0.325  4.976   1.000 17.627 0 84  ILE A CG2 1 ? 
ATOM   222  C CD1 . ILE A 1 29  ? 1.525   2.429   6.005   1.000 19.970 0 84  ILE A CD1 1 ? 
ATOM   223  N N   . GLU A 1 30  ? 3.593   1.267   1.772   1.000 17.723 0 85  GLU A N   1 ? 
ATOM   224  C CA  . GLU A 1 30  ? 4.107   2.459   1.121   1.000 18.664 0 85  GLU A CA  1 ? 
ATOM   225  C C   . GLU A 1 30  ? 2.903   3.359   0.903   1.000 17.006 0 85  GLU A C   1 ? 
ATOM   226  O O   . GLU A 1 30  ? 1.797   2.857   0.748   1.000 17.366 0 85  GLU A O   1 ? 
ATOM   227  C CB  . GLU A 1 30  ? 4.744   2.119   -0.226  1.000 22.312 0 85  GLU A CB  1 ? 
ATOM   228  C CG  . GLU A 1 30  ? 5.938   1.200   -0.058  1.000 26.273 0 85  GLU A CG  1 ? 
ATOM   229  C CD  . GLU A 1 30  ? 7.225   1.559   -0.770  1.000 29.514 0 85  GLU A CD  1 ? 
ATOM   230  O OE1 . GLU A 1 30  ? 7.307   2.647   -1.407  1.000 28.814 0 85  GLU A OE1 1 ? 
ATOM   231  O OE2 . GLU A 1 30  ? 8.172   0.771   -0.640  1.000 29.312 0 85  GLU A OE2 1 ? 
ATOM   232  N N   . ALA A 1 31  ? 3.101   4.667   0.944   1.000 15.823 0 86  ALA A N   1 ? 
ATOM   233  C CA  . ALA A 1 31  ? 1.972   5.573   0.785   1.000 15.347 0 86  ALA A CA  1 ? 
ATOM   234  C C   . ALA A 1 31  ? 2.442   6.886   0.179   1.000 16.775 0 86  ALA A C   1 ? 
ATOM   235  O O   . ALA A 1 31  ? 3.611   7.270   0.278   1.000 19.051 0 86  ALA A O   1 ? 
ATOM   236  C CB  . ALA A 1 31  ? 1.265   5.819   2.108   1.000 15.780 0 86  ALA A CB  1 ? 
ATOM   237  N N   . GLU A 1 32  ? 1.490   7.593   -0.429  1.000 16.414 0 87  GLU A N   1 ? 
ATOM   238  C CA  A GLU A 1 32  ? 1.753   8.904   -0.987  0.500 17.120 0 87  GLU A CA  1 ? 
ATOM   239  C CA  B GLU A 1 32  ? 1.743   8.895   -1.004  0.500 17.375 0 87  GLU A CA  1 ? 
ATOM   240  C C   . GLU A 1 32  ? 0.482   9.735   -0.873  1.000 17.320 0 87  GLU A C   1 ? 
ATOM   241  O O   . GLU A 1 32  ? -0.616  9.188   -0.870  1.000 18.378 0 87  GLU A O   1 ? 
ATOM   242  C CB  A GLU A 1 32  ? 2.216   8.825   -2.449  0.500 18.458 0 87  GLU A CB  1 ? 
ATOM   243  C CB  B GLU A 1 32  ? 2.078   8.771   -2.489  0.500 18.979 0 87  GLU A CB  1 ? 
ATOM   244  C CG  A GLU A 1 32  ? 1.154   8.372   -3.445  0.500 20.128 0 87  GLU A CG  1 ? 
ATOM   245  C CG  B GLU A 1 32  ? 3.391   8.060   -2.778  0.500 20.880 0 87  GLU A CG  1 ? 
ATOM   246  C CD  A GLU A 1 32  ? 1.450   8.502   -4.943  0.500 20.690 0 87  GLU A CD  1 ? 
ATOM   247  C CD  B GLU A 1 32  ? 4.654   8.820   -2.419  0.500 24.722 0 87  GLU A CD  1 ? 
ATOM   248  O OE1 A GLU A 1 32  ? 0.492   8.380   -5.710  0.500 22.245 0 87  GLU A OE1 1 ? 
ATOM   249  O OE1 B GLU A 1 32  ? 4.553   9.976   -1.973  0.500 26.509 0 87  GLU A OE1 1 ? 
ATOM   250  O OE2 A GLU A 1 32  ? 2.617   8.687   -5.377  0.500 20.386 0 87  GLU A OE2 1 ? 
ATOM   251  O OE2 B GLU A 1 32  ? 5.743   8.251   -2.614  0.500 29.833 0 87  GLU A OE2 1 ? 
ATOM   252  N N   . VAL A 1 33  ? 0.665   11.049  -0.800  1.000 19.123 0 88  VAL A N   1 ? 
ATOM   253  C CA  . VAL A 1 33  ? -0.442  11.986  -0.892  1.000 19.444 0 88  VAL A CA  1 ? 
ATOM   254  C C   . VAL A 1 33  ? -0.578  12.438  -2.341  1.000 21.206 0 88  VAL A C   1 ? 
ATOM   255  O O   . VAL A 1 33  ? 0.412   12.811  -2.964  1.000 21.886 0 88  VAL A O   1 ? 
ATOM   256  C CB  . VAL A 1 33  ? -0.244  13.204  0.026   1.000 20.005 0 88  VAL A CB  1 ? 
ATOM   257  C CG1 . VAL A 1 33  ? -1.334  14.242  -0.228  1.000 21.086 0 88  VAL A CG1 1 ? 
ATOM   258  C CG2 . VAL A 1 33  ? -0.183  12.807  1.489   1.000 21.925 0 88  VAL A CG2 1 ? 
ATOM   259  N N   . ILE A 1 34  ? -1.816  12.423  -2.851  1.000 21.765 0 89  ILE A N   1 ? 
ATOM   260  C CA  . ILE A 1 34  ? -2.127  12.886  -4.197  1.000 26.267 0 89  ILE A CA  1 ? 
ATOM   261  C C   . ILE A 1 34  ? -3.355  13.796  -4.104  1.000 24.732 0 89  ILE A C   1 ? 
ATOM   262  O O   . ILE A 1 34  ? -4.116  13.710  -3.160  1.000 24.660 0 89  ILE A O   1 ? 
ATOM   263  C CB  . ILE A 1 34  ? -2.335  11.670  -5.123  1.000 25.229 0 89  ILE A CB  1 ? 
ATOM   264  C CG1 . ILE A 1 34  ? -3.455  10.753  -4.629  1.000 24.880 0 89  ILE A CG1 1 ? 
ATOM   265  C CG2 . ILE A 1 34  ? -1.045  10.883  -5.311  1.000 29.345 0 89  ILE A CG2 1 ? 
ATOM   266  C CD1 . ILE A 1 34  ? -3.744  9.584   -5.545  1.000 24.681 0 89  ILE A CD1 1 ? 
ATOM   267  N N   . PRO A 1 35  ? -3.578  14.754  -5.046  1.000 32.105 0 90  PRO A N   1 ? 
ATOM   268  C CA  . PRO A 1 35  ? -4.710  15.668  -4.916  1.000 34.968 0 90  PRO A CA  1 ? 
ATOM   269  C C   . PRO A 1 35  ? -6.040  14.958  -5.163  1.000 31.838 0 90  PRO A C   1 ? 
ATOM   270  O O   . PRO A 1 35  ? -7.046  15.313  -4.552  1.000 36.603 0 90  PRO A O   1 ? 
ATOM   271  C CB  . PRO A 1 35  ? -4.422  16.785  -5.935  1.000 36.658 0 90  PRO A CB  1 ? 
ATOM   272  C CG  . PRO A 1 35  ? -3.383  16.215  -6.892  1.000 36.549 0 90  PRO A CG  1 ? 
ATOM   273  C CD  . PRO A 1 35  ? -2.746  15.014  -6.222  1.000 36.662 0 90  PRO A CD  1 ? 
ATOM   274  N N   . ALA A 1 36  ? -5.990  13.884  -5.972  1.000 32.916 0 91  ALA A N   1 ? 
ATOM   275  C CA  . ALA A 1 36  ? -7.155  13.066  -6.274  1.000 29.933 0 91  ALA A CA  1 ? 
ATOM   276  C C   . ALA A 1 36  ? -6.715  11.701  -6.795  1.000 25.068 0 91  ALA A C   1 ? 
ATOM   277  O O   . ALA A 1 36  ? -5.656  11.557  -7.409  1.000 24.552 0 91  ALA A O   1 ? 
ATOM   278  C CB  . ALA A 1 36  ? -8.013  13.777  -7.307  1.000 31.590 0 91  ALA A CB  1 ? 
ATOM   279  N N   . GLU A 1 37  ? -7.567  10.690  -6.570  1.000 23.802 0 92  GLU A N   1 ? 
ATOM   280  C CA  . GLU A 1 37  ? -7.275  9.361   -7.070  1.000 23.739 0 92  GLU A CA  1 ? 
ATOM   281  C C   . GLU A 1 37  ? -7.703  9.325   -8.529  1.000 24.813 0 92  GLU A C   1 ? 
ATOM   282  O O   . GLU A 1 37  ? -8.895  9.476   -8.836  1.000 32.668 0 92  GLU A O   1 ? 
ATOM   283  C CB  . GLU A 1 37  ? -7.925  8.256   -6.242  1.000 24.569 0 92  GLU A CB  1 ? 
ATOM   284  C CG  . GLU A 1 37  ? -7.395  6.879   -6.603  1.000 25.271 0 92  GLU A CG  1 ? 
ATOM   285  C CD  . GLU A 1 37  ? -7.991  5.719   -5.833  1.000 26.513 0 92  GLU A CD  1 ? 
ATOM   286  O OE1 . GLU A 1 37  ? -9.179  5.800   -5.485  1.000 29.549 0 92  GLU A OE1 1 ? 
ATOM   287  O OE2 . GLU A 1 37  ? -7.256  4.763   -5.550  1.000 24.374 0 92  GLU A OE2 1 ? 
ATOM   288  N N   . THR A 1 38  ? -6.712  9.319   -9.407  1.000 20.484 0 93  THR A N   1 ? 
ATOM   289  C CA  . THR A 1 38  ? -6.924  9.117   -10.824 1.000 21.353 0 93  THR A CA  1 ? 
ATOM   290  C C   . THR A 1 38  ? -6.175  7.872   -11.298 1.000 23.441 0 93  THR A C   1 ? 
ATOM   291  O O   . THR A 1 38  ? -5.283  7.357   -10.621 1.000 20.420 0 93  THR A O   1 ? 
ATOM   292  C CB  . THR A 1 38  ? -6.447  10.320  -11.635 1.000 22.274 0 93  THR A CB  1 ? 
ATOM   293  O OG1 . THR A 1 38  ? -5.028  10.403  -11.499 1.000 22.566 0 93  THR A OG1 1 ? 
ATOM   294  C CG2 . THR A 1 38  ? -7.085  11.625  -11.200 1.000 23.403 0 93  THR A CG2 1 ? 
ATOM   295  N N   . GLY A 1 39  ? -6.544  7.373   -12.477 1.000 21.442 0 94  GLY A N   1 ? 
ATOM   296  C CA  . GLY A 1 39  ? -5.809  6.267   -13.065 1.000 21.689 0 94  GLY A CA  1 ? 
ATOM   297  C C   . GLY A 1 39  ? -4.338  6.620   -13.254 1.000 20.963 0 94  GLY A C   1 ? 
ATOM   298  O O   . GLY A 1 39  ? -3.470  5.783   -12.990 1.000 19.357 0 94  GLY A O   1 ? 
ATOM   299  N N   . GLN A 1 40  ? -4.037  7.842   -13.712 1.000 20.014 0 95  GLN A N   1 ? 
ATOM   300  C CA  . GLN A 1 40  ? -2.656  8.248   -13.938 1.000 21.988 0 95  GLN A CA  1 ? 
ATOM   301  C C   . GLN A 1 40  ? -1.861  8.227   -12.626 1.000 19.245 0 95  GLN A C   1 ? 
ATOM   302  O O   . GLN A 1 40  ? -0.729  7.748   -12.602 1.000 19.686 0 95  GLN A O   1 ? 
ATOM   303  C CB  . GLN A 1 40  ? -2.564  9.615   -14.613 1.000 26.688 0 95  GLN A CB  1 ? 
ATOM   304  C CG  . GLN A 1 40  ? -2.985  9.596   -16.072 1.000 33.048 0 95  GLN A CG  1 ? 
ATOM   305  C CD  . GLN A 1 40  ? -2.758  10.926  -16.750 1.000 37.891 0 95  GLN A CD  1 ? 
ATOM   306  O OE1 . GLN A 1 40  ? -3.698  11.580  -17.195 1.000 47.584 0 95  GLN A OE1 1 ? 
ATOM   307  N NE2 . GLN A 1 40  ? -1.502  11.338  -16.828 1.000 44.075 0 95  GLN A NE2 1 ? 
ATOM   308  N N   . GLU A 1 41  ? -2.426  8.756   -11.543 1.000 18.557 0 96  GLU A N   1 ? 
ATOM   309  C CA  . GLU A 1 41  ? -1.706  8.762   -10.274 1.000 17.939 0 96  GLU A CA  1 ? 
ATOM   310  C C   . GLU A 1 41  ? -1.531  7.335   -9.780  1.000 17.138 0 96  GLU A C   1 ? 
ATOM   311  O O   . GLU A 1 41  ? -0.484  7.003   -9.232  1.000 16.467 0 96  GLU A O   1 ? 
ATOM   312  C CB  . GLU A 1 41  ? -2.441  9.581   -9.212  1.000 20.499 0 96  GLU A CB  1 ? 
ATOM   313  C CG  . GLU A 1 41  ? -2.426  11.075  -9.499  1.000 24.629 0 96  GLU A CG  1 ? 
ATOM   314  C CD  . GLU A 1 41  ? -1.124  11.816  -9.246  1.000 29.538 0 96  GLU A CD  1 ? 
ATOM   315  O OE1 . GLU A 1 41  ? -0.180  11.230  -8.712  1.000 27.561 0 96  GLU A OE1 1 ? 
ATOM   316  O OE2 . GLU A 1 41  ? -1.066  13.019  -9.569  1.000 35.162 0 96  GLU A OE2 1 ? 
ATOM   317  N N   . THR A 1 42  ? -2.560  6.504   -9.901  1.000 16.693 0 97  THR A N   1 ? 
ATOM   318  C CA  . THR A 1 42  ? -2.473  5.143   -9.401  1.000 16.022 0 97  THR A CA  1 ? 
ATOM   319  C C   . THR A 1 42  ? -1.401  4.390   -10.186 1.000 15.372 0 97  THR A C   1 ? 
ATOM   320  O O   . THR A 1 42  ? -0.614  3.636   -9.618  1.000 16.162 0 97  THR A O   1 ? 
ATOM   321  C CB  . THR A 1 42  ? -3.830  4.435   -9.467  1.000 17.894 0 97  THR A CB  1 ? 
ATOM   322  O OG1 . THR A 1 42  ? -4.758  5.217   -8.709  1.000 18.245 0 97  THR A OG1 1 ? 
ATOM   323  C CG2 . THR A 1 42  ? -3.783  3.032   -8.922  1.000 18.357 0 97  THR A CG2 1 ? 
ATOM   324  N N   . ALA A 1 43  ? -1.402  4.566   -11.512 1.000 15.960 0 98  ALA A N   1 ? 
ATOM   325  C CA  . ALA A 1 43  ? -0.455  3.896   -12.384 1.000 15.911 0 98  ALA A CA  1 ? 
ATOM   326  C C   . ALA A 1 43  ? 0.986   4.240   -12.003 1.000 15.988 0 98  ALA A C   1 ? 
ATOM   327  O O   . ALA A 1 43  ? 1.862   3.368   -11.895 1.000 16.557 0 98  ALA A O   1 ? 
ATOM   328  C CB  . ALA A 1 43  ? -0.752  4.282   -13.812 1.000 16.954 0 98  ALA A CB  1 ? 
ATOM   329  N N   . TYR A 1 44  ? 1.234   5.529   -11.761 1.000 15.781 0 99  TYR A N   1 ? 
ATOM   330  C CA  . TYR A 1 44  ? 2.568   5.990   -11.396 1.000 15.563 0 99  TYR A CA  1 ? 
ATOM   331  C C   . TYR A 1 44  ? 3.004   5.405   -10.052 1.000 15.326 0 99  TYR A C   1 ? 
ATOM   332  O O   . TYR A 1 44  ? 4.141   4.966   -9.882  1.000 15.794 0 99  TYR A O   1 ? 
ATOM   333  C CB  . TYR A 1 44  ? 2.628   7.515   -11.419 1.000 16.669 0 99  TYR A CB  1 ? 
ATOM   334  C CG  . TYR A 1 44  ? 3.982   8.060   -11.082 1.000 16.006 0 99  TYR A CG  1 ? 
ATOM   335  C CD1 . TYR A 1 44  ? 5.061   7.889   -11.925 1.000 17.007 0 99  TYR A CD1 1 ? 
ATOM   336  C CD2 . TYR A 1 44  ? 4.192   8.742   -9.893  1.000 17.688 0 99  TYR A CD2 1 ? 
ATOM   337  C CE1 . TYR A 1 44  ? 6.310   8.393   -11.613 1.000 17.070 0 99  TYR A CE1 1 ? 
ATOM   338  C CE2 . TYR A 1 44  ? 5.442   9.228   -9.556  1.000 18.074 0 99  TYR A CE2 1 ? 
ATOM   339  C CZ  . TYR A 1 44  ? 6.505   9.065   -10.423 1.000 18.705 0 99  TYR A CZ  1 ? 
ATOM   340  O OH  . TYR A 1 44  ? 7.750   9.526   -10.106 1.000 20.699 0 99  TYR A OH  1 ? 
ATOM   341  N N   . PHE A 1 45  ? 2.080   5.376   -9.095  1.000 14.947 0 100 PHE A N   1 ? 
ATOM   342  C CA  . PHE A 1 45  ? 2.347   4.815   -7.786  1.000 14.615 0 100 PHE A CA  1 ? 
ATOM   343  C C   . PHE A 1 45  ? 2.717   3.337   -7.905  1.000 15.168 0 100 PHE A C   1 ? 
ATOM   344  O O   . PHE A 1 45  ? 3.658   2.886   -7.246  1.000 15.334 0 100 PHE A O   1 ? 
ATOM   345  C CB  . PHE A 1 45  ? 1.113   5.044   -6.915  1.000 14.987 0 100 PHE A CB  1 ? 
ATOM   346  C CG  . PHE A 1 45  ? 1.219   4.558   -5.498  1.000 16.195 0 100 PHE A CG  1 ? 
ATOM   347  C CD1 . PHE A 1 45  ? 2.015   5.199   -4.565  1.000 19.190 0 100 PHE A CD1 1 ? 
ATOM   348  C CD2 . PHE A 1 45  ? 0.483   3.471   -5.096  1.000 17.032 0 100 PHE A CD2 1 ? 
ATOM   349  C CE1 . PHE A 1 45  ? 2.047   4.748   -3.245  1.000 19.852 0 100 PHE A CE1 1 ? 
ATOM   350  C CE2 . PHE A 1 45  ? 0.529   3.027   -3.787  1.000 18.031 0 100 PHE A CE2 1 ? 
ATOM   351  C CZ  . PHE A 1 45  ? 1.322   3.656   -2.871  1.000 18.349 0 100 PHE A CZ  1 ? 
ATOM   352  N N   . LEU A 1 46  ? 2.003   2.582   -8.750  1.000 15.491 0 101 LEU A N   1 ? 
ATOM   353  C CA  . LEU A 1 46  ? 2.319   1.176   -8.914  1.000 15.174 0 101 LEU A CA  1 ? 
ATOM   354  C C   . LEU A 1 46  ? 3.662   0.964   -9.602  1.000 16.091 0 101 LEU A C   1 ? 
ATOM   355  O O   . LEU A 1 46  ? 4.385   0.028   -9.263  1.000 15.548 0 101 LEU A O   1 ? 
ATOM   356  C CB  . LEU A 1 46  ? 1.194   0.499   -9.689  1.000 16.804 0 101 LEU A CB  1 ? 
ATOM   357  C CG  . LEU A 1 46  ? -0.113  0.348   -8.923  1.000 17.580 0 101 LEU A CG  1 ? 
ATOM   358  C CD1 . LEU A 1 46  ? -1.200  -0.274  -9.798  1.000 19.418 0 101 LEU A CD1 1 ? 
ATOM   359  C CD2 . LEU A 1 46  ? 0.063   -0.497  -7.675  1.000 19.128 0 101 LEU A CD2 1 ? 
ATOM   360  N N   . LEU A 1 47  ? 3.993   1.814   -10.587 1.000 15.239 0 102 LEU A N   1 ? 
ATOM   361  C CA  . LEU A 1 47  ? 5.294   1.716   -11.228 1.000 15.814 0 102 LEU A CA  1 ? 
ATOM   362  C C   . LEU A 1 47  ? 6.400   1.928   -10.192 1.000 16.333 0 102 LEU A C   1 ? 
ATOM   363  O O   . LEU A 1 47  ? 7.398   1.205   -10.176 1.000 16.210 0 102 LEU A O   1 ? 
ATOM   364  C CB  . LEU A 1 47  ? 5.370   2.734   -12.371 1.000 17.090 0 102 LEU A CB  1 ? 
ATOM   365  C CG  . LEU A 1 47  ? 6.718   2.908   -13.053 1.000 19.334 0 102 LEU A CG  1 ? 
ATOM   366  C CD1 . LEU A 1 47  ? 7.209   1.619   -13.711 1.000 20.330 0 102 LEU A CD1 1 ? 
ATOM   367  C CD2 . LEU A 1 47  ? 6.623   4.018   -14.075 1.000 19.563 0 102 LEU A CD2 1 ? 
ATOM   368  N N   . LYS A 1 48  ? 6.250   2.916   -9.298  1.000 15.513 0 103 LYS A N   1 ? 
ATOM   369  C CA  A LYS A 1 48  ? 7.238   3.158   -8.255  0.500 15.861 0 103 LYS A CA  1 ? 
ATOM   370  C CA  B LYS A 1 48  ? 7.239   3.157   -8.257  0.500 16.315 0 103 LYS A CA  1 ? 
ATOM   371  C C   . LYS A 1 48  ? 7.347   1.935   -7.349  1.000 15.506 0 103 LYS A C   1 ? 
ATOM   372  O O   . LYS A 1 48  ? 8.443   1.468   -7.034  1.000 15.181 0 103 LYS A O   1 ? 
ATOM   373  C CB  A LYS A 1 48  ? 6.879   4.385   -7.414  0.500 16.741 0 103 LYS A CB  1 ? 
ATOM   374  C CB  B LYS A 1 48  ? 6.874   4.387   -7.428  0.500 17.897 0 103 LYS A CB  1 ? 
ATOM   375  C CG  A LYS A 1 48  ? 7.210   5.716   -8.066  0.500 17.790 0 103 LYS A CG  1 ? 
ATOM   376  C CG  B LYS A 1 48  ? 6.900   5.689   -8.210  0.500 19.625 0 103 LYS A CG  1 ? 
ATOM   377  C CD  A LYS A 1 48  ? 7.001   6.908   -7.140  0.500 17.833 0 103 LYS A CD  1 ? 
ATOM   378  C CD  B LYS A 1 48  ? 6.821   6.924   -7.335  0.500 20.668 0 103 LYS A CD  1 ? 
ATOM   379  C CE  A LYS A 1 48  ? 5.554   7.090   -6.729  0.500 18.345 0 103 LYS A CE  1 ? 
ATOM   380  C CE  B LYS A 1 48  ? 8.017   7.081   -6.423  0.500 22.654 0 103 LYS A CE  1 ? 
ATOM   381  N NZ  A LYS A 1 48  ? 5.373   8.148   -5.702  0.500 20.978 0 103 LYS A NZ  1 ? 
ATOM   382  N NZ  B LYS A 1 48  ? 7.938   8.341   -5.648  0.500 24.990 0 103 LYS A NZ  1 ? 
ATOM   383  N N   . LEU A 1 49  ? 6.200   1.421   -6.912  1.000 14.871 0 104 LEU A N   1 ? 
ATOM   384  C CA  . LEU A 1 49  ? 6.173   0.279   -6.007  1.000 14.826 0 104 LEU A CA  1 ? 
ATOM   385  C C   . LEU A 1 49  ? 6.909   -0.911  -6.612  1.000 14.412 0 104 LEU A C   1 ? 
ATOM   386  O O   . LEU A 1 49  ? 7.732   -1.543  -5.963  1.000 14.799 0 104 LEU A O   1 ? 
ATOM   387  C CB  . LEU A 1 49  ? 4.716   -0.090  -5.697  1.000 16.158 0 104 LEU A CB  1 ? 
ATOM   388  C CG  . LEU A 1 49  ? 4.521   -1.249  -4.724  1.000 19.516 0 104 LEU A CG  1 ? 
ATOM   389  C CD1 . LEU A 1 49  ? 4.960   -0.842  -3.327  1.000 21.430 0 104 LEU A CD1 1 ? 
ATOM   390  C CD2 . LEU A 1 49  ? 3.069   -1.715  -4.750  1.000 19.125 0 104 LEU A CD2 1 ? 
ATOM   391  N N   . ALA A 1 50  ? 6.611   -1.224  -7.874  1.000 14.948 0 105 ALA A N   1 ? 
ATOM   392  C CA  . ALA A 1 50  ? 7.126   -2.425  -8.514  1.000 14.846 0 105 ALA A CA  1 ? 
ATOM   393  C C   . ALA A 1 50  ? 8.617   -2.325  -8.824  1.000 15.239 0 105 ALA A C   1 ? 
ATOM   394  O O   . ALA A 1 50  ? 9.287   -3.341  -8.990  1.000 16.604 0 105 ALA A O   1 ? 
ATOM   395  C CB  . ALA A 1 50  ? 6.353   -2.677  -9.780  1.000 16.896 0 105 ALA A CB  1 ? 
ATOM   396  N N   . GLY A 1 51  ? 9.151   -1.104  -8.900  1.000 15.391 0 106 GLY A N   1 ? 
ATOM   397  C CA  . GLY A 1 51  ? 10.582  -0.945  -9.065  1.000 16.124 0 106 GLY A CA  1 ? 
ATOM   398  C C   . GLY A 1 51  ? 11.352  -1.186  -7.773  1.000 16.758 0 106 GLY A C   1 ? 
ATOM   399  O O   . GLY A 1 51  ? 12.563  -1.402  -7.802  1.000 17.662 0 106 GLY A O   1 ? 
ATOM   400  N N   . ARG A 1 52  ? 10.640  -1.174  -6.634  1.000 16.245 0 107 ARG A N   1 ? 
ATOM   401  C CA  . ARG A 1 52  ? 11.238  -1.193  -5.312  1.000 16.832 0 107 ARG A CA  1 ? 
ATOM   402  C C   . ARG A 1 52  ? 11.075  -2.545  -4.626  1.000 17.338 0 107 ARG A C   1 ? 
ATOM   403  O O   . ARG A 1 52  ? 11.920  -2.923  -3.819  1.000 19.039 0 107 ARG A O   1 ? 
ATOM   404  C CB  . ARG A 1 52  ? 10.627  -0.050  -4.490  1.000 17.737 0 107 ARG A CB  1 ? 
ATOM   405  C CG  . ARG A 1 52  ? 11.137  1.331   -4.916  1.000 21.144 0 107 ARG A CG  1 ? 
ATOM   406  C CD  . ARG A 1 52  ? 10.297  2.553   -4.601  1.000 21.235 0 107 ARG A CD  1 ? 
ATOM   407  N NE  . ARG A 1 52  ? 10.911  3.800   -5.061  1.000 21.440 0 107 ARG A NE  1 ? 
ATOM   408  C CZ  . ARG A 1 52  ? 11.069  4.170   -6.336  1.000 22.823 0 107 ARG A CZ  1 ? 
ATOM   409  N NH1 . ARG A 1 52  ? 10.552  3.448   -7.322  1.000 21.431 0 107 ARG A NH1 1 ? 
ATOM   410  N NH2 . ARG A 1 52  ? 11.798  5.245   -6.622  1.000 22.055 0 107 ARG A NH2 1 ? 
ATOM   411  N N   . TRP A 1 53  ? 9.961   -3.237  -4.902  1.000 17.121 0 108 TRP A N   1 ? 
ATOM   412  C CA  . TRP A 1 53  ? 9.645   -4.533  -4.330  1.000 16.654 0 108 TRP A CA  1 ? 
ATOM   413  C C   . TRP A 1 53  ? 9.211   -5.463  -5.444  1.000 17.225 0 108 TRP A C   1 ? 
ATOM   414  O O   . TRP A 1 53  ? 8.675   -5.013  -6.460  1.000 18.153 0 108 TRP A O   1 ? 
ATOM   415  C CB  . TRP A 1 53  ? 8.525   -4.445  -3.293  1.000 17.569 0 108 TRP A CB  1 ? 
ATOM   416  C CG  . TRP A 1 53  ? 8.905   -3.664  -2.082  1.000 17.968 0 108 TRP A CG  1 ? 
ATOM   417  C CD1 . TRP A 1 53  ? 8.589   -2.367  -1.804  1.000 20.675 0 108 TRP A CD1 1 ? 
ATOM   418  C CD2 . TRP A 1 53  ? 9.747   -4.117  -1.008  1.000 18.430 0 108 TRP A CD2 1 ? 
ATOM   419  N NE1 . TRP A 1 53  ? 9.163   -1.993  -0.620  1.000 21.427 0 108 TRP A NE1 1 ? 
ATOM   420  C CE2 . TRP A 1 53  ? 9.845   -3.054  -0.093  1.000 20.054 0 108 TRP A CE2 1 ? 
ATOM   421  C CE3 . TRP A 1 53  ? 10.337  -5.344  -0.699  1.000 18.903 0 108 TRP A CE3 1 ? 
ATOM   422  C CZ2 . TRP A 1 53  ? 10.580  -3.178  1.084   1.000 21.059 0 108 TRP A CZ2 1 ? 
ATOM   423  C CZ3 . TRP A 1 53  ? 11.055  -5.464  0.471   1.000 21.419 0 108 TRP A CZ3 1 ? 
ATOM   424  C CH2 . TRP A 1 53  ? 11.170  -4.384  1.346   1.000 21.784 0 108 TRP A CH2 1 ? 
ATOM   425  N N   . PRO A 1 54  ? 9.341   -6.792  -5.275  1.000 18.790 0 109 PRO A N   1 ? 
ATOM   426  C CA  . PRO A 1 54  ? 8.903   -7.708  -6.324  1.000 20.236 0 109 PRO A CA  1 ? 
ATOM   427  C C   . PRO A 1 54  ? 7.407   -7.982  -6.279  1.000 22.187 0 109 PRO A C   1 ? 
ATOM   428  O O   . PRO A 1 54  ? 6.956   -8.926  -5.616  1.000 24.551 0 109 PRO A O   1 ? 
ATOM   429  C CB  . PRO A 1 54  ? 9.748   -8.954  -6.037  1.000 21.551 0 109 PRO A CB  1 ? 
ATOM   430  C CG  . PRO A 1 54  ? 9.924   -8.925  -4.553  1.000 21.212 0 109 PRO A CG  1 ? 
ATOM   431  C CD  . PRO A 1 54  ? 10.031  -7.465  -4.162  1.000 19.407 0 109 PRO A CD  1 ? 
ATOM   432  N N   . VAL A 1 55  ? 6.664   -7.124  -6.995  1.000 19.594 0 110 VAL A N   1 ? 
ATOM   433  C CA  . VAL A 1 55  ? 5.216   -7.095  -7.002  1.000 20.328 0 110 VAL A CA  1 ? 
ATOM   434  C C   . VAL A 1 55  ? 4.699   -8.061  -8.069  1.000 21.032 0 110 VAL A C   1 ? 
ATOM   435  O O   . VAL A 1 55  ? 4.885   -7.846  -9.270  1.000 24.624 0 110 VAL A O   1 ? 
ATOM   436  C CB  . VAL A 1 55  ? 4.696   -5.668  -7.245  1.000 20.077 0 110 VAL A CB  1 ? 
ATOM   437  C CG1 . VAL A 1 55  ? 3.177   -5.630  -7.285  1.000 20.923 0 110 VAL A CG1 1 ? 
ATOM   438  C CG2 . VAL A 1 55  ? 5.209   -4.676  -6.211  1.000 19.159 0 110 VAL A CG2 1 ? 
ATOM   439  N N   . LYS A 1 56  ? 4.052   -9.131  -7.618  1.000 19.366 0 111 LYS A N   1 ? 
ATOM   440  C CA  . LYS A 1 56  ? 3.460   -10.103 -8.529  1.000 20.351 0 111 LYS A CA  1 ? 
ATOM   441  C C   . LYS A 1 56  ? 2.012   -9.741  -8.849  1.000 19.596 0 111 LYS A C   1 ? 
ATOM   442  O O   . LYS A 1 56  ? 1.582   -9.821  -9.999  1.000 19.420 0 111 LYS A O   1 ? 
ATOM   443  C CB  . LYS A 1 56  ? 3.505   -11.505 -7.911  1.000 22.028 0 111 LYS A CB  1 ? 
ATOM   444  C CG  . LYS A 1 56  ? 2.887   -12.607 -8.771  1.000 27.387 0 111 LYS A CG  1 ? 
ATOM   445  C CD  . LYS A 1 56  ? 2.730   -13.942 -8.058  1.000 32.645 0 111 LYS A CD  1 ? 
ATOM   446  C CE  . LYS A 1 56  ? 2.136   -15.006 -8.953  1.000 37.136 0 111 LYS A CE  1 ? 
ATOM   447  N NZ  . LYS A 1 56  ? 1.846   -16.250 -8.204  1.000 42.252 0 111 LYS A NZ  1 ? 
ATOM   448  N N   . THR A 1 57  ? 1.242   -9.428  -7.808  1.000 19.338 0 112 THR A N   1 ? 
ATOM   449  C CA  . THR A 1 57  ? -0.188  -9.223  -7.925  1.000 20.748 0 112 THR A CA  1 ? 
ATOM   450  C C   . THR A 1 57  ? -0.572  -8.000  -7.103  1.000 19.082 0 112 THR A C   1 ? 
ATOM   451  O O   . THR A 1 57  ? -0.097  -7.850  -5.970  1.000 19.244 0 112 THR A O   1 ? 
ATOM   452  C CB  . THR A 1 57  ? -0.963  -10.443 -7.409  1.000 23.299 0 112 THR A CB  1 ? 
ATOM   453  O OG1 . THR A 1 57  ? -0.576  -11.587 -8.178  1.000 24.247 0 112 THR A OG1 1 ? 
ATOM   454  C CG2 . THR A 1 57  ? -2.460  -10.266 -7.503  1.000 23.838 0 112 THR A CG2 1 ? 
ATOM   455  N N   . VAL A 1 58  ? -1.424  -7.152  -7.680  1.000 18.923 0 113 VAL A N   1 ? 
ATOM   456  C CA  A VAL A 1 58  ? -2.027  -6.041  -6.952  0.500 17.923 0 113 VAL A CA  1 ? 
ATOM   457  C CA  B VAL A 1 58  ? -2.027  -6.053  -6.940  0.500 19.523 0 113 VAL A CA  1 ? 
ATOM   458  C C   . VAL A 1 58  ? -3.537  -6.231  -6.953  1.000 19.127 0 113 VAL A C   1 ? 
ATOM   459  O O   . VAL A 1 58  ? -4.135  -6.301  -8.012  1.000 20.304 0 113 VAL A O   1 ? 
ATOM   460  C CB  A VAL A 1 58  ? -1.647  -4.671  -7.545  0.500 17.371 0 113 VAL A CB  1 ? 
ATOM   461  C CB  B VAL A 1 58  ? -1.633  -4.669  -7.484  0.500 21.243 0 113 VAL A CB  1 ? 
ATOM   462  C CG1 A VAL A 1 58  ? -2.419  -3.525  -6.893  0.500 15.866 0 113 VAL A CG1 1 ? 
ATOM   463  C CG1 B VAL A 1 58  ? -0.165  -4.368  -7.213  0.500 22.714 0 113 VAL A CG1 1 ? 
ATOM   464  C CG2 A VAL A 1 58  ? -0.155  -4.408  -7.416  0.500 18.976 0 113 VAL A CG2 1 ? 
ATOM   465  C CG2 B VAL A 1 58  ? -1.971  -4.482  -8.953  0.500 23.114 0 113 VAL A CG2 1 ? 
ATOM   466  N N   . HIS A 1 59  ? -4.108  -6.296  -5.755  1.000 18.447 0 114 HIS A N   1 ? 
ATOM   467  C CA  . HIS A 1 59  ? -5.544  -6.208  -5.566  1.000 19.315 0 114 HIS A CA  1 ? 
ATOM   468  C C   . HIS A 1 59  ? -5.891  -4.729  -5.573  1.000 19.402 0 114 HIS A C   1 ? 
ATOM   469  O O   . HIS A 1 59  ? -5.497  -3.984  -4.683  1.000 19.815 0 114 HIS A O   1 ? 
ATOM   470  C CB  . HIS A 1 59  ? -5.970  -6.938  -4.294  1.000 20.091 0 114 HIS A CB  1 ? 
ATOM   471  C CG  . HIS A 1 59  ? -5.717  -8.401  -4.361  1.000 23.506 0 114 HIS A CG  1 ? 
ATOM   472  N ND1 . HIS A 1 59  ? -6.684  -9.242  -4.876  1.000 29.000 0 114 HIS A ND1 1 ? 
ATOM   473  C CD2 . HIS A 1 59  ? -4.653  -9.161  -4.104  1.000 25.899 0 114 HIS A CD2 1 ? 
ATOM   474  C CE1 . HIS A 1 59  ? -6.214  -10.488 -4.887  1.000 29.111 0 114 HIS A CE1 1 ? 
ATOM   475  N NE2 . HIS A 1 59  ? -4.984  -10.469 -4.416  1.000 28.848 0 114 HIS A NE2 1 ? 
ATOM   476  N N   . THR A 1 60  ? -6.634  -4.296  -6.590  1.000 17.537 0 115 THR A N   1 ? 
ATOM   477  C CA  . THR A 1 60  ? -6.956  -2.892  -6.762  1.000 17.858 0 115 THR A CA  1 ? 
ATOM   478  C C   . THR A 1 60  ? -8.018  -2.483  -5.750  1.000 18.041 0 115 THR A C   1 ? 
ATOM   479  O O   . THR A 1 60  ? -8.735  -3.329  -5.234  1.000 18.658 0 115 THR A O   1 ? 
ATOM   480  C CB  . THR A 1 60  ? -7.387  -2.590  -8.195  1.000 20.794 0 115 THR A CB  1 ? 
ATOM   481  O OG1 . THR A 1 60  ? -8.542  -3.352  -8.547  1.000 24.084 0 115 THR A OG1 1 ? 
ATOM   482  C CG2 . THR A 1 60  ? -6.294  -2.912  -9.179  1.000 21.145 0 115 THR A CG2 1 ? 
ATOM   483  N N   . ASP A 1 61  ? -8.055  -1.188  -5.456  1.000 17.363 0 116 ASP A N   1 ? 
ATOM   484  C CA  . ASP A 1 61  ? -8.858  -0.686  -4.346  1.000 18.130 0 116 ASP A CA  1 ? 
ATOM   485  C C   . ASP A 1 61  ? -10.313 -0.466  -4.739  1.000 18.816 0 116 ASP A C   1 ? 
ATOM   486  O O   . ASP A 1 61  ? -11.154 -0.364  -3.857  1.000 19.311 0 116 ASP A O   1 ? 
ATOM   487  C CB  . ASP A 1 61  ? -8.267  0.607   -3.790  1.000 19.174 0 116 ASP A CB  1 ? 
ATOM   488  C CG  . ASP A 1 61  ? -8.027  1.717   -4.794  1.000 20.844 0 116 ASP A CG  1 ? 
ATOM   489  O OD1 . ASP A 1 61  ? -7.677  1.425   -5.952  1.000 20.470 0 116 ASP A OD1 1 ? 
ATOM   490  O OD2 . ASP A 1 61  ? -8.142  2.885   -4.397  1.000 24.698 0 116 ASP A OD2 1 ? 
ATOM   491  N N   . ASN A 1 62  ? -10.604 -0.345  -6.037  1.000 17.292 0 117 ASN A N   1 ? 
ATOM   492  C CA  . ASN A 1 62  ? -11.952 -0.051  -6.507  1.000 16.976 0 117 ASN A CA  1 ? 
ATOM   493  C C   . ASN A 1 62  ? -12.047 -0.409  -7.982  1.000 17.973 0 117 ASN A C   1 ? 
ATOM   494  O O   . ASN A 1 62  ? -11.047 -0.727  -8.627  1.000 17.459 0 117 ASN A O   1 ? 
ATOM   495  C CB  . ASN A 1 62  ? -12.356 1.397   -6.242  1.000 17.927 0 117 ASN A CB  1 ? 
ATOM   496  C CG  . ASN A 1 62  ? -11.447 2.392   -6.924  1.000 18.670 0 117 ASN A CG  1 ? 
ATOM   497  O OD1 . ASN A 1 62  ? -11.171 2.262   -8.107  1.000 19.783 0 117 ASN A OD1 1 ? 
ATOM   498  N ND2 . ASN A 1 62  ? -10.967 3.384   -6.194  1.000 22.108 0 117 ASN A ND2 1 ? 
ATOM   499  N N   . GLY A 1 63  ? -13.267 -0.410  -8.499  1.000 17.205 0 118 GLY A N   1 ? 
ATOM   500  C CA  . GLY A 1 63  ? -13.506 -0.855  -9.856  1.000 17.004 0 118 GLY A CA  1 ? 
ATOM   501  C C   . GLY A 1 63  ? -13.000 0.137   -10.904 1.000 16.800 0 118 GLY A C   1 ? 
ATOM   502  O O   . GLY A 1 63  ? -12.730 -0.263  -12.027 1.000 18.143 0 118 GLY A O   1 ? 
ATOM   503  N N   . SER A 1 64  ? -12.908 1.416   -10.561 1.000 16.913 0 119 SER A N   1 ? 
ATOM   504  C CA  . SER A 1 64  ? -12.390 2.416   -11.478 1.000 18.336 0 119 SER A CA  1 ? 
ATOM   505  C C   . SER A 1 64  ? -10.922 2.127   -11.781 1.000 19.088 0 119 SER A C   1 ? 
ATOM   506  O O   . SER A 1 64  ? -10.513 2.143   -12.931 1.000 19.806 0 119 SER A O   1 ? 
ATOM   507  C CB  . SER A 1 64  ? -12.559 3.792   -10.926 1.000 19.685 0 119 SER A CB  1 ? 
ATOM   508  O OG  . SER A 1 64  ? -13.946 4.125   -10.866 1.000 20.817 0 119 SER A OG  1 ? 
ATOM   509  N N   . ASN A 1 65  ? -10.139 1.883   -10.734 1.000 18.461 0 120 ASN A N   1 ? 
ATOM   510  C CA  . ASN A 1 65  ? -8.732  1.529   -10.939 1.000 18.548 0 120 ASN A CA  1 ? 
ATOM   511  C C   . ASN A 1 65  ? -8.565  0.152   -11.573 1.000 19.929 0 120 ASN A C   1 ? 
ATOM   512  O O   . ASN A 1 65  ? -7.601  -0.068  -12.304 1.000 20.575 0 120 ASN A O   1 ? 
ATOM   513  C CB  . ASN A 1 65  ? -7.950  1.595   -9.630  1.000 18.096 0 120 ASN A CB  1 ? 
ATOM   514  C CG  . ASN A 1 65  ? -7.456  2.992   -9.347  1.000 19.956 0 120 ASN A CG  1 ? 
ATOM   515  O OD1 . ASN A 1 65  ? -7.253  3.785   -10.270 1.000 21.475 0 120 ASN A OD1 1 ? 
ATOM   516  N ND2 . ASN A 1 65  ? -7.203  3.274   -8.079  1.000 20.487 0 120 ASN A ND2 1 ? 
ATOM   517  N N   . PHE A 1 66  ? -9.463  -0.785  -11.315 1.000 17.813 0 121 PHE A N   1 ? 
ATOM   518  C CA  . PHE A 1 66  ? -9.435  -2.073  -11.981 1.000 18.576 0 121 PHE A CA  1 ? 
ATOM   519  C C   . PHE A 1 66  ? -9.674  -1.913  -13.482 1.000 19.194 0 121 PHE A C   1 ? 
ATOM   520  O O   . PHE A 1 66  ? -9.041  -2.604  -14.288 1.000 20.756 0 121 PHE A O   1 ? 
ATOM   521  C CB  . PHE A 1 66  ? -10.470 -3.005  -11.345 1.000 19.442 0 121 PHE A CB  1 ? 
ATOM   522  C CG  . PHE A 1 66  ? -10.435 -4.423  -11.841 1.000 22.402 0 121 PHE A CG  1 ? 
ATOM   523  C CD1 . PHE A 1 66  ? -9.286  -5.184  -11.735 1.000 23.259 0 121 PHE A CD1 1 ? 
ATOM   524  C CD2 . PHE A 1 66  ? -11.566 -5.011  -12.379 1.000 27.547 0 121 PHE A CD2 1 ? 
ATOM   525  C CE1 . PHE A 1 66  ? -9.256  -6.489  -12.196 1.000 25.273 0 121 PHE A CE1 1 ? 
ATOM   526  C CE2 . PHE A 1 66  ? -11.545 -6.326  -12.820 1.000 29.260 0 121 PHE A CE2 1 ? 
ATOM   527  C CZ  . PHE A 1 66  ? -10.383 -7.059  -12.738 1.000 27.596 0 121 PHE A CZ  1 ? 
ATOM   528  N N   . THR A 1 67  ? -10.592 -1.013  -13.847 1.000 18.487 0 122 THR A N   1 ? 
ATOM   529  C CA  . THR A 1 67  ? -10.993 -0.820  -15.235 1.000 19.759 0 122 THR A CA  1 ? 
ATOM   530  C C   . THR A 1 67  ? -9.965  -0.005  -16.018 1.000 19.867 0 122 THR A C   1 ? 
ATOM   531  O O   . THR A 1 67  ? -9.785  -0.219  -17.224 1.000 21.997 0 122 THR A O   1 ? 
ATOM   532  C CB  . THR A 1 67  ? -12.356 -0.120  -15.273 1.000 20.022 0 122 THR A CB  1 ? 
ATOM   533  O OG1 . THR A 1 67  ? -13.270 -0.971  -14.579 1.000 20.902 0 122 THR A OG1 1 ? 
ATOM   534  C CG2 . THR A 1 67  ? -12.840 0.147   -16.683 1.000 21.964 0 122 THR A CG2 1 ? 
ATOM   535  N N   . SER A 1 68  ? -9.334  0.963   -15.341 1.000 19.144 0 123 SER A N   1 ? 
ATOM   536  C CA  . SER A 1 68  ? -8.526  2.001   -15.946 1.000 19.231 0 123 SER A CA  1 ? 
ATOM   537  C C   . SER A 1 68  ? -7.508  1.433   -16.933 1.000 19.401 0 123 SER A C   1 ? 
ATOM   538  O O   . SER A 1 68  ? -6.698  0.605   -16.557 1.000 18.682 0 123 SER A O   1 ? 
ATOM   539  C CB  . SER A 1 68  ? -7.807  2.754   -14.865 1.000 20.555 0 123 SER A CB  1 ? 
ATOM   540  O OG  . SER A 1 68  ? -6.805  3.609   -15.394 1.000 20.402 0 123 SER A OG  1 ? 
ATOM   541  N N   . THR A 1 69  ? -7.519  1.935   -18.169 1.000 21.843 0 124 THR A N   1 ? 
ATOM   542  C CA  . THR A 1 69  ? -6.522  1.493   -19.136 1.000 23.620 0 124 THR A CA  1 ? 
ATOM   543  C C   . THR A 1 69  ? -5.129  1.974   -18.729 1.000 21.450 0 124 THR A C   1 ? 
ATOM   544  O O   . THR A 1 69  ? -4.151  1.270   -18.984 1.000 21.034 0 124 THR A O   1 ? 
ATOM   545  C CB  . THR A 1 69  ? -6.931  1.905   -20.548 1.000 29.072 0 124 THR A CB  1 ? 
ATOM   546  O OG1 . THR A 1 69  ? -7.035  3.322   -20.570 1.000 35.398 0 124 THR A OG1 1 ? 
ATOM   547  C CG2 . THR A 1 69  ? -8.231  1.268   -20.964 1.000 29.643 0 124 THR A CG2 1 ? 
ATOM   548  N N   . THR A 1 70  ? -5.044  3.123   -18.060 1.000 21.694 0 125 THR A N   1 ? 
ATOM   549  C CA  . THR A 1 70  ? -3.757  3.646   -17.623 1.000 21.299 0 125 THR A CA  1 ? 
ATOM   550  C C   . THR A 1 70  ? -3.168  2.743   -16.536 1.000 19.201 0 125 THR A C   1 ? 
ATOM   551  O O   . THR A 1 70  ? -1.970  2.413   -16.538 1.000 17.998 0 125 THR A O   1 ? 
ATOM   552  C CB  . THR A 1 70  ? -3.892  5.097   -17.169 1.000 24.711 0 125 THR A CB  1 ? 
ATOM   553  O OG1 . THR A 1 70  ? -4.422  5.869   -18.258 1.000 28.809 0 125 THR A OG1 1 ? 
ATOM   554  C CG2 . THR A 1 70  ? -2.565  5.666   -16.750 1.000 25.011 0 125 THR A CG2 1 ? 
ATOM   555  N N   . VAL A 1 71  ? -4.013  2.300   -15.599 1.000 17.684 0 126 VAL A N   1 ? 
ATOM   556  C CA  . VAL A 1 71  ? -3.535  1.379   -14.588 1.000 17.014 0 126 VAL A CA  1 ? 
ATOM   557  C C   . VAL A 1 71  ? -3.152  0.051   -15.234 1.000 17.269 0 126 VAL A C   1 ? 
ATOM   558  O O   . VAL A 1 71  ? -2.149  -0.556  -14.876 1.000 18.205 0 126 VAL A O   1 ? 
ATOM   559  C CB  . VAL A 1 71  ? -4.556  1.186   -13.451 1.000 16.703 0 126 VAL A CB  1 ? 
ATOM   560  C CG1 . VAL A 1 71  ? -4.146  0.093   -12.478 1.000 16.182 0 126 VAL A CG1 1 ? 
ATOM   561  C CG2 . VAL A 1 71  ? -4.816  2.492   -12.730 1.000 16.502 0 126 VAL A CG2 1 ? 
ATOM   562  N N   . LYS A 1 72  ? -3.981  -0.446  -16.156 1.000 17.940 0 127 LYS A N   1 ? 
ATOM   563  C CA  . LYS A 1 72  ? -3.670  -1.695  -16.827 1.000 19.466 0 127 LYS A CA  1 ? 
ATOM   564  C C   . LYS A 1 72  ? -2.332  -1.583  -17.567 1.000 18.035 0 127 LYS A C   1 ? 
ATOM   565  O O   . LYS A 1 72  ? -1.572  -2.550  -17.551 1.000 19.126 0 127 LYS A O   1 ? 
ATOM   566  C CB  . LYS A 1 72  ? -4.800  -2.090  -17.777 1.000 21.474 0 127 LYS A CB  1 ? 
ATOM   567  C CG  . LYS A 1 72  ? -6.040  -2.640  -17.079 1.000 23.942 0 127 LYS A CG  1 ? 
ATOM   568  C CD  . LYS A 1 72  ? -7.088  -3.173  -18.038 1.000 27.722 0 127 LYS A CD  1 ? 
ATOM   569  C CE  . LYS A 1 72  ? -8.429  -3.446  -17.388 1.000 29.159 0 127 LYS A CE  1 ? 
ATOM   570  N NZ  . LYS A 1 72  ? -8.377  -4.515  -16.355 1.000 32.802 0 127 LYS A NZ  1 ? 
ATOM   571  N N   . ALA A 1 73  ? -2.066  -0.428  -18.180 1.000 17.862 0 128 ALA A N   1 ? 
ATOM   572  C CA  . ALA A 1 73  ? -0.810  -0.228  -18.907 1.000 18.944 0 128 ALA A CA  1 ? 
ATOM   573  C C   . ALA A 1 73  ? 0.387   -0.304  -17.964 1.000 18.664 0 128 ALA A C   1 ? 
ATOM   574  O O   . ALA A 1 73  ? 1.409   -0.900  -18.294 1.000 17.939 0 128 ALA A O   1 ? 
ATOM   575  C CB  . ALA A 1 73  ? -0.804  1.078   -19.632 1.000 20.099 0 128 ALA A CB  1 ? 
ATOM   576  N N   . ALA A 1 74  ? 0.292   0.327   -16.793 1.000 17.423 0 129 ALA A N   1 ? 
ATOM   577  C CA  . ALA A 1 74  ? 1.380   0.268   -15.829 1.000 17.153 0 129 ALA A CA  1 ? 
ATOM   578  C C   . ALA A 1 74  ? 1.600   -1.149  -15.329 1.000 16.690 0 129 ALA A C   1 ? 
ATOM   579  O O   . ALA A 1 74  ? 2.730   -1.581  -15.129 1.000 16.996 0 129 ALA A O   1 ? 
ATOM   580  C CB  . ALA A 1 74  ? 1.068   1.173   -14.663 1.000 17.688 0 129 ALA A CB  1 ? 
ATOM   581  N N   . CYS A 1 75  ? 0.502   -1.873  -15.073 1.000 16.434 0 130 CYS A N   1 ? 
ATOM   582  C CA  . CYS A 1 75  ? 0.600   -3.248  -14.621 1.000 17.130 0 130 CYS A CA  1 ? 
ATOM   583  C C   . CYS A 1 75  ? 1.238   -4.117  -15.703 1.000 16.592 0 130 CYS A C   1 ? 
ATOM   584  O O   . CYS A 1 75  ? 2.101   -4.922  -15.387 1.000 17.707 0 130 CYS A O   1 ? 
ATOM   585  C CB  . CYS A 1 75  ? -0.763  -3.797  -14.225 1.000 17.750 0 130 CYS A CB  1 ? 
ATOM   586  S SG  . CYS A 1 75  ? -1.361  -3.093  -12.663 1.000 20.175 0 130 CYS A SG  1 ? 
ATOM   587  N N   . TRP A 1 76  ? 0.845   -3.919  -16.970 1.000 16.817 0 131 TRP A N   1 ? 
ATOM   588  C CA  . TRP A 1 76  ? 1.511   -4.600  -18.063 1.000 17.280 0 131 TRP A CA  1 ? 
ATOM   589  C C   . TRP A 1 76  ? 3.005   -4.271  -18.039 1.000 16.299 0 131 TRP A C   1 ? 
ATOM   590  O O   . TRP A 1 76  ? 3.868   -5.160  -18.099 1.000 16.850 0 131 TRP A O   1 ? 
ATOM   591  C CB  . TRP A 1 76  ? 0.881   -4.246  -19.398 1.000 17.221 0 131 TRP A CB  1 ? 
ATOM   592  C CG  . TRP A 1 76  ? 1.764   -4.721  -20.504 1.000 17.586 0 131 TRP A CG  1 ? 
ATOM   593  C CD1 . TRP A 1 76  ? 1.910   -6.003  -20.948 1.000 19.421 0 131 TRP A CD1 1 ? 
ATOM   594  C CD2 . TRP A 1 76  ? 2.731   -3.923  -21.192 1.000 17.580 0 131 TRP A CD2 1 ? 
ATOM   595  N NE1 . TRP A 1 76  ? 2.897   -6.040  -21.900 1.000 19.250 0 131 TRP A NE1 1 ? 
ATOM   596  C CE2 . TRP A 1 76  ? 3.423   -4.790  -22.070 1.000 18.877 0 131 TRP A CE2 1 ? 
ATOM   597  C CE3 . TRP A 1 76  ? 3.081   -2.572  -21.173 1.000 18.028 0 131 TRP A CE3 1 ? 
ATOM   598  C CZ2 . TRP A 1 76  ? 4.439   -4.327  -22.902 1.000 20.021 0 131 TRP A CZ2 1 ? 
ATOM   599  C CZ3 . TRP A 1 76  ? 4.082   -2.117  -21.999 1.000 18.752 0 131 TRP A CZ3 1 ? 
ATOM   600  C CH2 . TRP A 1 76  ? 4.754   -2.994  -22.855 1.000 19.353 0 131 TRP A CH2 1 ? 
ATOM   601  N N   . TRP A 1 77  ? 3.325   -2.987  -17.953 1.000 15.848 0 132 TRP A N   1 ? 
ATOM   602  C CA  . TRP A 1 77  ? 4.713   -2.581  -18.087 1.000 16.099 0 132 TRP A CA  1 ? 
ATOM   603  C C   . TRP A 1 77  ? 5.571   -3.276  -17.029 1.000 16.134 0 132 TRP A C   1 ? 
ATOM   604  O O   . TRP A 1 77  ? 6.653   -3.808  -17.290 1.000 16.368 0 132 TRP A O   1 ? 
ATOM   605  C CB  . TRP A 1 77  ? 4.830   -1.053  -18.036 1.000 16.575 0 132 TRP A CB  1 ? 
ATOM   606  C CG  . TRP A 1 77  ? 6.159   -0.596  -18.559 1.000 15.990 0 132 TRP A CG  1 ? 
ATOM   607  C CD1 . TRP A 1 77  ? 6.437   -0.199  -19.831 1.000 16.525 0 132 TRP A CD1 1 ? 
ATOM   608  C CD2 . TRP A 1 77  ? 7.409   -0.579  -17.852 1.000 15.914 0 132 TRP A CD2 1 ? 
ATOM   609  N NE1 . TRP A 1 77  ? 7.773   0.041   -19.972 1.000 16.949 0 132 TRP A NE1 1 ? 
ATOM   610  C CE2 . TRP A 1 77  ? 8.391   -0.156  -18.772 1.000 15.967 0 132 TRP A CE2 1 ? 
ATOM   611  C CE3 . TRP A 1 77  ? 7.793   -0.829  -16.535 1.000 16.064 0 132 TRP A CE3 1 ? 
ATOM   612  C CZ2 . TRP A 1 77  ? 9.732   -0.031  -18.434 1.000 17.508 0 132 TRP A CZ2 1 ? 
ATOM   613  C CZ3 . TRP A 1 77  ? 9.115   -0.696  -16.201 1.000 15.940 0 132 TRP A CZ3 1 ? 
ATOM   614  C CH2 . TRP A 1 77  ? 10.074  -0.330  -17.140 1.000 15.854 0 132 TRP A CH2 1 ? 
ATOM   615  N N   . ALA A 1 78  ? 5.099   -3.222  -15.780 1.000 16.600 0 133 ALA A N   1 ? 
ATOM   616  C CA  . ALA A 1 78  ? 5.847   -3.688  -14.629 1.000 17.209 0 133 ALA A CA  1 ? 
ATOM   617  C C   . ALA A 1 78  ? 5.681   -5.180  -14.340 1.000 18.687 0 133 ALA A C   1 ? 
ATOM   618  O O   . ALA A 1 78  ? 6.224   -5.673  -13.349 1.000 19.711 0 133 ALA A O   1 ? 
ATOM   619  C CB  . ALA A 1 78  ? 5.387   -2.864  -13.443 1.000 16.405 0 133 ALA A CB  1 ? 
ATOM   620  N N   . GLY A 1 79  ? 4.905   -5.904  -15.160 1.000 17.668 0 134 GLY A N   1 ? 
ATOM   621  C CA  . GLY A 1 79  ? 4.698   -7.328  -14.959 1.000 20.068 0 134 GLY A CA  1 ? 
ATOM   622  C C   . GLY A 1 79  ? 3.872   -7.681  -13.725 1.000 20.740 0 134 GLY A C   1 ? 
ATOM   623  O O   . GLY A 1 79  ? 4.156   -8.686  -13.073 1.000 22.956 0 134 GLY A O   1 ? 
ATOM   624  N N   . ILE A 1 80  ? 2.863   -6.860  -13.444 1.000 19.822 0 135 ILE A N   1 ? 
ATOM   625  C CA  . ILE A 1 80  ? 1.956   -7.036  -12.317 1.000 19.955 0 135 ILE A CA  1 ? 
ATOM   626  C C   . ILE A 1 80  ? 0.653   -7.629  -12.840 1.000 20.749 0 135 ILE A C   1 ? 
ATOM   627  O O   . ILE A 1 80  ? 0.083   -7.102  -13.795 1.000 21.304 0 135 ILE A O   1 ? 
ATOM   628  C CB  . ILE A 1 80  ? 1.648   -5.685  -11.643 1.000 19.571 0 135 ILE A CB  1 ? 
ATOM   629  C CG1 . ILE A 1 80  ? 2.898   -4.962  -11.143 1.000 19.247 0 135 ILE A CG1 1 ? 
ATOM   630  C CG2 . ILE A 1 80  ? 0.638   -5.864  -10.525 1.000 20.550 0 135 ILE A CG2 1 ? 
ATOM   631  C CD1 . ILE A 1 80  ? 2.621   -3.564  -10.689 1.000 20.046 0 135 ILE A CD1 1 ? 
ATOM   632  N N   . LYS A 1 81  ? 0.178   -8.674  -12.152 1.000 21.328 0 136 LYS A N   1 ? 
ATOM   633  C CA  A LYS A 1 81  ? -1.171  -9.172  -12.352 0.500 23.441 0 136 LYS A CA  1 ? 
ATOM   634  C CA  B LYS A 1 81  ? -1.172  -9.160  -12.374 0.500 23.235 0 136 LYS A CA  1 ? 
ATOM   635  C C   . LYS A 1 81  ? -2.140  -8.269  -11.606 1.000 23.270 0 136 LYS A C   1 ? 
ATOM   636  O O   . LYS A 1 81  ? -2.088  -8.175  -10.376 1.000 22.598 0 136 LYS A O   1 ? 
ATOM   637  C CB  A LYS A 1 81  ? -1.349  -10.584 -11.797 0.500 24.871 0 136 LYS A CB  1 ? 
ATOM   638  C CB  B LYS A 1 81  ? -1.313  -10.630 -11.978 0.500 24.161 0 136 LYS A CB  1 ? 
ATOM   639  C CG  A LYS A 1 81  ? -0.548  -11.693 -12.454 0.500 27.289 0 136 LYS A CG  1 ? 
ATOM   640  C CG  B LYS A 1 81  ? -2.679  -11.234 -12.280 0.500 26.521 0 136 LYS A CG  1 ? 
ATOM   641  C CD  A LYS A 1 81  ? -0.867  -13.007 -11.782 0.500 29.922 0 136 LYS A CD  1 ? 
ATOM   642  C CD  B LYS A 1 81  ? -2.813  -12.683 -11.888 0.500 29.285 0 136 LYS A CD  1 ? 
ATOM   643  C CE  A LYS A 1 81  ? 0.032   -14.149 -12.189 0.500 30.862 0 136 LYS A CE  1 ? 
ATOM   644  C CE  B LYS A 1 81  ? -4.243  -13.164 -12.023 0.500 31.000 0 136 LYS A CE  1 ? 
ATOM   645  N NZ  A LYS A 1 81  ? -0.316  -15.372 -11.425 0.500 33.287 0 136 LYS A NZ  1 ? 
ATOM   646  N NZ  B LYS A 1 81  ? -4.537  -14.278 -11.094 0.500 34.495 0 136 LYS A NZ  1 ? 
ATOM   647  N N   . GLN A 1 82  ? -3.022  -7.626  -12.354 1.000 24.543 0 137 GLN A N   1 ? 
ATOM   648  C CA  . GLN A 1 82  ? -3.997  -6.740  -11.784 1.000 26.244 0 137 GLN A CA  1 ? 
ATOM   649  C C   . GLN A 1 82  ? -5.213  -7.575  -11.417 1.000 29.349 0 137 GLN A C   1 ? 
ATOM   650  O O   . GLN A 1 82  ? -5.724  -8.332  -12.248 1.000 31.027 0 137 GLN A O   1 ? 
ATOM   651  C CB  . GLN A 1 82  ? -4.310  -5.660  -12.809 1.000 28.098 0 137 GLN A CB  1 ? 
ATOM   652  C CG  . GLN A 1 82  ? -5.223  -4.589  -12.273 1.000 28.874 0 137 GLN A CG  1 ? 
ATOM   653  C CD  . GLN A 1 82  ? -6.041  -4.032  -13.408 1.000 28.562 0 137 GLN A CD  1 ? 
ATOM   654  O OE1 . GLN A 1 82  ? -6.538  -4.778  -14.263 1.000 31.411 0 137 GLN A OE1 1 ? 
ATOM   655  N NE2 . GLN A 1 82  ? -6.169  -2.722  -13.448 1.000 28.997 0 137 GLN A NE2 1 ? 
ATOM   656  N N   . GLU A 1 83  ? -5.637  -7.473  -10.162 1.000 26.232 0 138 GLU A N   1 ? 
ATOM   657  C CA  . GLU A 1 83  ? -6.766  -8.245  -9.687  1.000 25.752 0 138 GLU A CA  1 ? 
ATOM   658  C C   . GLU A 1 83  ? -7.775  -7.306  -9.048  1.000 24.688 0 138 GLU A C   1 ? 
ATOM   659  O O   . GLU A 1 83  ? -7.468  -6.151  -8.760  1.000 23.520 0 138 GLU A O   1 ? 
ATOM   660  C CB  . GLU A 1 83  ? -6.330  -9.342  -8.718  1.000 27.539 0 138 GLU A CB  1 ? 
ATOM   661  C CG  . GLU A 1 83  ? -5.514  -10.409 -9.432  1.000 30.629 0 138 GLU A CG  1 ? 
ATOM   662  C CD  . GLU A 1 83  ? -5.200  -11.706 -8.714  1.000 36.298 0 138 GLU A CD  1 ? 
ATOM   663  O OE1 . GLU A 1 83  ? -4.543  -12.557 -9.347  1.000 44.895 0 138 GLU A OE1 1 ? 
ATOM   664  O OE2 . GLU A 1 83  ? -5.579  -11.868 -7.549  1.000 38.127 0 138 GLU A OE2 1 ? 
ATOM   665  N N   . ASP A 1 84  ? -8.997  -7.819  -8.867  1.000 25.468 0 139 ASP A N   1 ? 
ATOM   666  C CA  . ASP A 1 84  ? -9.979  -7.105  -8.066  1.000 26.131 0 139 ASP A CA  1 ? 
ATOM   667  C C   . ASP A 1 84  ? -9.571  -7.149  -6.590  1.000 30.292 0 139 ASP A C   1 ? 
ATOM   668  O O   . ASP A 1 84  ? -8.665  -7.878  -6.204  1.000 31.166 0 139 ASP A O   1 ? 
ATOM   669  C CB  . ASP A 1 84  ? -11.384 -7.669  -8.298  1.000 29.713 0 139 ASP A CB  1 ? 
ATOM   670  C CG  . ASP A 1 84  ? -11.572 -9.063  -7.729  1.000 31.352 0 139 ASP A CG  1 ? 
ATOM   671  O OD1 . ASP A 1 84  ? -11.408 -9.229  -6.506  1.000 31.954 0 139 ASP A OD1 1 ? 
ATOM   672  O OD2 . ASP A 1 84  ? -11.933 -9.951  -8.507  1.000 35.146 0 139 ASP A OD2 1 ? 
ATOM   673  N N   . GLY A 1 85  ? -10.254 -6.366  -5.744  1.000 29.602 0 140 GLY A N   1 ? 
ATOM   674  C CA  . GLY A 1 85  ? -9.984  -6.353  -4.315  1.000 30.650 0 140 GLY A CA  1 ? 
ATOM   675  C C   . GLY A 1 85  ? -11.222 -6.714  -3.501  1.000 32.441 0 140 GLY A C   1 ? 
ATOM   676  O O   . GLY A 1 85  ? -11.396 -6.238  -2.371  1.000 31.741 0 140 GLY A O   1 ? 
ATOM   677  N N   . ILE A 1 86  ? -12.067 -7.559  -4.102  1.000 32.682 0 141 ILE A N   1 ? 
ATOM   678  C CA  . ILE A 1 86  ? -13.297 -8.011  -3.468  1.000 32.841 0 141 ILE A CA  1 ? 
ATOM   679  C C   . ILE A 1 86  ? -12.914 -8.811  -2.227  1.000 37.904 0 141 ILE A C   1 ? 
ATOM   680  O O   . ILE A 1 86  ? -12.060 -9.699  -2.305  1.000 34.162 0 141 ILE A O   1 ? 
ATOM   681  C CB  . ILE A 1 86  ? -14.158 -8.814  -4.460  1.000 33.083 0 141 ILE A CB  1 ? 
ATOM   682  C CG1 . ILE A 1 86  ? -14.591 -7.937  -5.642  1.000 33.209 0 141 ILE A CG1 1 ? 
ATOM   683  C CG2 . ILE A 1 86  ? -15.356 -9.438  -3.754  1.000 34.887 0 141 ILE A CG2 1 ? 
ATOM   684  C CD1 . ILE A 1 86  ? -15.136 -8.687  -6.837  1.000 31.425 0 141 ILE A CD1 1 ? 
ATOM   685  N N   . PRO A 1 87  ? -13.497 -8.489  -1.047  1.000 39.561 0 142 PRO A N   1 ? 
ATOM   686  C CA  . PRO A 1 87  ? -13.159 -9.178  0.198   1.000 39.409 0 142 PRO A CA  1 ? 
ATOM   687  C C   . PRO A 1 87  ? -13.908 -10.503 0.353   1.000 43.767 0 142 PRO A C   1 ? 
ATOM   688  O O   . PRO A 1 87  ? -14.822 -10.619 1.170   1.000 44.226 0 142 PRO A O   1 ? 
ATOM   689  C CB  . PRO A 1 87  ? -13.568 -8.141  1.255   1.000 39.532 0 142 PRO A CB  1 ? 
ATOM   690  C CG  . PRO A 1 87  ? -14.785 -7.467  0.647   1.000 39.120 0 142 PRO A CG  1 ? 
ATOM   691  C CD  . PRO A 1 87  ? -14.495 -7.421  -0.841  1.000 40.011 0 142 PRO A CD  1 ? 
ATOM   692  N N   . TYR A 1 88  ? -13.507 -11.499 -0.445  1.000 46.369 0 143 TYR A N   1 ? 
ATOM   693  C CA  . TYR A 1 88  ? -14.099 -12.827 -0.378  1.000 49.464 0 143 TYR A CA  1 ? 
ATOM   694  C C   . TYR A 1 88  ? -13.940 -13.378 1.036   1.000 51.286 0 143 TYR A C   1 ? 
ATOM   695  O O   . TYR A 1 88  ? -14.824 -14.075 1.538   1.000 51.386 0 143 TYR A O   1 ? 
ATOM   696  C CB  . TYR A 1 88  ? -13.466 -13.755 -1.415  1.000 51.634 0 143 TYR A CB  1 ? 
ATOM   697  C CG  . TYR A 1 88  ? -13.797 -13.399 -2.841  1.000 53.343 0 143 TYR A CG  1 ? 
ATOM   698  C CD1 . TYR A 1 88  ? -15.080 -13.572 -3.337  1.000 55.930 0 143 TYR A CD1 1 ? 
ATOM   699  C CD2 . TYR A 1 88  ? -12.840 -12.863 -3.688  1.000 54.491 0 143 TYR A CD2 1 ? 
ATOM   700  C CE1 . TYR A 1 88  ? -15.400 -13.242 -4.645  1.000 57.142 0 143 TYR A CE1 1 ? 
ATOM   701  C CE2 . TYR A 1 88  ? -13.141 -12.529 -4.998  1.000 55.682 0 143 TYR A CE2 1 ? 
ATOM   702  C CZ  . TYR A 1 88  ? -14.426 -12.718 -5.477  1.000 57.407 0 143 TYR A CZ  1 ? 
ATOM   703  O OH  . TYR A 1 88  ? -14.728 -12.391 -6.777  1.000 60.898 0 143 TYR A OH  1 ? 
ATOM   704  N N   . ASN A 1 89  ? -12.797 -13.053 1.653   1.000 48.759 0 144 ASN A N   1 ? 
ATOM   705  C CA  . ASN A 1 89  ? -12.627 -13.181 3.091   1.000 49.256 0 144 ASN A CA  1 ? 
ATOM   706  C C   . ASN A 1 89  ? -12.979 -11.837 3.724   1.000 48.664 0 144 ASN A C   1 ? 
ATOM   707  O O   . ASN A 1 89  ? -12.247 -10.861 3.557   1.000 46.836 0 144 ASN A O   1 ? 
ATOM   708  C CB  . ASN A 1 89  ? -11.213 -13.644 3.460   1.000 50.584 0 144 ASN A CB  1 ? 
ATOM   709  C CG  . ASN A 1 89  ? -11.023 -13.823 4.952   1.000 51.843 0 144 ASN A CG  1 ? 
ATOM   710  O OD1 . ASN A 1 89  ? -11.877 -13.436 5.747   1.000 51.564 0 144 ASN A OD1 1 ? 
ATOM   711  N ND2 . ASN A 1 89  ? -9.898  -14.397 5.346   1.000 54.524 0 144 ASN A ND2 1 ? 
ATOM   712  N N   . PRO A 1 90  ? -14.104 -11.736 4.470   1.000 46.259 0 145 PRO A N   1 ? 
ATOM   713  C CA  . PRO A 1 90  ? -14.601 -10.438 4.937   1.000 48.193 0 145 PRO A CA  1 ? 
ATOM   714  C C   . PRO A 1 90  ? -13.711 -9.713  5.947   1.000 51.356 0 145 PRO A C   1 ? 
ATOM   715  O O   . PRO A 1 90  ? -13.872 -8.512  6.148   1.000 53.767 0 145 PRO A O   1 ? 
ATOM   716  C CB  . PRO A 1 90  ? -15.946 -10.786 5.591   1.000 46.352 0 145 PRO A CB  1 ? 
ATOM   717  C CG  . PRO A 1 90  ? -15.782 -12.225 6.015   1.000 45.252 0 145 PRO A CG  1 ? 
ATOM   718  C CD  . PRO A 1 90  ? -14.953 -12.854 4.915   1.000 46.978 0 145 PRO A CD  1 ? 
ATOM   719  N N   . GLN A 1 91  ? -12.767 -10.432 6.572   1.000 54.508 0 146 GLN A N   1 ? 
ATOM   720  C CA  . GLN A 1 91  ? -11.864 -9.824  7.541   1.000 58.938 0 146 GLN A CA  1 ? 
ATOM   721  C C   . GLN A 1 91  ? -10.948 -8.801  6.866   1.000 59.482 0 146 GLN A C   1 ? 
ATOM   722  O O   . GLN A 1 91  ? -10.321 -7.996  7.551   1.000 59.668 0 146 GLN A O   1 ? 
ATOM   723  C CB  . GLN A 1 91  ? -11.047 -10.891 8.278   1.000 61.379 0 146 GLN A CB  1 ? 
ATOM   724  C CG  . GLN A 1 91  ? -11.823 -11.576 9.398   1.000 63.503 0 146 GLN A CG  1 ? 
ATOM   725  C CD  . GLN A 1 91  ? -10.951 -12.394 10.320  1.000 68.090 0 146 GLN A CD  1 ? 
ATOM   726  O OE1 . GLN A 1 91  ? -9.764  -12.600 10.072  1.000 72.075 0 146 GLN A OE1 1 ? 
ATOM   727  N NE2 . GLN A 1 91  ? -11.542 -12.877 11.402  1.000 67.582 0 146 GLN A NE2 1 ? 
ATOM   728  N N   . SER A 1 92  ? -10.883 -8.829  5.528   1.000 62.680 0 147 SER A N   1 ? 
ATOM   729  C CA  . SER A 1 92  ? -10.056 -7.908  4.763   1.000 61.693 0 147 SER A CA  1 ? 
ATOM   730  C C   . SER A 1 92  ? -10.515 -6.461  4.942   1.000 60.413 0 147 SER A C   1 ? 
ATOM   731  O O   . SER A 1 92  ? -9.690  -5.586  5.204   1.000 60.776 0 147 SER A O   1 ? 
ATOM   732  C CB  . SER A 1 92  ? -10.039 -8.303  3.311   1.000 62.205 0 147 SER A CB  1 ? 
ATOM   733  O OG  . SER A 1 92  ? -9.507  -9.610  3.157   1.000 63.656 0 147 SER A OG  1 ? 
ATOM   734  N N   . GLN A 1 93  ? -11.825 -6.204  4.809   1.000 57.909 0 148 GLN A N   1 ? 
ATOM   735  C CA  . GLN A 1 93  ? -12.332 -4.840  4.846   1.000 56.862 0 148 GLN A CA  1 ? 
ATOM   736  C C   . GLN A 1 93  ? -12.042 -4.221  6.215   1.000 56.162 0 148 GLN A C   1 ? 
ATOM   737  O O   . GLN A 1 93  ? -11.666 -3.052  6.293   1.000 54.890 0 148 GLN A O   1 ? 
ATOM   738  C CB  . GLN A 1 93  ? -13.815 -4.791  4.456   1.000 61.624 0 148 GLN A CB  1 ? 
ATOM   739  C CG  . GLN A 1 93  ? -14.778 -5.348  5.498   1.000 62.875 0 148 GLN A CG  1 ? 
ATOM   740  C CD  . GLN A 1 93  ? -16.120 -5.717  4.906   1.000 65.864 0 148 GLN A CD  1 ? 
ATOM   741  O OE1 . GLN A 1 93  ? -16.246 -6.693  4.169   1.000 65.243 0 148 GLN A OE1 1 ? 
ATOM   742  N NE2 . GLN A 1 93  ? -17.144 -4.948  5.241   1.000 61.528 0 148 GLN A NE2 1 ? 
ATOM   743  N N   . GLY A 1 94  ? -12.176 -5.022  7.284   1.000 52.470 0 149 GLY A N   1 ? 
ATOM   744  C CA  . GLY A 1 94  ? -11.938 -4.560  8.642   1.000 48.081 0 149 GLY A CA  1 ? 
ATOM   745  C C   . GLY A 1 94  ? -10.464 -4.256  8.910   1.000 45.214 0 149 GLY A C   1 ? 
ATOM   746  O O   . GLY A 1 94  ? -10.144 -3.294  9.606   1.000 41.951 0 149 GLY A O   1 ? 
ATOM   747  N N   . VAL A 1 95  ? -9.574  -5.087  8.359   1.000 43.333 0 150 VAL A N   1 ? 
ATOM   748  C CA  . VAL A 1 95  ? -8.143  -4.949  8.589   1.000 42.031 0 150 VAL A CA  1 ? 
ATOM   749  C C   . VAL A 1 95  ? -7.635  -3.676  7.910   1.000 41.155 0 150 VAL A C   1 ? 
ATOM   750  O O   . VAL A 1 95  ? -6.856  -2.942  8.508   1.000 38.815 0 150 VAL A O   1 ? 
ATOM   751  C CB  . VAL A 1 95  ? -7.371  -6.194  8.118   1.000 45.686 0 150 VAL A CB  1 ? 
ATOM   752  C CG1 . VAL A 1 95  ? -5.878  -5.929  7.960   1.000 45.303 0 150 VAL A CG1 1 ? 
ATOM   753  C CG2 . VAL A 1 95  ? -7.605  -7.374  9.051   1.000 46.228 0 150 VAL A CG2 1 ? 
ATOM   754  N N   . ILE A 1 96  ? -8.082  -3.423  6.673   1.000 39.336 0 151 ILE A N   1 ? 
ATOM   755  C CA  . ILE A 1 96  ? -7.715  -2.205  5.965   1.000 36.956 0 151 ILE A CA  1 ? 
ATOM   756  C C   . ILE A 1 96  ? -8.294  -1.001  6.707   1.000 35.863 0 151 ILE A C   1 ? 
ATOM   757  O O   . ILE A 1 96  ? -7.631  0.022   6.843   1.000 32.802 0 151 ILE A O   1 ? 
ATOM   758  C CB  . ILE A 1 96  ? -8.163  -2.262  4.489   1.000 37.234 0 151 ILE A CB  1 ? 
ATOM   759  C CG1 . ILE A 1 96  ? -7.432  -3.367  3.722   1.000 39.065 0 151 ILE A CG1 1 ? 
ATOM   760  C CG2 . ILE A 1 96  ? -8.000  -0.912  3.803   1.000 37.691 0 151 ILE A CG2 1 ? 
ATOM   761  C CD1 . ILE A 1 96  ? -5.921  -3.207  3.692   1.000 39.768 0 151 ILE A CD1 1 ? 
ATOM   762  N N   . GLU A 1 97  ? -9.531  -1.118  7.208   1.000 34.646 0 152 GLU A N   1 ? 
ATOM   763  C CA  . GLU A 1 97  ? -10.140 -0.027  7.953   1.000 37.247 0 152 GLU A CA  1 ? 
ATOM   764  C C   . GLU A 1 97  ? -9.323  0.283   9.207   1.000 33.422 0 152 GLU A C   1 ? 
ATOM   765  O O   . GLU A 1 97  ? -9.093  1.451   9.511   1.000 32.916 0 152 GLU A O   1 ? 
ATOM   766  C CB  . GLU A 1 97  ? -11.601 -0.334  8.301   1.000 41.816 0 152 GLU A CB  1 ? 
ATOM   767  C CG  . GLU A 1 97  ? -12.567 -0.030  7.167   1.000 46.388 0 152 GLU A CG  1 ? 
ATOM   768  C CD  . GLU A 1 97  ? -12.665 1.439   6.779   1.000 50.530 0 152 GLU A CD  1 ? 
ATOM   769  O OE1 . GLU A 1 97  ? -13.012 2.266   7.650   1.000 53.937 0 152 GLU A OE1 1 ? 
ATOM   770  O OE2 . GLU A 1 97  ? -12.391 1.755   5.605   1.000 58.531 0 152 GLU A OE2 1 ? 
ATOM   771  N N   . SER A 1 98  ? -8.879  -0.752  9.924   1.000 34.996 0 153 SER A N   1 ? 
ATOM   772  C CA  A SER A 1 98  ? -8.098  -0.567  11.137  0.500 35.218 0 153 SER A CA  1 ? 
ATOM   773  C CA  B SER A 1 98  ? -8.106  -0.550  11.139  0.500 35.169 0 153 SER A CA  1 ? 
ATOM   774  C C   . SER A 1 98  ? -6.753  0.077   10.808  1.000 32.976 0 153 SER A C   1 ? 
ATOM   775  O O   . SER A 1 98  ? -6.248  0.905   11.559  1.000 34.330 0 153 SER A O   1 ? 
ATOM   776  C CB  A SER A 1 98  ? -7.911  -1.868  11.876  0.500 37.715 0 153 SER A CB  1 ? 
ATOM   777  C CB  B SER A 1 98  ? -7.948  -1.831  11.917  0.500 37.584 0 153 SER A CB  1 ? 
ATOM   778  O OG  A SER A 1 98  ? -9.129  -2.287  12.473  0.500 39.389 0 153 SER A OG  1 ? 
ATOM   779  O OG  B SER A 1 98  ? -7.251  -2.803  11.155  0.500 39.005 0 153 SER A OG  1 ? 
ATOM   780  N N   . MET A 1 99  ? -6.172  -0.301  9.673   1.000 32.597 0 154 MET A N   1 ? 
ATOM   781  C CA  . MET A 1 99  ? -4.896  0.290   9.299   1.000 30.675 0 154 MET A CA  1 ? 
ATOM   782  C C   . MET A 1 99  ? -5.078  1.767   8.947   1.000 28.223 0 154 MET A C   1 ? 
ATOM   783  O O   . MET A 1 99  ? -4.245  2.589   9.313   1.000 27.660 0 154 MET A O   1 ? 
ATOM   784  C CB  . MET A 1 99  ? -4.266  -0.418  8.109   1.000 34.541 0 154 MET A CB  1 ? 
ATOM   785  C CG  . MET A 1 99  ? -2.981  0.235   7.678   1.000 35.249 0 154 MET A CG  1 ? 
ATOM   786  S SD  . MET A 1 99  ? -2.520  -0.526  6.155   1.000 37.399 0 154 MET A SD  1 ? 
ATOM   787  C CE  . MET A 1 99  ? -3.582  0.362   5.020   1.000 36.706 0 154 MET A CE  1 ? 
ATOM   788  N N   . ASN A 1 100 ? -6.179  2.119   8.274   1.000 26.307 0 155 ASN A N   1 ? 
ATOM   789  C CA  . ASN A 1 100 ? -6.438  3.513   7.959   1.000 25.766 0 155 ASN A CA  1 ? 
ATOM   790  C C   . ASN A 1 100 ? -6.585  4.326   9.246   1.000 24.218 0 155 ASN A C   1 ? 
ATOM   791  O O   . ASN A 1 100 ? -6.070  5.436   9.336   1.000 24.763 0 155 ASN A O   1 ? 
ATOM   792  C CB  . ASN A 1 100 ? -7.647  3.680   7.024   1.000 26.056 0 155 ASN A CB  1 ? 
ATOM   793  C CG  . ASN A 1 100 ? -7.373  3.192   5.616   1.000 27.893 0 155 ASN A CG  1 ? 
ATOM   794  O OD1 . ASN A 1 100 ? -6.213  3.064   5.222   1.000 25.405 0 155 ASN A OD1 1 ? 
ATOM   795  N ND2 . ASN A 1 100 ? -8.425  2.920   4.855   1.000 26.138 0 155 ASN A ND2 1 ? 
ATOM   796  N N   . LYS A 1 101 ? -7.302  3.770   10.235  1.000 28.374 0 156 LYS A N   1 ? 
ATOM   797  C CA  . LYS A 1 101 ? -7.475  4.427   11.523  1.000 29.476 0 156 LYS A CA  1 ? 
ATOM   798  C C   . LYS A 1 101 ? -6.124  4.619   12.220  1.000 26.388 0 156 LYS A C   1 ? 
ATOM   799  O O   . LYS A 1 101 ? -5.857  5.697   12.737  1.000 28.820 0 156 LYS A O   1 ? 
ATOM   800  C CB  . LYS A 1 101 ? -8.432  3.617   12.405  1.000 34.355 0 156 LYS A CB  1 ? 
ATOM   801  C CG  . LYS A 1 101 ? -9.873  3.544   11.915  1.000 40.307 0 156 LYS A CG  1 ? 
ATOM   802  C CD  . LYS A 1 101 ? -10.727 2.586   12.730  1.000 45.052 0 156 LYS A CD  1 ? 
ATOM   803  C CE  . LYS A 1 101 ? -12.158 2.485   12.242  1.000 50.991 0 156 LYS A CE  1 ? 
ATOM   804  N NZ  . LYS A 1 101 ? -12.875 3.776   12.382  1.000 53.517 0 156 LYS A NZ  1 ? 
ATOM   805  N N   . GLU A 1 102 ? -5.271  3.583   12.183  1.000 29.576 0 157 GLU A N   1 ? 
ATOM   806  C CA  . GLU A 1 102 ? -3.933  3.636   12.763  1.000 30.319 0 157 GLU A CA  1 ? 
ATOM   807  C C   . GLU A 1 102 ? -3.104  4.734   12.096  1.000 27.407 0 157 GLU A C   1 ? 
ATOM   808  O O   . GLU A 1 102 ? -2.483  5.553   12.763  1.000 26.619 0 157 GLU A O   1 ? 
ATOM   809  C CB  . GLU A 1 102 ? -3.168  2.322   12.584  1.000 33.291 0 157 GLU A CB  1 ? 
ATOM   810  C CG  . GLU A 1 102 ? -1.752  2.364   13.165  1.000 36.246 0 157 GLU A CG  1 ? 
ATOM   811  C CD  . GLU A 1 102 ? -0.645  1.688   12.365  1.000 40.594 0 157 GLU A CD  1 ? 
ATOM   812  O OE1 . GLU A 1 102 ? -0.673  1.781   11.129  1.000 46.310 0 157 GLU A OE1 1 ? 
ATOM   813  O OE2 . GLU A 1 102 ? 0.286   1.132   12.985  1.000 42.595 0 157 GLU A OE2 1 ? 
ATOM   814  N N   . LEU A 1 103 ? -3.113  4.765   10.762  1.000 26.517 0 158 LEU A N   1 ? 
ATOM   815  C CA  . LEU A 1 103 ? -2.339  5.752   10.038  1.000 25.145 0 158 LEU A CA  1 ? 
ATOM   816  C C   . LEU A 1 103 ? -2.800  7.167   10.365  1.000 22.482 0 158 LEU A C   1 ? 
ATOM   817  O O   . LEU A 1 103 ? -1.999  8.060   10.576  1.000 23.333 0 158 LEU A O   1 ? 
ATOM   818  C CB  . LEU A 1 103 ? -2.429  5.447   8.541   1.000 25.427 0 158 LEU A CB  1 ? 
ATOM   819  C CG  . LEU A 1 103 ? -1.627  4.233   8.094   1.000 27.838 0 158 LEU A CG  1 ? 
ATOM   820  C CD1 . LEU A 1 103 ? -1.802  3.998   6.603   1.000 29.023 0 158 LEU A CD1 1 ? 
ATOM   821  C CD2 . LEU A 1 103 ? -0.147  4.418   8.422   1.000 29.408 0 158 LEU A CD2 1 ? 
ATOM   822  N N   . LYS A 1 104 ? -4.123  7.383   10.445  1.000 23.359 0 159 LYS A N   1 ? 
ATOM   823  C CA  . LYS A 1 104 ? -4.630  8.700   10.760  1.000 23.420 0 159 LYS A CA  1 ? 
ATOM   824  C C   . LYS A 1 104 ? -4.293  9.097   12.199  1.000 21.308 0 159 LYS A C   1 ? 
ATOM   825  O O   . LYS A 1 104 ? -4.020  10.261  12.443  1.000 25.149 0 159 LYS A O   1 ? 
ATOM   826  C CB  . LYS A 1 104 ? -6.131  8.736   10.474  1.000 24.625 0 159 LYS A CB  1 ? 
ATOM   827  C CG  . LYS A 1 104 ? -6.450  8.719   8.991   1.000 24.933 0 159 LYS A CG  1 ? 
ATOM   828  C CD  . LYS A 1 104 ? -7.940  8.695   8.730   1.000 24.926 0 159 LYS A CD  1 ? 
ATOM   829  C CE  . LYS A 1 104 ? -8.226  8.693   7.247   1.000 26.831 0 159 LYS A CE  1 ? 
ATOM   830  N NZ  . LYS A 1 104 ? -9.685  8.609   6.995   1.000 28.302 0 159 LYS A NZ  1 ? 
ATOM   831  N N   . LYS A 1 105 ? -4.247  8.108   13.098  1.000 25.192 0 160 LYS A N   1 ? 
ATOM   832  C CA  . LYS A 1 105 ? -3.858  8.355   14.478  1.000 26.157 0 160 LYS A CA  1 ? 
ATOM   833  C C   . LYS A 1 105 ? -2.402  8.816   14.544  1.000 24.716 0 160 LYS A C   1 ? 
ATOM   834  O O   . LYS A 1 105 ? -2.095  9.818   15.180  1.000 26.963 0 160 LYS A O   1 ? 
ATOM   835  C CB  . LYS A 1 105 ? -4.048  7.112   15.351  1.000 30.610 0 160 LYS A CB  1 ? 
ATOM   836  C CG  . LYS A 1 105 ? -3.667  7.314   16.815  1.000 35.177 0 160 LYS A CG  1 ? 
ATOM   837  C CD  . LYS A 1 105 ? -4.064  6.168   17.720  1.000 41.402 0 160 LYS A CD  1 ? 
ATOM   838  C CE  . LYS A 1 105 ? -3.071  5.024   17.739  1.000 45.967 0 160 LYS A CE  1 ? 
ATOM   839  N NZ  . LYS A 1 105 ? -3.469  3.978   18.714  1.000 49.849 0 160 LYS A NZ  1 ? 
ATOM   840  N N   . ILE A 1 106 ? -1.525  8.127   13.809  1.000 26.415 0 161 ILE A N   1 ? 
ATOM   841  C CA  . ILE A 1 106 ? -0.125  8.528   13.773  1.000 25.574 0 161 ILE A CA  1 ? 
ATOM   842  C C   . ILE A 1 106 ? 0.022   9.897   13.115  1.000 23.510 0 161 ILE A C   1 ? 
ATOM   843  O O   . ILE A 1 106 ? 0.762   10.759  13.575  1.000 23.945 0 161 ILE A O   1 ? 
ATOM   844  C CB  . ILE A 1 106 ? 0.761   7.482   13.073  1.000 24.908 0 161 ILE A CB  1 ? 
ATOM   845  C CG1 . ILE A 1 106 ? 0.664   6.092   13.706  1.000 26.924 0 161 ILE A CG1 1 ? 
ATOM   846  C CG2 . ILE A 1 106 ? 2.193   7.988   13.034  1.000 24.936 0 161 ILE A CG2 1 ? 
ATOM   847  C CD1 . ILE A 1 106 ? 1.146   4.978   12.812  1.000 27.410 0 161 ILE A CD1 1 ? 
ATOM   848  N N   . ILE A 1 107 ? -0.663  10.129  11.981  1.000 21.375 0 162 ILE A N   1 ? 
ATOM   849  C CA  . ILE A 1 107 ? -0.615  11.446  11.381  1.000 22.709 0 162 ILE A CA  1 ? 
ATOM   850  C C   . ILE A 1 107 ? -0.966  12.519  12.417  1.000 22.143 0 162 ILE A C   1 ? 
ATOM   851  O O   . ILE A 1 107 ? -0.325  13.551  12.479  1.000 23.639 0 162 ILE A O   1 ? 
ATOM   852  C CB  . ILE A 1 107 ? -1.485  11.506  10.100  1.000 22.274 0 162 ILE A CB  1 ? 
ATOM   853  C CG1 . ILE A 1 107 ? -0.895  10.618  8.996   1.000 24.076 0 162 ILE A CG1 1 ? 
ATOM   854  C CG2 . ILE A 1 107 ? -1.676  12.936  9.639   1.000 24.887 0 162 ILE A CG2 1 ? 
ATOM   855  C CD1 . ILE A 1 107 ? -1.884  10.229  7.896   1.000 23.297 0 162 ILE A CD1 1 ? 
ATOM   856  N N   . GLY A 1 108 ? -2.014  12.308  13.224  1.000 24.054 0 163 GLY A N   1 ? 
ATOM   857  C CA  . GLY A 1 108 ? -2.359  13.282  14.250  1.000 26.934 0 163 GLY A CA  1 ? 
ATOM   858  C C   . GLY A 1 108 ? -1.249  13.490  15.281  1.000 25.016 0 163 GLY A C   1 ? 
ATOM   859  O O   . GLY A 1 108 ? -1.017  14.612  15.732  1.000 29.103 0 163 GLY A O   1 ? 
ATOM   860  N N   . GLN A 1 109 ? -0.559  12.402  15.631  1.000 25.059 0 164 GLN A N   1 ? 
ATOM   861  C CA  . GLN A 1 109 ? 0.507   12.453  16.625  1.000 27.213 0 164 GLN A CA  1 ? 
ATOM   862  C C   . GLN A 1 109 ? 1.731   13.212  16.115  1.000 28.726 0 164 GLN A C   1 ? 
ATOM   863  O O   . GLN A 1 109 ? 2.501   13.723  16.926  1.000 28.706 0 164 GLN A O   1 ? 
ATOM   864  C CB  . GLN A 1 109 ? 0.920   11.047  17.051  1.000 28.805 0 164 GLN A CB  1 ? 
ATOM   865  C CG  . GLN A 1 109 ? -0.127  10.322  17.882  1.000 30.752 0 164 GLN A CG  1 ? 
ATOM   866  C CD  . GLN A 1 109 ? 0.203   8.866   18.085  1.000 35.839 0 164 GLN A CD  1 ? 
ATOM   867  O OE1 . GLN A 1 109 ? 1.151   8.332   17.506  1.000 43.564 0 164 GLN A OE1 1 ? 
ATOM   868  N NE2 . GLN A 1 109 ? -0.600  8.195   18.895  1.000 37.517 0 164 GLN A NE2 1 ? 
ATOM   869  N N   . VAL A 1 110 ? 1.913   13.304  14.783  1.000 27.406 0 165 VAL A N   1 ? 
ATOM   870  C CA  . VAL A 1 110 ? 3.061   14.000  14.211  1.000 27.372 0 165 VAL A CA  1 ? 
ATOM   871  C C   . VAL A 1 110 ? 2.642   15.283  13.512  1.000 30.305 0 165 VAL A C   1 ? 
ATOM   872  O O   . VAL A 1 110 ? 3.481   16.092  13.107  1.000 29.101 0 165 VAL A O   1 ? 
ATOM   873  C CB  . VAL A 1 110 ? 3.832   13.126  13.200  1.000 25.316 0 165 VAL A CB  1 ? 
ATOM   874  C CG1 . VAL A 1 110 ? 4.330   11.847  13.822  1.000 24.165 0 165 VAL A CG1 1 ? 
ATOM   875  C CG2 . VAL A 1 110 ? 3.004   12.827  11.943  1.000 24.458 0 165 VAL A CG2 1 ? 
ATOM   876  N N   . ARG A 1 111 ? 1.329   15.440  13.303  1.000 34.956 0 166 ARG A N   1 ? 
ATOM   877  C CA  . ARG A 1 111 ? 0.862   16.405  12.324  1.000 36.908 0 166 ARG A CA  1 ? 
ATOM   878  C C   . ARG A 1 111 ? 1.533   17.756  12.550  1.000 36.317 0 166 ARG A C   1 ? 
ATOM   879  O O   . ARG A 1 111 ? 1.850   18.438  11.581  1.000 36.689 0 166 ARG A O   1 ? 
ATOM   880  C CB  . ARG A 1 111 ? -0.663  16.539  12.356  1.000 39.595 0 166 ARG A CB  1 ? 
ATOM   881  C CG  . ARG A 1 111 ? -1.219  17.336  11.186  1.000 40.905 0 166 ARG A CG  1 ? 
ATOM   882  C CD  . ARG A 1 111 ? -1.001  16.645  9.852   1.000 40.555 0 166 ARG A CD  1 ? 
ATOM   883  N NE  . ARG A 1 111 ? -1.261  17.514  8.716   1.000 40.402 0 166 ARG A NE  1 ? 
ATOM   884  C CZ  . ARG A 1 111 ? -0.455  18.479  8.299   1.000 39.062 0 166 ARG A CZ  1 ? 
ATOM   885  N NH1 . ARG A 1 111 ? 0.701   18.688  8.905   1.000 41.722 0 166 ARG A NH1 1 ? 
ATOM   886  N NH2 . ARG A 1 111 ? -0.804  19.226  7.267   1.000 39.402 0 166 ARG A NH2 1 ? 
ATOM   887  N N   . ASP A 1 112 ? 1.759   18.125  13.823  1.000 38.843 0 167 ASP A N   1 ? 
ATOM   888  C CA  . ASP A 1 112 ? 2.289   19.434  14.183  1.000 41.204 0 167 ASP A CA  1 ? 
ATOM   889  C C   . ASP A 1 112 ? 3.809   19.549  13.999  1.000 40.799 0 167 ASP A C   1 ? 
ATOM   890  O O   . ASP A 1 112 ? 4.349   20.650  14.062  1.000 44.125 0 167 ASP A O   1 ? 
ATOM   891  C CB  . ASP A 1 112 ? 1.965   19.761  15.642  1.000 47.646 0 167 ASP A CB  1 ? 
ATOM   892  C CG  . ASP A 1 112 ? 2.820   18.992  16.634  1.000 53.432 0 167 ASP A CG  1 ? 
ATOM   893  O OD1 . ASP A 1 112 ? 2.937   17.761  16.468  1.000 55.769 0 167 ASP A OD1 1 ? 
ATOM   894  O OD2 . ASP A 1 112 ? 3.357   19.630  17.568  1.000 55.893 0 167 ASP A OD2 1 ? 
ATOM   895  N N   . GLN A 1 113 ? 4.516   18.423  13.843  1.000 32.199 0 168 GLN A N   1 ? 
ATOM   896  C CA  . GLN A 1 113 ? 5.938   18.436  13.525  1.000 28.836 0 168 GLN A CA  1 ? 
ATOM   897  C C   . GLN A 1 113 ? 6.148   18.695  12.038  1.000 29.455 0 168 GLN A C   1 ? 
ATOM   898  O O   . GLN A 1 113 ? 7.277   18.879  11.589  1.000 30.238 0 168 GLN A O   1 ? 
ATOM   899  C CB  . GLN A 1 113 ? 6.568   17.071  13.804  1.000 24.366 0 168 GLN A CB  1 ? 
ATOM   900  C CG  . GLN A 1 113 ? 6.611   16.717  15.279  1.000 25.520 0 168 GLN A CG  1 ? 
ATOM   901  C CD  . GLN A 1 113 ? 7.114   15.313  15.487  1.000 23.448 0 168 GLN A CD  1 ? 
ATOM   902  O OE1 . GLN A 1 113 ? 8.210   14.968  15.047  1.000 23.631 0 168 GLN A OE1 1 ? 
ATOM   903  N NE2 . GLN A 1 113 ? 6.323   14.500  16.167  1.000 23.323 0 168 GLN A NE2 1 ? 
ATOM   904  N N   . ALA A 1 114 ? 5.054   18.652  11.275  1.000 30.537 0 169 ALA A N   1 ? 
ATOM   905  C CA  . ALA A 1 114 ? 5.110   18.762  9.832   1.000 33.072 0 169 ALA A CA  1 ? 
ATOM   906  C C   . ALA A 1 114 ? 4.196   19.887  9.359   1.000 32.625 0 169 ALA A C   1 ? 
ATOM   907  O O   . ALA A 1 114 ? 3.035   19.919  9.737   1.000 35.525 0 169 ALA A O   1 ? 
ATOM   908  C CB  . ALA A 1 114 ? 4.686   17.443  9.237   1.000 33.571 0 169 ALA A CB  1 ? 
ATOM   909  N N   . GLU A 1 115 ? 4.725   20.760  8.499   1.000 35.171 0 170 GLU A N   1 ? 
ATOM   910  C CA  . GLU A 1 115 ? 3.919   21.765  7.826   1.000 39.098 0 170 GLU A CA  1 ? 
ATOM   911  C C   . GLU A 1 115 ? 2.961   21.081  6.854   1.000 38.391 0 170 GLU A C   1 ? 
ATOM   912  O O   . GLU A 1 115 ? 1.763   21.336  6.904   1.000 37.772 0 170 GLU A O   1 ? 
ATOM   913  C CB  . GLU A 1 115 ? 4.808   22.771  7.093   1.000 45.602 0 170 GLU A CB  1 ? 
ATOM   914  C CG  . GLU A 1 115 ? 4.031   23.772  6.257   1.000 52.300 0 170 GLU A CG  1 ? 
ATOM   915  C CD  . GLU A 1 115 ? 4.832   25.003  5.870   1.000 57.906 0 170 GLU A CD  1 ? 
ATOM   916  O OE1 . GLU A 1 115 ? 4.349   26.125  6.131   1.000 60.418 0 170 GLU A OE1 1 ? 
ATOM   917  O OE2 . GLU A 1 115 ? 5.944   24.836  5.325   1.000 62.816 0 170 GLU A OE2 1 ? 
ATOM   918  N N   . HIS A 1 116 ? 3.500   20.187  6.004   1.000 33.541 0 171 HIS A N   1 ? 
ATOM   919  C CA  . HIS A 1 116 ? 2.757   19.594  4.899   1.000 31.398 0 171 HIS A CA  1 ? 
ATOM   920  C C   . HIS A 1 116 ? 2.265   18.194  5.284   1.000 27.445 0 171 HIS A C   1 ? 
ATOM   921  O O   . HIS A 1 116 ? 2.971   17.458  5.979   1.000 25.827 0 171 HIS A O   1 ? 
ATOM   922  C CB  . HIS A 1 116 ? 3.641   19.523  3.648   1.000 35.611 0 171 HIS A CB  1 ? 
ATOM   923  C CG  . HIS A 1 116 ? 4.199   20.840  3.197   1.000 41.752 0 171 HIS A CG  1 ? 
ATOM   924  N ND1 . HIS A 1 116 ? 3.394   21.879  2.784   1.000 45.286 0 171 HIS A ND1 1 ? 
ATOM   925  C CD2 . HIS A 1 116 ? 5.463   21.282  3.090   1.000 45.910 0 171 HIS A CD2 1 ? 
ATOM   926  C CE1 . HIS A 1 116 ? 4.155   22.912  2.441   1.000 46.923 0 171 HIS A CE1 1 ? 
ATOM   927  N NE2 . HIS A 1 116 ? 5.416   22.574  2.617   1.000 46.602 0 171 HIS A NE2 1 ? 
ATOM   928  N N   . LEU A 1 117 ? 1.049   17.835  4.853   1.000 23.569 0 172 LEU A N   1 ? 
ATOM   929  C CA  . LEU A 1 117 ? 0.500   16.502  5.085   1.000 22.884 0 172 LEU A CA  1 ? 
ATOM   930  C C   . LEU A 1 117 ? 1.457   15.449  4.535   1.000 20.957 0 172 LEU A C   1 ? 
ATOM   931  O O   . LEU A 1 117 ? 1.577   14.390  5.149   1.000 19.999 0 172 LEU A O   1 ? 
ATOM   932  C CB  . LEU A 1 117 ? -0.891  16.354  4.448   1.000 23.284 0 172 LEU A CB  1 ? 
ATOM   933  C CG  . LEU A 1 117 ? -1.563  14.990  4.600   1.000 23.806 0 172 LEU A CG  1 ? 
ATOM   934  C CD1 . LEU A 1 117 ? -1.789  14.636  6.055   1.000 23.409 0 172 LEU A CD1 1 ? 
ATOM   935  C CD2 . LEU A 1 117 ? -2.880  14.920  3.834   1.000 24.902 0 172 LEU A CD2 1 ? 
ATOM   936  N N   . LYS A 1 118 ? 2.090   15.688  3.381   1.000 21.463 0 173 LYS A N   1 ? 
ATOM   937  C CA  . LYS A 1 118 ? 2.919   14.633  2.798   1.000 21.766 0 173 LYS A CA  1 ? 
ATOM   938  C C   . LYS A 1 118 ? 4.050   14.227  3.748   1.000 18.610 0 173 LYS A C   1 ? 
ATOM   939  O O   . LYS A 1 118 ? 4.377   13.046  3.826   1.000 19.110 0 173 LYS A O   1 ? 
ATOM   940  C CB  . LYS A 1 118 ? 3.467   14.978  1.409   1.000 26.129 0 173 LYS A CB  1 ? 
ATOM   941  C CG  . LYS A 1 118 ? 4.478   16.100  1.338   1.000 29.928 0 173 LYS A CG  1 ? 
ATOM   942  C CD  . LYS A 1 118 ? 4.874   16.410  -0.106  1.000 35.132 0 173 LYS A CD  1 ? 
ATOM   943  C CE  . LYS A 1 118 ? 5.773   17.619  -0.235  1.000 41.360 0 173 LYS A CE  1 ? 
ATOM   944  N NZ  . LYS A 1 118 ? 7.099   17.370  0.366   1.000 46.284 0 173 LYS A NZ  1 ? 
ATOM   945  N N   . THR A 1 119 ? 4.615   15.169  4.503   1.000 18.107 0 174 THR A N   1 ? 
ATOM   946  C CA  . THR A 1 119 ? 5.647   14.850  5.479   1.000 17.559 0 174 THR A CA  1 ? 
ATOM   947  C C   . THR A 1 119 ? 5.052   13.996  6.596   1.000 16.944 0 174 THR A C   1 ? 
ATOM   948  O O   . THR A 1 119 ? 5.639   12.999  6.999   1.000 17.244 0 174 THR A O   1 ? 
ATOM   949  C CB  . THR A 1 119 ? 6.308   16.096  6.074   1.000 19.297 0 174 THR A CB  1 ? 
ATOM   950  O OG1 . THR A 1 119 ? 6.975   16.780  5.010   1.000 22.891 0 174 THR A OG1 1 ? 
ATOM   951  C CG2 . THR A 1 119 ? 7.306   15.764  7.158   1.000 20.144 0 174 THR A CG2 1 ? 
ATOM   952  N N   . ALA A 1 120 ? 3.884   14.389  7.125   1.000 17.372 0 175 ALA A N   1 ? 
ATOM   953  C CA  . ALA A 1 120 ? 3.233   13.627  8.173   1.000 16.577 0 175 ALA A CA  1 ? 
ATOM   954  C C   . ALA A 1 120 ? 2.938   12.191  7.728   1.000 16.432 0 175 ALA A C   1 ? 
ATOM   955  O O   . ALA A 1 120 ? 3.087   11.243  8.480   1.000 16.384 0 175 ALA A O   1 ? 
ATOM   956  C CB  . ALA A 1 120 ? 1.973   14.334  8.605   1.000 17.156 0 175 ALA A CB  1 ? 
ATOM   957  N N   . VAL A 1 121 ? 2.482   12.022  6.481   1.000 16.480 0 176 VAL A N   1 ? 
ATOM   958  C CA  . VAL A 1 121 ? 2.189   10.694  5.974   1.000 16.281 0 176 VAL A CA  1 ? 
ATOM   959  C C   . VAL A 1 121 ? 3.457   9.849   5.914   1.000 16.021 0 176 VAL A C   1 ? 
ATOM   960  O O   . VAL A 1 121 ? 3.431   8.700   6.299   1.000 15.598 0 176 VAL A O   1 ? 
ATOM   961  C CB  . VAL A 1 121 ? 1.514   10.769  4.597   1.000 17.034 0 176 VAL A CB  1 ? 
ATOM   962  C CG1 . VAL A 1 121 ? 1.490   9.417   3.901   1.000 17.385 0 176 VAL A CG1 1 ? 
ATOM   963  C CG2 . VAL A 1 121 ? 0.114   11.329  4.749   1.000 17.516 0 176 VAL A CG2 1 ? 
ATOM   964  N N   . GLN A 1 122 ? 4.576   10.424  5.486   1.000 15.514 0 177 GLN A N   1 ? 
ATOM   965  C CA  . GLN A 1 122 ? 5.797   9.635   5.430   1.000 15.630 0 177 GLN A CA  1 ? 
ATOM   966  C C   . GLN A 1 122 ? 6.323   9.317   6.829   1.000 15.456 0 177 GLN A C   1 ? 
ATOM   967  O O   . GLN A 1 122 ? 6.903   8.266   7.040   1.000 15.430 0 177 GLN A O   1 ? 
ATOM   968  C CB  . GLN A 1 122 ? 6.849   10.331  4.569   1.000 16.069 0 177 GLN A CB  1 ? 
ATOM   969  C CG  . GLN A 1 122 ? 6.394   10.561  3.130   1.000 16.493 0 177 GLN A CG  1 ? 
ATOM   970  C CD  . GLN A 1 122 ? 5.888   9.321   2.434   1.000 18.023 0 177 GLN A CD  1 ? 
ATOM   971  O OE1 . GLN A 1 122 ? 6.378   8.229   2.662   1.000 18.703 0 177 GLN A OE1 1 ? 
ATOM   972  N NE2 . GLN A 1 122 ? 4.908   9.507   1.565   1.000 20.492 0 177 GLN A NE2 1 ? 
ATOM   973  N N   . MET A 1 123 ? 6.090   10.204  7.797   1.000 15.770 0 178 MET A N   1 ? 
ATOM   974  C CA  . MET A 1 123 ? 6.419   9.904   9.178   1.000 15.867 0 178 MET A CA  1 ? 
ATOM   975  C C   . MET A 1 123 ? 5.567   8.732   9.658   1.000 15.790 0 178 MET A C   1 ? 
ATOM   976  O O   . MET A 1 123 ? 6.038   7.835   10.354  1.000 16.399 0 178 MET A O   1 ? 
ATOM   977  C CB  . MET A 1 123 ? 6.177   11.133  10.055  1.000 15.992 0 178 MET A CB  1 ? 
ATOM   978  C CG  . MET A 1 123 ? 7.226   12.186  9.876   1.000 16.914 0 178 MET A CG  1 ? 
ATOM   979  S SD  . MET A 1 123 ? 6.777   13.653  10.862  1.000 19.874 0 178 MET A SD  1 ? 
ATOM   980  C CE  . MET A 1 123 ? 8.297   14.576  10.729  1.000 20.962 0 178 MET A CE  1 ? 
ATOM   981  N N   . ALA A 1 124 ? 4.273   8.734   9.294   1.000 16.096 0 179 ALA A N   1 ? 
ATOM   982  C CA  . ALA A 1 124 ? 3.382   7.648   9.666   1.000 17.102 0 179 ALA A CA  1 ? 
ATOM   983  C C   . ALA A 1 124 ? 3.802   6.319   9.037   1.000 17.068 0 179 ALA A C   1 ? 
ATOM   984  O O   . ALA A 1 124 ? 3.749   5.267   9.682   1.000 17.579 0 179 ALA A O   1 ? 
ATOM   985  C CB  . ALA A 1 124 ? 1.952   8.000   9.314   1.000 18.612 0 179 ALA A CB  1 ? 
ATOM   986  N N   . VAL A 1 125 ? 4.217   6.339   7.768   1.000 16.187 0 180 VAL A N   1 ? 
ATOM   987  C CA  . VAL A 1 125 ? 4.732   5.154   7.101   1.000 16.468 0 180 VAL A CA  1 ? 
ATOM   988  C C   . VAL A 1 125 ? 5.910   4.601   7.897   1.000 15.502 0 180 VAL A C   1 ? 
ATOM   989  O O   . VAL A 1 125 ? 6.000   3.406   8.162   1.000 15.980 0 180 VAL A O   1 ? 
ATOM   990  C CB  . VAL A 1 125 ? 5.123   5.467   5.640   1.000 16.967 0 180 VAL A CB  1 ? 
ATOM   991  C CG1 . VAL A 1 125 ? 5.958   4.355   5.016   1.000 18.284 0 180 VAL A CG1 1 ? 
ATOM   992  C CG2 . VAL A 1 125 ? 3.906   5.771   4.766   1.000 18.747 0 180 VAL A CG2 1 ? 
ATOM   993  N N   . PHE A 1 126 ? 6.853   5.481   8.236   1.000 15.157 0 181 PHE A N   1 ? 
ATOM   994  C CA  . PHE A 1 126 ? 8.020   5.090   9.002   1.000 14.927 0 181 PHE A CA  1 ? 
ATOM   995  C C   . PHE A 1 126 ? 7.606   4.422   10.310  1.000 15.518 0 181 PHE A C   1 ? 
ATOM   996  O O   . PHE A 1 126 ? 8.094   3.343   10.627  1.000 15.370 0 181 PHE A O   1 ? 
ATOM   997  C CB  . PHE A 1 126 ? 8.887   6.310   9.266   1.000 15.305 0 181 PHE A CB  1 ? 
ATOM   998  C CG  . PHE A 1 126 ? 10.163  6.047   10.016  1.000 15.110 0 181 PHE A CG  1 ? 
ATOM   999  C CD1 . PHE A 1 126 ? 10.167  5.788   11.376  1.000 15.571 0 181 PHE A CD1 1 ? 
ATOM   1000 C CD2 . PHE A 1 126 ? 11.378  6.153   9.365   1.000 15.869 0 181 PHE A CD2 1 ? 
ATOM   1001 C CE1 . PHE A 1 126 ? 11.358  5.549   12.036  1.000 16.838 0 181 PHE A CE1 1 ? 
ATOM   1002 C CE2 . PHE A 1 126 ? 12.564  5.924   10.026  1.000 16.493 0 181 PHE A CE2 1 ? 
ATOM   1003 C CZ  . PHE A 1 126 ? 12.550  5.652   11.372  1.000 16.022 0 181 PHE A CZ  1 ? 
ATOM   1004 N N   . ILE A 1 127 ? 6.750   5.093   11.077  1.000 15.949 0 182 ILE A N   1 ? 
ATOM   1005 C CA  . ILE A 1 127 ? 6.387   4.561   12.384  1.000 16.352 0 182 ILE A CA  1 ? 
ATOM   1006 C C   . ILE A 1 127 ? 5.640   3.242   12.213  1.000 16.356 0 182 ILE A C   1 ? 
ATOM   1007 O O   . ILE A 1 127 ? 5.921   2.276   12.918  1.000 18.239 0 182 ILE A O   1 ? 
ATOM   1008 C CB  . ILE A 1 127 ? 5.593   5.609   13.174  1.000 17.254 0 182 ILE A CB  1 ? 
ATOM   1009 C CG1 . ILE A 1 127 ? 6.533   6.732   13.615  1.000 18.550 0 182 ILE A CG1 1 ? 
ATOM   1010 C CG2 . ILE A 1 127 ? 4.865   4.971   14.358  1.000 17.435 0 182 ILE A CG2 1 ? 
ATOM   1011 C CD1 . ILE A 1 127 ? 5.867   7.999   14.053  1.000 18.792 0 182 ILE A CD1 1 ? 
ATOM   1012 N N   . HIS A 1 128 ? 4.705   3.176   11.258  1.000 17.188 0 183 HIS A N   1 ? 
ATOM   1013 C CA  . HIS A 1 128 ? 3.981   1.935   11.019  1.000 17.919 0 183 HIS A CA  1 ? 
ATOM   1014 C C   . HIS A 1 128 ? 4.931   0.774   10.716  1.000 17.709 0 183 HIS A C   1 ? 
ATOM   1015 O O   . HIS A 1 128 ? 4.786   -0.319  11.250  1.000 19.645 0 183 HIS A O   1 ? 
ATOM   1016 C CB  . HIS A 1 128 ? 2.975   2.099   9.877   1.000 18.695 0 183 HIS A CB  1 ? 
ATOM   1017 C CG  . HIS A 1 128 ? 2.344   0.800   9.517   1.000 20.821 0 183 HIS A CG  1 ? 
ATOM   1018 N ND1 . HIS A 1 128 ? 1.210   0.322   10.143  1.000 25.187 0 183 HIS A ND1 1 ? 
ATOM   1019 C CD2 . HIS A 1 128 ? 2.692   -0.128  8.623   1.000 19.579 0 183 HIS A CD2 1 ? 
ATOM   1020 C CE1 . HIS A 1 128 ? 0.907   -0.864  9.636   1.000 25.191 0 183 HIS A CE1 1 ? 
ATOM   1021 N NE2 . HIS A 1 128 ? 1.797   -1.163  8.711   1.000 22.235 0 183 HIS A NE2 1 ? 
ATOM   1022 N N   . ASN A 1 129 ? 5.904   0.995   9.818   1.000 16.402 0 184 ASN A N   1 ? 
ATOM   1023 C CA  . ASN A 1 129 ? 6.730   -0.087  9.299   1.000 16.637 0 184 ASN A CA  1 ? 
ATOM   1024 C C   . ASN A 1 129 ? 7.786   -0.524  10.316  1.000 18.098 0 184 ASN A C   1 ? 
ATOM   1025 O O   . ASN A 1 129 ? 8.279   -1.640  10.228  1.000 18.128 0 184 ASN A O   1 ? 
ATOM   1026 C CB  . ASN A 1 129 ? 7.407   0.299   7.980   1.000 15.668 0 184 ASN A CB  1 ? 
ATOM   1027 C CG  . ASN A 1 129 ? 6.461   0.288   6.795   1.000 17.113 0 184 ASN A CG  1 ? 
ATOM   1028 O OD1 . ASN A 1 129 ? 5.411   -0.354  6.848   1.000 16.777 0 184 ASN A OD1 1 ? 
ATOM   1029 N ND2 . ASN A 1 129 ? 6.823   0.997   5.737   1.000 15.562 0 184 ASN A ND2 1 ? 
ATOM   1030 N N   . HIS A 1 130 ? 8.121   0.361   11.260  1.000 18.094 0 185 HIS A N   1 ? 
ATOM   1031 C CA  . HIS A 1 130 ? 9.137   0.051   12.254  1.000 19.788 0 185 HIS A CA  1 ? 
ATOM   1032 C C   . HIS A 1 130 ? 8.528   -0.475  13.546  1.000 23.259 0 185 HIS A C   1 ? 
ATOM   1033 O O   . HIS A 1 130 ? 9.291   -0.942  14.394  1.000 23.979 0 185 HIS A O   1 ? 
ATOM   1034 C CB  . HIS A 1 130 ? 9.941   1.304   12.617  1.000 20.429 0 185 HIS A CB  1 ? 
ATOM   1035 C CG  . HIS A 1 130 ? 10.960  1.697   11.623  1.000 22.733 0 185 HIS A CG  1 ? 
ATOM   1036 N ND1 . HIS A 1 130 ? 10.707  2.426   10.478  1.000 21.872 0 185 HIS A ND1 1 ? 
ATOM   1037 C CD2 . HIS A 1 130 ? 12.286  1.492   11.661  1.000 23.567 0 185 HIS A CD2 1 ? 
ATOM   1038 C CE1 . HIS A 1 130 ? 11.845  2.609   9.823   1.000 23.554 0 185 HIS A CE1 1 ? 
ATOM   1039 N NE2 . HIS A 1 130 ? 12.817  2.057   10.535  1.000 24.590 0 185 HIS A NE2 1 ? 
ATOM   1040 N N   . LYS A 1 131 ? 7.195   -0.405  13.710  1.000 21.904 0 186 LYS A N   1 ? 
ATOM   1041 C CA  . LYS A 1 131 ? 6.573   -0.749  14.989  1.000 25.760 0 186 LYS A CA  1 ? 
ATOM   1042 C C   . LYS A 1 131 ? 6.714   -2.245  15.249  1.000 25.777 0 186 LYS A C   1 ? 
ATOM   1043 O O   . LYS A 1 131 ? 6.364   -3.067  14.417  1.000 24.623 0 186 LYS A O   1 ? 
ATOM   1044 C CB  . LYS A 1 131 ? 5.090   -0.378  15.001  1.000 27.826 0 186 LYS A CB  1 ? 
ATOM   1045 C CG  . LYS A 1 131 ? 4.392   -0.679  16.324  1.000 33.495 0 186 LYS A CG  1 ? 
ATOM   1046 C CD  . LYS A 1 131 ? 3.077   0.032   16.539  1.000 40.140 0 186 LYS A CD  1 ? 
ATOM   1047 C CE  . LYS A 1 131 ? 2.620   -0.060  17.982  1.000 44.246 0 186 LYS A CE  1 ? 
ATOM   1048 N NZ  . LYS A 1 131 ? 1.394   0.735   18.234  1.000 49.199 0 186 LYS A NZ  1 ? 
ATOM   1049 N N   . ARG A 1 132 ? 7.175   -2.612  16.459  1.000 28.699 0 187 ARG A N   1 ? 
ATOM   1050 C CA  . ARG A 1 132 ? 7.312   -4.021  16.795  1.000 33.698 0 187 ARG A CA  1 ? 
ATOM   1051 C C   . ARG A 1 132 ? 5.989   -4.558  17.335  1.000 38.722 0 187 ARG A C   1 ? 
ATOM   1052 O O   . ARG A 1 132 ? 5.397   -3.942  18.217  1.000 37.997 0 187 ARG A O   1 ? 
ATOM   1053 C CB  . ARG A 1 132 ? 8.457   -4.188  17.798  1.000 35.439 0 187 ARG A CB  1 ? 
ATOM   1054 C CG  . ARG A 1 132 ? 9.793   -3.737  17.230  1.000 40.551 0 187 ARG A CG  1 ? 
ATOM   1055 C CD  . ARG A 1 132 ? 10.997  -4.123  18.073  1.000 43.601 0 187 ARG A CD  1 ? 
ATOM   1056 N NE  . ARG A 1 132 ? 12.224  -3.901  17.320  1.000 45.637 0 187 ARG A NE  1 ? 
ATOM   1057 C CZ  . ARG A 1 132 ? 12.594  -4.622  16.264  1.000 45.888 0 187 ARG A CZ  1 ? 
ATOM   1058 N NH1 . ARG A 1 132 ? 11.909  -5.701  15.928  1.000 47.356 0 187 ARG A NH1 1 ? 
ATOM   1059 N NH2 . ARG A 1 132 ? 13.650  -4.264  15.555  1.000 46.356 0 187 ARG A NH2 1 ? 
ATOM   1060 N N   . LYS A 1 133 ? 5.541   -5.688  16.772  1.000 45.823 0 188 LYS A N   1 ? 
ATOM   1061 C CA  . LYS A 1 133 ? 4.264   -6.300  17.112  1.000 54.459 0 188 LYS A CA  1 ? 
ATOM   1062 C C   . LYS A 1 133 ? 4.490   -7.662  17.766  1.000 58.118 0 188 LYS A C   1 ? 
ATOM   1063 O O   . LYS A 1 133 ? 5.219   -8.493  17.228  1.000 58.150 0 188 LYS A O   1 ? 
ATOM   1064 C CB  . LYS A 1 133 ? 3.415   -6.512  15.854  1.000 59.083 0 188 LYS A CB  1 ? 
ATOM   1065 C CG  . LYS A 1 133 ? 2.819   -5.255  15.234  1.000 63.608 0 188 LYS A CG  1 ? 
ATOM   1066 C CD  . LYS A 1 133 ? 1.794   -4.569  16.111  1.000 67.300 0 188 LYS A CD  1 ? 
ATOM   1067 C CE  . LYS A 1 133 ? 0.932   -3.588  15.345  1.000 69.890 0 188 LYS A CE  1 ? 
ATOM   1068 N NZ  . LYS A 1 133 ? 1.746   -2.629  14.560  1.000 71.037 0 188 LYS A NZ  1 ? 
ATOM   1069 N N   . GLY A 1 134 ? 3.834   -7.885  18.911  1.000 62.195 0 189 GLY A N   1 ? 
ATOM   1070 C CA  . GLY A 1 134 ? 3.796   -9.192  19.547  1.000 63.358 0 189 GLY A CA  1 ? 
ATOM   1071 C C   . GLY A 1 134 ? 5.104   -9.534  20.241  1.000 63.819 0 189 GLY A C   1 ? 
ATOM   1072 O O   . GLY A 1 134 ? 5.300   -9.030  21.365  1.000 66.293 0 189 GLY A O   1 ? 
ATOM   1073 N N   . GLY A 1 138 ? 9.249   -10.059 18.899  1.000 53.205 0 193 GLY A N   1 ? 
ATOM   1074 C CA  . GLY A 1 138 ? 8.347   -9.079  18.262  1.000 50.243 0 193 GLY A CA  1 ? 
ATOM   1075 C C   . GLY A 1 138 ? 9.003   -8.398  17.061  1.000 46.262 0 193 GLY A C   1 ? 
ATOM   1076 O O   . GLY A 1 138 ? 9.877   -7.550  17.227  1.000 48.529 0 193 GLY A O   1 ? 
ATOM   1077 N N   . TYR A 1 139 ? 8.552   -8.763  15.855  1.000 41.462 0 194 TYR A N   1 ? 
ATOM   1078 C CA  . TYR A 1 139 ? 9.124   -8.236  14.628  1.000 36.765 0 194 TYR A CA  1 ? 
ATOM   1079 C C   . TYR A 1 139 ? 8.284   -7.071  14.116  1.000 30.991 0 194 TYR A C   1 ? 
ATOM   1080 O O   . TYR A 1 139 ? 7.113   -6.936  14.459  1.000 30.214 0 194 TYR A O   1 ? 
ATOM   1081 C CB  . TYR A 1 139 ? 9.228   -9.340  13.576  1.000 41.956 0 194 TYR A CB  1 ? 
ATOM   1082 C CG  . TYR A 1 139 ? 10.159  -10.455 13.975  1.000 48.780 0 194 TYR A CG  1 ? 
ATOM   1083 C CD1 . TYR A 1 139 ? 11.530  -10.256 14.018  1.000 52.104 0 194 TYR A CD1 1 ? 
ATOM   1084 C CD2 . TYR A 1 139 ? 9.669   -11.697 14.345  1.000 53.969 0 194 TYR A CD2 1 ? 
ATOM   1085 C CE1 . TYR A 1 139 ? 12.394  -11.270 14.398  1.000 56.231 0 194 TYR A CE1 1 ? 
ATOM   1086 C CE2 . TYR A 1 139 ? 10.518  -12.722 14.731  1.000 56.542 0 194 TYR A CE2 1 ? 
ATOM   1087 C CZ  . TYR A 1 139 ? 11.886  -12.508 14.755  1.000 59.139 0 194 TYR A CZ  1 ? 
ATOM   1088 O OH  . TYR A 1 139 ? 12.735  -13.520 15.138  1.000 61.117 0 194 TYR A OH  1 ? 
ATOM   1089 N N   . SER A 1 140 ? 8.925   -6.230  13.302  1.000 25.797 0 195 SER A N   1 ? 
ATOM   1090 C CA  . SER A 1 140 ? 8.243   -5.138  12.622  1.000 23.285 0 195 SER A CA  1 ? 
ATOM   1091 C C   . SER A 1 140 ? 7.785   -5.611  11.245  1.000 22.474 0 195 SER A C   1 ? 
ATOM   1092 O O   . SER A 1 140 ? 8.258   -6.617  10.726  1.000 22.533 0 195 SER A O   1 ? 
ATOM   1093 C CB  . SER A 1 140 ? 9.148   -3.952  12.486  1.000 22.575 0 195 SER A CB  1 ? 
ATOM   1094 O OG  . SER A 1 140 ? 10.183  -4.229  11.554  1.000 22.887 0 195 SER A OG  1 ? 
ATOM   1095 N N   . ALA A 1 141 ? 6.895   -4.826  10.633  1.000 20.801 0 196 ALA A N   1 ? 
ATOM   1096 C CA  . ALA A 1 141 ? 6.450   -5.110  9.282   1.000 20.123 0 196 ALA A CA  1 ? 
ATOM   1097 C C   . ALA A 1 141 ? 7.616   -5.051  8.300   1.000 19.242 0 196 ALA A C   1 ? 
ATOM   1098 O O   . ALA A 1 141 ? 7.675   -5.829  7.361   1.000 19.187 0 196 ALA A O   1 ? 
ATOM   1099 C CB  . ALA A 1 141 ? 5.364   -4.153  8.871   1.000 19.901 0 196 ALA A CB  1 ? 
ATOM   1100 N N   . GLY A 1 142 ? 8.529   -4.107  8.504   1.000 18.983 0 197 GLY A N   1 ? 
ATOM   1101 C CA  . GLY A 1 142 ? 9.723   -4.011  7.682   1.000 20.152 0 197 GLY A CA  1 ? 
ATOM   1102 C C   . GLY A 1 142 ? 10.595  -5.257  7.765   1.000 20.829 0 197 GLY A C   1 ? 
ATOM   1103 O O   . GLY A 1 142 ? 11.139  -5.711  6.763   1.000 24.413 0 197 GLY A O   1 ? 
ATOM   1104 N N   . GLU A 1 143 ? 10.713  -5.825  8.972   1.000 21.749 0 198 GLU A N   1 ? 
ATOM   1105 C CA  . GLU A 1 143 ? 11.479  -7.053  9.120   1.000 23.161 0 198 GLU A CA  1 ? 
ATOM   1106 C C   . GLU A 1 143 ? 10.742  -8.209  8.450   1.000 21.997 0 198 GLU A C   1 ? 
ATOM   1107 O O   . GLU A 1 143 ? 11.373  -9.032  7.801   1.000 24.739 0 198 GLU A O   1 ? 
ATOM   1108 C CB  . GLU A 1 143 ? 11.740  -7.360  10.594  1.000 25.153 0 198 GLU A CB  1 ? 
ATOM   1109 C CG  . GLU A 1 143 ? 12.713  -6.388  11.233  1.000 27.789 0 198 GLU A CG  1 ? 
ATOM   1110 C CD  . GLU A 1 143 ? 12.818  -6.514  12.745  1.000 29.535 0 198 GLU A CD  1 ? 
ATOM   1111 O OE1 . GLU A 1 143 ? 11.803  -6.821  13.385  1.000 30.665 0 198 GLU A OE1 1 ? 
ATOM   1112 O OE2 . GLU A 1 143 ? 13.923  -6.263  13.281  1.000 35.292 0 198 GLU A OE2 1 ? 
ATOM   1113 N N   . ARG A 1 144 ? 9.418   -8.277  8.622   1.000 22.256 0 199 ARG A N   1 ? 
ATOM   1114 C CA  . ARG A 1 144 ? 8.639   -9.392  8.106   1.000 22.506 0 199 ARG A CA  1 ? 
ATOM   1115 C C   . ARG A 1 144 ? 8.698   -9.421  6.577   1.000 22.281 0 199 ARG A C   1 ? 
ATOM   1116 O O   . ARG A 1 144 ? 8.859   -10.478 5.965   1.000 21.252 0 199 ARG A O   1 ? 
ATOM   1117 C CB  . ARG A 1 144 ? 7.190   -9.342  8.600   1.000 25.217 0 199 ARG A CB  1 ? 
ATOM   1118 C CG  . ARG A 1 144 ? 7.036   -9.540  10.101  1.000 31.589 0 199 ARG A CG  1 ? 
ATOM   1119 C CD  . ARG A 1 144 ? 5.591   -9.669  10.571  1.000 36.403 0 199 ARG A CD  1 ? 
ATOM   1120 N NE  . ARG A 1 144 ? 4.789   -8.460  10.405  1.000 39.500 0 199 ARG A NE  1 ? 
ATOM   1121 C CZ  . ARG A 1 144 ? 4.487   -7.602  11.378  1.000 43.863 0 199 ARG A CZ  1 ? 
ATOM   1122 N NH1 . ARG A 1 144 ? 5.000   -7.747  12.588  1.000 43.939 0 199 ARG A NH1 1 ? 
ATOM   1123 N NH2 . ARG A 1 144 ? 3.675   -6.587  11.132  1.000 43.193 0 199 ARG A NH2 1 ? 
ATOM   1124 N N   . ILE A 1 145 ? 8.549   -8.262  5.917   1.000 20.711 0 200 ILE A N   1 ? 
ATOM   1125 C CA  . ILE A 1 145 ? 8.522   -8.287  4.465   1.000 20.299 0 200 ILE A CA  1 ? 
ATOM   1126 C C   . ILE A 1 145 ? 9.854   -8.795  3.914   1.000 19.738 0 200 ILE A C   1 ? 
ATOM   1127 O O   . ILE A 1 145 ? 9.872   -9.579  2.978   1.000 19.480 0 200 ILE A O   1 ? 
ATOM   1128 C CB  . ILE A 1 145 ? 8.099   -6.935  3.838   1.000 19.199 0 200 ILE A CB  1 ? 
ATOM   1129 C CG1 . ILE A 1 145 ? 7.911   -7.087  2.325   1.000 19.635 0 200 ILE A CG1 1 ? 
ATOM   1130 C CG2 . ILE A 1 145 ? 9.083   -5.827  4.146   1.000 19.898 0 200 ILE A CG2 1 ? 
ATOM   1131 C CD1 . ILE A 1 145 ? 7.324   -5.869  1.615   1.000 19.911 0 200 ILE A CD1 1 ? 
ATOM   1132 N N   . VAL A 1 146 ? 10.974  -8.343  4.478   1.000 21.321 0 201 VAL A N   1 ? 
ATOM   1133 C CA  . VAL A 1 146 ? 12.283  -8.736  3.981   1.000 22.790 0 201 VAL A CA  1 ? 
ATOM   1134 C C   . VAL A 1 146 ? 12.496  -10.232 4.231   1.000 22.760 0 201 VAL A C   1 ? 
ATOM   1135 O O   . VAL A 1 146 ? 13.011  -10.917 3.348   1.000 24.452 0 201 VAL A O   1 ? 
ATOM   1136 C CB  . VAL A 1 146 ? 13.394  -7.871  4.600   1.000 25.915 0 201 VAL A CB  1 ? 
ATOM   1137 C CG1 . VAL A 1 146 ? 14.774  -8.477  4.400   1.000 29.034 0 201 VAL A CG1 1 ? 
ATOM   1138 C CG2 . VAL A 1 146 ? 13.353  -6.455  4.053   1.000 25.831 0 201 VAL A CG2 1 ? 
ATOM   1139 N N   . ASP A 1 147 ? 12.029  -10.734 5.380   1.000 24.270 0 202 ASP A N   1 ? 
ATOM   1140 C CA  . ASP A 1 147 ? 12.151  -12.157 5.704   1.000 27.081 0 202 ASP A CA  1 ? 
ATOM   1141 C C   . ASP A 1 147 ? 11.354  -12.997 4.708   1.000 24.962 0 202 ASP A C   1 ? 
ATOM   1142 O O   . ASP A 1 147 ? 11.833  -14.014 4.208   1.000 26.806 0 202 ASP A O   1 ? 
ATOM   1143 C CB  . ASP A 1 147 ? 11.671  -12.472 7.122   1.000 30.471 0 202 ASP A CB  1 ? 
ATOM   1144 C CG  . ASP A 1 147 ? 11.664  -13.960 7.468   1.000 37.379 0 202 ASP A CG  1 ? 
ATOM   1145 O OD1 . ASP A 1 147 ? 12.603  -14.665 7.062   1.000 42.067 0 202 ASP A OD1 1 ? 
ATOM   1146 O OD2 . ASP A 1 147 ? 10.739  -14.392 8.183   1.000 45.411 0 202 ASP A OD2 1 ? 
ATOM   1147 N N   . ILE A 1 148 ? 10.116  -12.581 4.438   1.000 23.103 0 203 ILE A N   1 ? 
ATOM   1148 C CA  . ILE A 1 148 ? 9.239   -13.320 3.546   1.000 23.575 0 203 ILE A CA  1 ? 
ATOM   1149 C C   . ILE A 1 148 ? 9.853   -13.394 2.155   1.000 24.105 0 203 ILE A C   1 ? 
ATOM   1150 O O   . ILE A 1 148 ? 9.873   -14.449 1.517   1.000 25.326 0 203 ILE A O   1 ? 
ATOM   1151 C CB  . ILE A 1 148 ? 7.824   -12.697 3.547   1.000 23.893 0 203 ILE A CB  1 ? 
ATOM   1152 C CG1 . ILE A 1 148 ? 7.112   -12.914 4.883   1.000 24.591 0 203 ILE A CG1 1 ? 
ATOM   1153 C CG2 . ILE A 1 148 ? 6.995   -13.202 2.378   1.000 23.268 0 203 ILE A CG2 1 ? 
ATOM   1154 C CD1 . ILE A 1 148 ? 5.874   -12.077 5.078   1.000 25.868 0 203 ILE A CD1 1 ? 
ATOM   1155 N N   . ILE A 1 149 ? 10.332  -12.259 1.648   1.000 22.007 0 204 ILE A N   1 ? 
ATOM   1156 C CA  . ILE A 1 149 ? 10.827  -12.234 0.289   1.000 22.361 0 204 ILE A CA  1 ? 
ATOM   1157 C C   . ILE A 1 149 ? 12.153  -12.985 0.205   1.000 24.056 0 204 ILE A C   1 ? 
ATOM   1158 O O   . ILE A 1 149 ? 12.370  -13.692 -0.767  1.000 26.171 0 204 ILE A O   1 ? 
ATOM   1159 C CB  . ILE A 1 149 ? 10.920  -10.784 -0.219  1.000 23.771 0 204 ILE A CB  1 ? 
ATOM   1160 C CG1 . ILE A 1 149 ? 9.531   -10.149 -0.229  1.000 24.415 0 204 ILE A CG1 1 ? 
ATOM   1161 C CG2 . ILE A 1 149 ? 11.590  -10.727 -1.585  1.000 23.006 0 204 ILE A CG2 1 ? 
ATOM   1162 C CD1 . ILE A 1 149 ? 9.543   -8.687  -0.564  1.000 27.099 0 204 ILE A CD1 1 ? 
ATOM   1163 N N   . ALA A 1 150 ? 13.036  -12.817 1.194   1.000 25.374 0 205 ALA A N   1 ? 
ATOM   1164 C CA  . ALA A 1 150 ? 14.342  -13.467 1.137   1.000 27.435 0 205 ALA A CA  1 ? 
ATOM   1165 C C   . ALA A 1 150 ? 14.151  -14.977 1.164   1.000 27.946 0 205 ALA A C   1 ? 
ATOM   1166 O O   . ALA A 1 150 ? 14.851  -15.698 0.460   1.000 29.025 0 205 ALA A O   1 ? 
ATOM   1167 C CB  . ALA A 1 150 ? 15.227  -13.022 2.271   1.000 26.326 0 205 ALA A CB  1 ? 
ATOM   1168 N N   . THR A 1 151 ? 13.197  -15.433 1.975   1.000 29.046 0 206 THR A N   1 ? 
ATOM   1169 C CA  . THR A 1 151 ? 12.911  -16.856 2.086   1.000 31.867 0 206 THR A CA  1 ? 
ATOM   1170 C C   . THR A 1 151 ? 12.402  -17.383 0.747   1.000 35.774 0 206 THR A C   1 ? 
ATOM   1171 O O   . THR A 1 151 ? 12.756  -18.491 0.347   1.000 35.742 0 206 THR A O   1 ? 
ATOM   1172 C CB  . THR A 1 151 ? 11.940  -17.150 3.234   1.000 33.324 0 206 THR A CB  1 ? 
ATOM   1173 O OG1 . THR A 1 151 ? 12.521  -16.657 4.443   1.000 35.861 0 206 THR A OG1 1 ? 
ATOM   1174 C CG2 . THR A 1 151 ? 11.632  -18.625 3.380   1.000 35.168 0 206 THR A CG2 1 ? 
ATOM   1175 N N   . ASP A 1 152 ? 11.586  -16.580 0.052   1.000 34.852 0 207 ASP A N   1 ? 
ATOM   1176 C CA  . ASP A 1 152 ? 11.069  -16.929 -1.261  1.000 37.039 0 207 ASP A CA  1 ? 
ATOM   1177 C C   . ASP A 1 152 ? 12.208  -17.078 -2.269  1.000 39.620 0 207 ASP A C   1 ? 
ATOM   1178 O O   . ASP A 1 152 ? 12.229  -18.036 -3.043  1.000 41.481 0 207 ASP A O   1 ? 
ATOM   1179 C CB  . ASP A 1 152 ? 10.048  -15.890 -1.734  1.000 38.971 0 207 ASP A CB  1 ? 
ATOM   1180 C CG  . ASP A 1 152 ? 9.394   -16.236 -3.061  1.000 40.294 0 207 ASP A CG  1 ? 
ATOM   1181 O OD1 . ASP A 1 152 ? 8.777   -17.303 -3.133  1.000 41.513 0 207 ASP A OD1 1 ? 
ATOM   1182 O OD2 . ASP A 1 152 ? 9.494   -15.421 -4.000  1.000 43.005 0 207 ASP A OD2 1 ? 
ATOM   1183 N N   . ILE A 1 153 ? 13.150  -16.127 -2.273  1.000 37.479 0 208 ILE A N   1 ? 
ATOM   1184 C CA  . ILE A 1 153 ? 14.233  -16.149 -3.242  1.000 38.726 0 208 ILE A CA  1 ? 
ATOM   1185 C C   . ILE A 1 153 ? 15.065  -17.415 -3.045  1.000 42.034 0 208 ILE A C   1 ? 
ATOM   1186 O O   . ILE A 1 153 ? 15.527  -17.997 -4.024  1.000 42.999 0 208 ILE A O   1 ? 
ATOM   1187 C CB  . ILE A 1 153 ? 15.109  -14.882 -3.160  1.000 38.850 0 208 ILE A CB  1 ? 
ATOM   1188 C CG1 . ILE A 1 153 ? 14.310  -13.620 -3.497  1.000 37.142 0 208 ILE A CG1 1 ? 
ATOM   1189 C CG2 . ILE A 1 153 ? 16.341  -15.021 -4.047  1.000 39.514 0 208 ILE A CG2 1 ? 
ATOM   1190 C CD1 . ILE A 1 153 ? 14.934  -12.347 -2.977  1.000 36.955 0 208 ILE A CD1 1 ? 
ATOM   1191 N N   . GLN A 1 154 ? 15.258  -17.828 -1.787  1.000 44.325 0 209 GLN A N   1 ? 
ATOM   1192 C CA  . GLN A 1 154 ? 16.129  -18.954 -1.481  1.000 51.568 0 209 GLN A CA  1 ? 
ATOM   1193 C C   . GLN A 1 154 ? 15.412  -20.277 -1.756  1.000 56.854 0 209 GLN A C   1 ? 
ATOM   1194 O O   . GLN A 1 154 ? 16.027  -21.209 -2.272  1.000 60.446 0 209 GLN A O   1 ? 
ATOM   1195 C CB  . GLN A 1 154 ? 16.630  -18.876 -0.038  1.000 53.454 0 209 GLN A CB  1 ? 
ATOM   1196 C CG  . GLN A 1 154 ? 17.576  -17.708 0.213   1.000 57.180 0 209 GLN A CG  1 ? 
ATOM   1197 C CD  . GLN A 1 154 ? 18.680  -17.621 -0.813  1.000 60.767 0 209 GLN A CD  1 ? 
ATOM   1198 O OE1 . GLN A 1 154 ? 19.362  -18.604 -1.105  1.000 66.666 0 209 GLN A OE1 1 ? 
ATOM   1199 N NE2 . GLN A 1 154 ? 18.858  -16.442 -1.388  1.000 58.918 0 209 GLN A NE2 1 ? 
ATOM   1200 N N   . THR A 1 155 ? 14.118  -20.348 -1.414  1.000 61.372 0 210 THR A N   1 ? 
ATOM   1201 C CA  . THR A 1 155 ? 13.313  -21.539 -1.645  1.000 66.036 0 210 THR A CA  1 ? 
ATOM   1202 C C   . THR A 1 155 ? 13.236  -21.854 -3.141  1.000 67.573 0 210 THR A C   1 ? 
ATOM   1203 O O   . THR A 1 155 ? 13.242  -23.023 -3.524  1.000 71.168 0 210 THR A O   1 ? 
ATOM   1204 C CB  . THR A 1 155 ? 11.910  -21.378 -1.043  1.000 68.867 0 210 THR A CB  1 ? 
ATOM   1205 O OG1 . THR A 1 155 ? 12.060  -21.187 0.364   1.000 71.678 0 210 THR A OG1 1 ? 
ATOM   1206 C CG2 . THR A 1 155 ? 11.007  -22.564 -1.304  1.000 70.112 0 210 THR A CG2 1 ? 
ATOM   1207 N N   . LYS A 1 156 ? 13.155  -20.805 -3.971  1.000 67.337 0 211 LYS A N   1 ? 
ATOM   1208 C CA  . LYS A 1 156 ? 13.052  -20.948 -5.416  1.000 68.048 0 211 LYS A CA  1 ? 
ATOM   1209 C C   . LYS A 1 156 ? 14.376  -20.529 -6.066  1.000 67.718 0 211 LYS A C   1 ? 
ATOM   1210 O O   . LYS A 1 156 ? 15.261  -21.400 -6.169  1.000 69.243 0 211 LYS A O   1 ? 
ATOM   1211 C CB  . LYS A 1 156 ? 11.898  -20.095 -5.948  1.000 69.536 0 211 LYS A CB  1 ? 
ATOM   1212 C CG  . LYS A 1 156 ? 10.531  -20.426 -5.365  1.000 71.820 0 211 LYS A CG  1 ? 
ATOM   1213 C CD  . LYS A 1 156 ? 9.447   -19.455 -5.773  1.000 73.133 0 211 LYS A CD  1 ? 
ATOM   1214 C CE  . LYS A 1 156 ? 8.133   -19.711 -5.067  1.000 73.102 0 211 LYS A CE  1 ? 
ATOM   1215 N NZ  . LYS A 1 156 ? 7.163   -18.618 -5.309  1.000 73.118 0 211 LYS A NZ  1 ? 
HETATM 1216 S S   . SO4 B 2 .   ? -11.023 11.248  -4.800  1.000 60.947 0 301 SO4 A S   1 ? 
HETATM 1217 O O1  . SO4 B 2 .   ? -10.965 12.307  -3.823  1.000 61.233 0 301 SO4 A O1  1 ? 
HETATM 1218 O O2  . SO4 B 2 .   ? -12.261 11.345  -5.529  1.000 61.991 0 301 SO4 A O2  1 ? 
HETATM 1219 O O3  . SO4 B 2 .   ? -9.932  11.373  -5.714  1.000 50.216 0 301 SO4 A O3  1 ? 
HETATM 1220 O O4  . SO4 B 2 .   ? -10.941 9.970   -4.131  1.000 60.922 0 301 SO4 A O4  1 ? 
HETATM 1221 S S   . SO4 C 2 .   ? -11.790 7.174   4.099   1.000 35.583 0 302 SO4 A S   1 ? 
HETATM 1222 O O1  . SO4 C 2 .   ? -11.040 5.981   4.409   1.000 35.174 0 302 SO4 A O1  1 ? 
HETATM 1223 O O2  . SO4 C 2 .   ? -13.081 7.088   4.728   1.000 41.903 0 302 SO4 A O2  1 ? 
HETATM 1224 O O3  . SO4 C 2 .   ? -11.113 8.344   4.580   1.000 34.136 0 302 SO4 A O3  1 ? 
HETATM 1225 O O4  . SO4 C 2 .   ? -11.945 7.293   2.675   1.000 39.759 0 302 SO4 A O4  1 ? 
HETATM 1226 S S   . SO4 D 2 .   ? -0.402  20.620  2.741   1.000 58.896 0 303 SO4 A S   1 ? 
HETATM 1227 O O1  . SO4 D 2 .   ? -0.816  19.797  3.850   1.000 52.313 0 303 SO4 A O1  1 ? 
HETATM 1228 O O2  . SO4 D 2 .   ? -1.559  20.994  1.969   1.000 61.018 0 303 SO4 A O2  1 ? 
HETATM 1229 O O3  . SO4 D 2 .   ? 0.248   21.804  3.238   1.000 54.626 0 303 SO4 A O3  1 ? 
HETATM 1230 O O4  . SO4 D 2 .   ? 0.512   19.886  1.899   1.000 61.415 0 303 SO4 A O4  1 ? 
HETATM 1231 S S   . SO4 E 2 .   ? 7.444   20.130  6.462   1.000 53.142 0 304 SO4 A S   1 ? 
HETATM 1232 O O1  . SO4 E 2 .   ? 7.084   20.731  7.718   1.000 53.134 0 304 SO4 A O1  1 ? 
HETATM 1233 O O2  . SO4 E 2 .   ? 6.281   19.519  5.868   1.000 46.383 0 304 SO4 A O2  1 ? 
HETATM 1234 O O3  . SO4 E 2 .   ? 7.952   21.146  5.570   1.000 52.523 0 304 SO4 A O3  1 ? 
HETATM 1235 O O4  . SO4 E 2 .   ? 8.461   19.142  6.688   1.000 54.291 0 304 SO4 A O4  1 ? 
HETATM 1236 S S   . SO4 F 2 .   ? -7.700  6.459   -17.165 1.000 51.718 0 305 SO4 A S   1 ? 
HETATM 1237 O O1  . SO4 F 2 .   ? -8.024  5.923   -15.863 1.000 40.705 0 305 SO4 A O1  1 ? 
HETATM 1238 O O2  . SO4 F 2 .   ? -8.911  6.888   -17.816 1.000 54.198 0 305 SO4 A O2  1 ? 
HETATM 1239 O O3  . SO4 F 2 .   ? -6.803  7.583   -17.005 1.000 51.332 0 305 SO4 A O3  1 ? 
HETATM 1240 O O4  . SO4 F 2 .   ? -7.072  5.451   -17.983 1.000 49.184 0 305 SO4 A O4  1 ? 
HETATM 1241 S S   . SO4 G 2 .   ? 6.022   5.005   -3.357  1.000 61.038 0 306 SO4 A S   1 ? 
HETATM 1242 O O1  . SO4 G 2 .   ? 5.715   5.146   -1.950  1.000 41.693 0 306 SO4 A O1  1 ? 
HETATM 1243 O O2  . SO4 G 2 .   ? 5.574   6.176   -4.047  1.000 55.106 0 306 SO4 A O2  1 ? 
HETATM 1244 O O3  . SO4 G 2 .   ? 7.445   4.859   -3.540  1.000 59.314 0 306 SO4 A O3  1 ? 
HETATM 1245 O O4  . SO4 G 2 .   ? 5.348   3.836   -3.898  1.000 53.525 0 306 SO4 A O4  1 ? 
HETATM 1246 C C   . ACT H 3 .   ? 11.568  -0.434  8.039   1.000 42.968 0 307 ACT A C   1 ? 
HETATM 1247 O O   . ACT H 3 .   ? 11.241  -0.963  9.117   1.000 43.142 0 307 ACT A O   1 ? 
HETATM 1248 O OXT . ACT H 3 .   ? 12.660  0.142   7.847   1.000 49.100 0 307 ACT A OXT 1 ? 
HETATM 1249 C CH3 . ACT H 3 .   ? 10.581  -0.511  6.871   1.000 36.994 0 307 ACT A CH3 1 ? 
HETATM 1250 O O   . HOH I 4 .   ? 3.942   15.881  17.245  1.000 45.666 0 401 HOH A O   1 ? 
HETATM 1251 O O   . HOH I 4 .   ? 1.076   17.609  1.508   1.000 35.881 0 402 HOH A O   1 ? 
HETATM 1252 O O   . HOH I 4 .   ? 8.362   18.262  2.241   1.000 59.367 0 403 HOH A O   1 ? 
HETATM 1253 O O   . HOH I 4 .   ? 3.370   11.893  -1.007  1.000 25.350 0 404 HOH A O   1 ? 
HETATM 1254 O O   . HOH I 4 .   ? 8.707   -13.250 9.035   1.000 59.998 0 405 HOH A O   1 ? 
HETATM 1255 O O   . HOH I 4 .   ? -11.015 3.811   5.958   1.000 44.653 0 406 HOH A O   1 ? 
HETATM 1256 O O   . HOH I 4 .   ? 1.090   8.927   -8.082  1.000 18.687 0 407 HOH A O   1 ? 
HETATM 1257 O O   . HOH I 4 .   ? 8.097   -18.705 -1.157  1.000 50.811 0 408 HOH A O   1 ? 
HETATM 1258 O O   . HOH I 4 .   ? 9.372   18.269  -0.314  1.000 48.760 0 409 HOH A O   1 ? 
HETATM 1259 O O   . HOH I 4 .   ? -9.739  -10.074 -3.361  1.000 50.044 0 410 HOH A O   1 ? 
HETATM 1260 O O   . HOH I 4 .   ? 17.457  -14.555 -0.296  1.000 51.570 0 411 HOH A O   1 ? 
HETATM 1261 O O   . HOH I 4 .   ? -11.036 7.038   -4.161  1.000 48.287 0 412 HOH A O   1 ? 
HETATM 1262 O O   . HOH I 4 .   ? 1.733   -10.435 0.698   1.000 23.649 0 413 HOH A O   1 ? 
HETATM 1263 O O   . HOH I 4 .   ? 6.389   -6.209  -10.798 1.000 26.771 0 414 HOH A O   1 ? 
HETATM 1264 O O   . HOH I 4 .   ? 5.341   -2.855  12.010  1.000 22.674 0 415 HOH A O   1 ? 
HETATM 1265 O O   . HOH I 4 .   ? 14.676  -13.276 13.382  1.000 62.122 0 416 HOH A O   1 ? 
HETATM 1266 O O   . HOH I 4 .   ? 11.897  -2.234  11.365  1.000 35.661 0 417 HOH A O   1 ? 
HETATM 1267 O O   . HOH I 4 .   ? -10.482 -2.042  -19.012 1.000 32.048 0 418 HOH A O   1 ? 
HETATM 1268 O O   . HOH I 4 .   ? 15.191  -14.375 6.543   1.000 52.817 0 419 HOH A O   1 ? 
HETATM 1269 O O   . HOH I 4 .   ? -13.645 0.027   -2.983  1.000 21.459 0 420 HOH A O   1 ? 
HETATM 1270 O O   . HOH I 4 .   ? 1.257   21.239  11.234  1.000 46.322 0 421 HOH A O   1 ? 
HETATM 1271 O O   . HOH I 4 .   ? -9.301  -10.664 -5.689  1.000 47.945 0 422 HOH A O   1 ? 
HETATM 1272 O O   . HOH I 4 .   ? 7.349   2.628   3.249   1.000 39.508 0 423 HOH A O   1 ? 
HETATM 1273 O O   . HOH I 4 .   ? 2.956   -10.910 -12.189 1.000 30.279 0 424 HOH A O   1 ? 
HETATM 1274 O O   . HOH I 4 .   ? -10.996 11.484  -8.169  1.000 51.312 0 425 HOH A O   1 ? 
HETATM 1275 O O   . HOH I 4 .   ? -8.655  6.070   -10.164 1.000 36.932 0 426 HOH A O   1 ? 
HETATM 1276 O O   . HOH I 4 .   ? -7.764  7.356   13.653  1.000 38.467 0 427 HOH A O   1 ? 
HETATM 1277 O O   . HOH I 4 .   ? 10.792  1.053   -1.178  0.500 29.247 0 428 HOH A O   1 ? 
HETATM 1278 O O   . HOH I 4 .   ? 3.266   11.640  1.506   1.000 28.865 0 429 HOH A O   1 ? 
HETATM 1279 O O   . HOH I 4 .   ? 6.529   -9.961  -12.855 1.000 49.927 0 430 HOH A O   1 ? 
HETATM 1280 O O   . HOH I 4 .   ? 13.305  -4.108  6.409   1.000 37.630 0 431 HOH A O   1 ? 
HETATM 1281 O O   . HOH I 4 .   ? 1.907   12.548  -7.567  1.000 39.064 0 432 HOH A O   1 ? 
HETATM 1282 O O   . HOH I 4 .   ? -14.387 6.784   -11.248 1.000 28.101 0 433 HOH A O   1 ? 
HETATM 1283 O O   . HOH I 4 .   ? -1.863  -7.108  6.011   1.000 50.961 0 434 HOH A O   1 ? 
HETATM 1284 O O   . HOH I 4 .   ? -4.019  12.525  -12.875 1.000 32.249 0 435 HOH A O   1 ? 
HETATM 1285 O O   . HOH I 4 .   ? -2.771  16.690  15.927  1.000 51.275 0 436 HOH A O   1 ? 
HETATM 1286 O O   . HOH I 4 .   ? 10.174  16.811  14.592  1.000 27.965 0 437 HOH A O   1 ? 
HETATM 1287 O O   . HOH I 4 .   ? -3.719  11.041  17.008  1.000 36.217 0 438 HOH A O   1 ? 
HETATM 1288 O O   . HOH I 4 .   ? -6.673  0.870   14.260  1.000 46.482 0 439 HOH A O   1 ? 
HETATM 1289 O O   . HOH I 4 .   ? 12.850  -5.246  -2.711  1.000 38.481 0 440 HOH A O   1 ? 
HETATM 1290 O O   . HOH I 4 .   ? 3.075   -4.117  12.147  1.000 45.060 0 441 HOH A O   1 ? 
HETATM 1291 O O   . HOH I 4 .   ? 16.334  -5.296  12.403  1.000 52.352 0 442 HOH A O   1 ? 
HETATM 1292 O O   . HOH I 4 .   ? -10.884 10.657  8.397   1.000 40.607 0 443 HOH A O   1 ? 
HETATM 1293 O O   . HOH I 4 .   ? -14.601 2.920   -8.473  1.000 18.985 0 444 HOH A O   1 ? 
HETATM 1294 O O   . HOH I 4 .   ? -10.854 3.891   2.598   1.000 42.574 0 445 HOH A O   1 ? 
HETATM 1295 O O   . HOH I 4 .   ? -1.871  -13.901 -7.399  1.000 43.486 0 446 HOH A O   1 ? 
HETATM 1296 O O   . HOH I 4 .   ? -10.771 14.936  3.613   1.000 42.291 0 447 HOH A O   1 ? 
HETATM 1297 O O   . HOH I 4 .   ? 12.047  -1.227  14.346  1.000 44.392 0 448 HOH A O   1 ? 
HETATM 1298 O O   . HOH I 4 .   ? -5.372  12.541  11.632  1.000 45.326 0 449 HOH A O   1 ? 
HETATM 1299 O O   . HOH I 4 .   ? 8.442   -16.761 2.086   1.000 36.245 0 450 HOH A O   1 ? 
HETATM 1300 O O   . HOH I 4 .   ? -6.086  9.489   -15.109 1.000 31.586 0 451 HOH A O   1 ? 
HETATM 1301 O O   . HOH I 4 .   ? 8.152   -0.776  18.310  1.000 45.983 0 452 HOH A O   1 ? 
HETATM 1302 O O   . HOH I 4 .   ? -9.552  15.820  7.509   1.000 49.032 0 453 HOH A O   1 ? 
HETATM 1303 O O   . HOH I 4 .   ? -12.500 10.645  5.368   1.000 44.992 0 454 HOH A O   1 ? 
HETATM 1304 O O   . HOH I 4 .   ? -15.458 -16.281 3.143   1.000 46.330 0 455 HOH A O   1 ? 
HETATM 1305 O O   . HOH I 4 .   ? 6.322   10.770  -5.977  1.000 45.350 0 456 HOH A O   1 ? 
HETATM 1306 O O   . HOH I 4 .   ? 6.548   -8.112  -2.951  1.000 24.003 0 457 HOH A O   1 ? 
HETATM 1307 O O   . HOH I 4 .   ? 9.993   -12.688 -4.400  1.000 40.272 0 458 HOH A O   1 ? 
HETATM 1308 O O   . HOH I 4 .   ? -17.348 -11.816 1.542   1.000 48.492 0 459 HOH A O   1 ? 
HETATM 1309 O O   . HOH I 4 .   ? 8.452   -6.023  -9.287  1.000 21.138 0 460 HOH A O   1 ? 
HETATM 1310 O O   . HOH I 4 .   ? 8.725   7.098   5.222   1.000 17.947 0 461 HOH A O   1 ? 
HETATM 1311 O O   . HOH I 4 .   ? 0.072   4.075   -17.576 1.000 29.883 0 462 HOH A O   1 ? 
HETATM 1312 O O   . HOH I 4 .   ? 4.298   22.561  11.970  1.000 59.023 0 463 HOH A O   1 ? 
HETATM 1313 O O   . HOH I 4 .   ? 2.621   14.406  -2.179  1.000 36.402 0 464 HOH A O   1 ? 
HETATM 1314 O O   . HOH I 4 .   ? 7.444   2.484   15.305  1.000 25.632 0 465 HOH A O   1 ? 
HETATM 1315 O O   . HOH I 4 .   ? -13.806 12.604  -3.495  1.000 65.961 0 466 HOH A O   1 ? 
HETATM 1316 O O   . HOH I 4 .   ? -3.384  -8.183  -15.125 1.000 37.413 0 467 HOH A O   1 ? 
HETATM 1317 O O   . HOH I 4 .   ? -6.747  -10.320 3.039   1.000 66.941 0 468 HOH A O   1 ? 
HETATM 1318 O O   . HOH I 4 .   ? -9.930  -7.371  -0.202  1.000 56.331 0 469 HOH A O   1 ? 
HETATM 1319 O O   . HOH I 4 .   ? -16.609 -15.510 -0.167  1.000 51.790 0 470 HOH A O   1 ? 
HETATM 1320 O O   . HOH I 4 .   ? -8.522  -1.806  0.075   1.000 48.626 0 471 HOH A O   1 ? 
HETATM 1321 O O   . HOH I 4 .   ? -9.823  5.899   -13.645 1.000 45.638 0 472 HOH A O   1 ? 
HETATM 1322 O O   . HOH I 4 .   ? -9.411  4.009   -18.781 1.000 34.124 0 473 HOH A O   1 ? 
HETATM 1323 O O   . HOH I 4 .   ? -11.816 3.785   -14.891 1.000 30.366 0 474 HOH A O   1 ? 
HETATM 1324 O O   . HOH I 4 .   ? -10.334 5.974   7.962   1.000 39.425 0 475 HOH A O   1 ? 
HETATM 1325 O O   . HOH I 4 .   ? -2.610  -5.238  -17.319 1.000 36.031 0 476 HOH A O   1 ? 
HETATM 1326 O O   . HOH I 4 .   ? 1.048   7.875   -14.889 1.000 36.611 0 477 HOH A O   1 ? 
HETATM 1327 O O   . HOH I 4 .   ? 15.452  0.882   10.867  1.000 47.283 0 478 HOH A O   1 ? 
HETATM 1328 O O   . HOH I 4 .   ? 3.678   6.907   17.751  1.000 42.507 0 479 HOH A O   1 ? 
HETATM 1329 O O   . HOH I 4 .   ? -9.619  1.848   -0.582  1.000 30.288 0 480 HOH A O   1 ? 
HETATM 1330 O O   . HOH I 4 .   ? 0.918   -8.220  -16.365 1.000 29.986 0 481 HOH A O   1 ? 
HETATM 1331 O O   . HOH I 4 .   ? -10.033 -3.315  -1.612  1.000 61.153 0 482 HOH A O   1 ? 
HETATM 1332 O O   . HOH I 4 .   ? 7.490   -11.697 -4.843  1.000 36.003 0 483 HOH A O   1 ? 
HETATM 1333 O O   . HOH I 4 .   ? -3.593  -13.017 -4.847  1.000 40.001 0 484 HOH A O   1 ? 
HETATM 1334 O O   . HOH I 4 .   ? -6.742  -7.471  3.081   1.000 59.867 0 485 HOH A O   1 ? 
HETATM 1335 O O   . HOH I 4 .   ? 13.433  -10.531 9.283   1.000 54.303 0 486 HOH A O   1 ? 
HETATM 1336 O O   . HOH I 4 .   ? 1.693   -4.548  10.339  1.000 55.531 0 487 HOH A O   1 ? 
HETATM 1337 O O   . HOH I 4 .   ? -9.373  -10.385 -10.280 1.000 34.618 0 488 HOH A O   1 ? 
HETATM 1338 O O   . HOH I 4 .   ? -8.982  4.854   -22.233 1.000 52.464 0 489 HOH A O   1 ? 
HETATM 1339 O O   . HOH I 4 .   ? 2.364   11.666  -4.914  1.000 33.081 0 490 HOH A O   1 ? 
HETATM 1340 O O   . HOH I 4 .   ? -10.350 5.637   -8.329  1.000 35.039 0 491 HOH A O   1 ? 
HETATM 1341 O O   . HOH I 4 .   ? -10.876 3.325   -3.012  1.000 43.700 0 492 HOH A O   1 ? 
HETATM 1342 O O   . HOH I 4 .   ? 10.061  16.469  5.005   1.000 34.737 0 493 HOH A O   1 ? 
HETATM 1343 O O   . HOH I 4 .   ? -4.381  2.615   16.057  1.000 55.193 0 494 HOH A O   1 ? 
HETATM 1344 O O   . HOH I 4 .   ? -5.894  12.217  -15.002 1.000 54.115 0 495 HOH A O   1 ? 
HETATM 1345 O O   . HOH I 4 .   ? -12.387 -1.783  11.283  1.000 54.669 0 496 HOH A O   1 ? 
HETATM 1346 O O   . HOH I 4 .   ? -9.175  8.942   -13.407 1.000 49.265 0 497 HOH A O   1 ? 
HETATM 1347 O O   . HOH I 4 .   ? 1.017   3.305   16.318  1.000 59.135 0 498 HOH A O   1 ? 
HETATM 1348 O O   . HOH I 4 .   ? -1.128  8.647   -18.739 1.000 61.626 0 499 HOH A O   1 ? 
HETATM 1349 O O   . HOH I 4 .   ? 20.070  -14.201 -3.536  1.000 68.995 0 500 HOH A O   1 ? 
HETATM 1350 O O   . HOH I 4 .   ? 11.771  19.755  5.914   1.000 46.675 0 501 HOH A O   1 ? 
HETATM 1351 O O   . HOH I 4 .   ? 10.831  -23.871 -5.967  1.000 63.289 0 502 HOH A O   1 ? 
HETATM 1352 O O   . HOH I 4 .   ? -10.538 -15.437 13.720  1.000 60.166 0 503 HOH A O   1 ? 
HETATM 1353 O O   . HOH I 4 .   ? 8.571   -7.585  -15.326 1.000 28.841 0 504 HOH A O   1 ? 
HETATM 1354 O O   . HOH I 4 .   ? -7.328  10.074  13.964  1.000 52.440 0 505 HOH A O   1 ? 
HETATM 1355 O O   . HOH I 4 .   ? -1.075  16.624  -3.142  1.000 46.467 0 506 HOH A O   1 ? 
HETATM 1356 O O   . HOH I 4 .   ? -2.703  4.496   -21.210 1.000 55.431 0 507 HOH A O   1 ? 
HETATM 1357 O O   . HOH I 4 .   ? 6.086   -13.638 -5.964  1.000 44.867 0 508 HOH A O   1 ? 
HETATM 1358 O O   . HOH I 4 .   ? -12.014 7.876   -15.972 1.000 48.228 0 509 HOH A O   1 ? 
HETATM 1359 O O   . HOH I 4 .   ? -12.092 13.104  4.844   1.000 56.683 0 510 HOH A O   1 ? 
HETATM 1360 O O   . HOH I 4 .   ? 6.764   -1.294  20.542  1.000 52.431 0 511 HOH A O   1 ? 
HETATM 1361 O O   . HOH I 4 .   ? 9.881   -11.712 10.716  1.000 68.510 0 512 HOH A O   1 ? 
HETATM 1362 O O   . HOH I 4 .   ? -4.256  14.852  11.473  1.000 50.111 0 513 HOH A O   1 ? 
HETATM 1363 O O   . HOH I 4 .   ? 2.945   3.122   -17.080 1.000 49.306 0 514 HOH A O   1 ? 
HETATM 1364 O O   . HOH I 4 .   ? 0.031   -10.689 -15.452 1.000 47.084 0 515 HOH A O   1 ? 
HETATM 1365 O O   . HOH I 4 .   ? 13.988  -3.745  8.702   1.000 47.226 0 516 HOH A O   1 ? 
HETATM 1366 O O   . HOH I 4 .   ? 1.099   16.597  -1.457  1.000 48.348 0 517 HOH A O   1 ? 
HETATM 1367 O O   . HOH I 4 .   ? -6.100  11.696  15.612  1.000 53.040 0 518 HOH A O   1 ? 
HETATM 1368 O O   . HOH I 4 .   ? -12.451 6.411   -2.162  1.000 56.781 0 519 HOH A O   1 ? 
HETATM 1369 O O   . HOH I 4 .   ? 6.126   -16.820 -8.808  1.000 55.987 0 520 HOH A O   1 ? 
HETATM 1370 O O   . HOH I 4 .   ? 3.356   2.598   -19.241 1.000 49.945 0 521 HOH A O   1 ? 
HETATM 1371 O O   . HOH I 4 .   ? -9.266  -10.428 -12.545 1.000 61.658 0 522 HOH A O   1 ? 
HETATM 1372 O O   . HOH I 4 .   ? -2.158  -2.081  11.369  1.000 61.757 0 523 HOH A O   1 ? 
HETATM 1373 O O   . HOH I 4 .   ? 7.468   19.918  17.055  1.000 51.884 0 524 HOH A O   1 ? 
HETATM 1374 O O   . HOH I 4 .   ? -14.190 -8.627  -11.886 1.000 43.847 0 525 HOH A O   1 ? 
HETATM 1375 O O   . HOH I 4 .   ? 8.233   -16.949 4.790   1.000 48.862 0 526 HOH A O   1 ? 
HETATM 1376 O O   . HOH I 4 .   ? -13.718 8.018   -8.950  1.000 43.143 0 527 HOH A O   1 ? 
HETATM 1377 O O   . HOH I 4 .   ? -7.954  12.066  11.885  1.000 51.492 0 528 HOH A O   1 ? 
HETATM 1378 O O   . HOH I 4 .   ? -11.056 13.811  7.651   1.000 53.995 0 529 HOH A O   1 ? 
HETATM 1379 O O   . HOH I 4 .   ? 7.300   15.025  -3.362  1.000 55.440 0 530 HOH A O   1 ? 
HETATM 1380 O O   . HOH I 4 .   ? -0.512  4.810   -20.157 1.000 44.742 0 531 HOH A O   1 ? 
HETATM 1381 O O   . HOH I 4 .   ? -1.958  -5.105  7.816   1.000 65.154 0 532 HOH A O   1 ? 
HETATM 1382 O O   . HOH I 4 .   ? 6.243   -13.579 8.516   1.000 52.281 0 533 HOH A O   1 ? 
HETATM 1383 O O   . HOH I 4 .   ? -3.932  22.717  7.602   1.000 56.816 0 534 HOH A O   1 ? 
HETATM 1384 O O   . HOH I 4 .   ? 16.481  -4.087  9.929   1.000 49.038 0 535 HOH A O   1 ? 
HETATM 1385 O O   . HOH I 4 .   ? 3.580   16.123  -4.288  1.000 56.145 0 536 HOH A O   1 ? 
HETATM 1386 O O   . HOH I 4 .   ? -10.027 7.893   11.885  1.000 55.601 0 537 HOH A O   1 ? 
# 
loop_
_pdbx_poly_seq_scheme.asym_id 
_pdbx_poly_seq_scheme.entity_id 
_pdbx_poly_seq_scheme.seq_id 
_pdbx_poly_seq_scheme.mon_id 
_pdbx_poly_seq_scheme.ndb_seq_num 
_pdbx_poly_seq_scheme.pdb_seq_num 
_pdbx_poly_seq_scheme.auth_seq_num 
_pdbx_poly_seq_scheme.pdb_mon_id 
_pdbx_poly_seq_scheme.auth_mon_id 
_pdbx_poly_seq_scheme.pdb_strand_id 
_pdbx_poly_seq_scheme.pdb_ins_code 
_pdbx_poly_seq_scheme.hetero 
A 1 1   SER 1   56  ?   ?   ?   A . n 
A 1 2   SER 2   57  57  SER SER A . n 
A 1 3   PRO 3   58  58  PRO PRO A . n 
A 1 4   GLY 4   59  59  GLY GLY A . n 
A 1 5   ILE 5   60  60  ILE ILE A . n 
A 1 6   TRP 6   61  61  TRP TRP A . n 
A 1 7   GLN 7   62  62  GLN GLN A . n 
A 1 8   LEU 8   63  63  LEU LEU A . n 
A 1 9   ASP 9   64  64  ASP ASP A . n 
A 1 10  CYS 10  65  65  CYS CYS A . n 
A 1 11  THR 11  66  66  THR THR A . n 
A 1 12  HIS 12  67  67  HIS HIS A . n 
A 1 13  LEU 13  68  68  LEU LEU A . n 
A 1 14  GLU 14  69  69  GLU GLU A . n 
A 1 15  GLY 15  70  70  GLY GLY A . n 
A 1 16  LYS 16  71  71  LYS LYS A . n 
A 1 17  VAL 17  72  72  VAL VAL A . n 
A 1 18  ILE 18  73  73  ILE ILE A . n 
A 1 19  LEU 19  74  74  LEU LEU A . n 
A 1 20  VAL 20  75  75  VAL VAL A . n 
A 1 21  ALA 21  76  76  ALA ALA A . n 
A 1 22  VAL 22  77  77  VAL VAL A . n 
A 1 23  HIS 23  78  78  HIS HIS A . n 
A 1 24  VAL 24  79  79  VAL VAL A . n 
A 1 25  ALA 25  80  80  ALA ALA A . n 
A 1 26  SER 26  81  81  SER SER A . n 
A 1 27  GLY 27  82  82  GLY GLY A . n 
A 1 28  TYR 28  83  83  TYR TYR A . n 
A 1 29  ILE 29  84  84  ILE ILE A . n 
A 1 30  GLU 30  85  85  GLU GLU A . n 
A 1 31  ALA 31  86  86  ALA ALA A . n 
A 1 32  GLU 32  87  87  GLU GLU A . n 
A 1 33  VAL 33  88  88  VAL VAL A . n 
A 1 34  ILE 34  89  89  ILE ILE A . n 
A 1 35  PRO 35  90  90  PRO PRO A . n 
A 1 36  ALA 36  91  91  ALA ALA A . n 
A 1 37  GLU 37  92  92  GLU GLU A . n 
A 1 38  THR 38  93  93  THR THR A . n 
A 1 39  GLY 39  94  94  GLY GLY A . n 
A 1 40  GLN 40  95  95  GLN GLN A . n 
A 1 41  GLU 41  96  96  GLU GLU A . n 
A 1 42  THR 42  97  97  THR THR A . n 
A 1 43  ALA 43  98  98  ALA ALA A . n 
A 1 44  TYR 44  99  99  TYR TYR A . n 
A 1 45  PHE 45  100 100 PHE PHE A . n 
A 1 46  LEU 46  101 101 LEU LEU A . n 
A 1 47  LEU 47  102 102 LEU LEU A . n 
A 1 48  LYS 48  103 103 LYS LYS A . n 
A 1 49  LEU 49  104 104 LEU LEU A . n 
A 1 50  ALA 50  105 105 ALA ALA A . n 
A 1 51  GLY 51  106 106 GLY GLY A . n 
A 1 52  ARG 52  107 107 ARG ARG A . n 
A 1 53  TRP 53  108 108 TRP TRP A . n 
A 1 54  PRO 54  109 109 PRO PRO A . n 
A 1 55  VAL 55  110 110 VAL VAL A . n 
A 1 56  LYS 56  111 111 LYS LYS A . n 
A 1 57  THR 57  112 112 THR THR A . n 
A 1 58  VAL 58  113 113 VAL VAL A . n 
A 1 59  HIS 59  114 114 HIS HIS A . n 
A 1 60  THR 60  115 115 THR THR A . n 
A 1 61  ASP 61  116 116 ASP ASP A . n 
A 1 62  ASN 62  117 117 ASN ASN A . n 
A 1 63  GLY 63  118 118 GLY GLY A . n 
A 1 64  SER 64  119 119 SER SER A . n 
A 1 65  ASN 65  120 120 ASN ASN A . n 
A 1 66  PHE 66  121 121 PHE PHE A . n 
A 1 67  THR 67  122 122 THR THR A . n 
A 1 68  SER 68  123 123 SER SER A . n 
A 1 69  THR 69  124 124 THR THR A . n 
A 1 70  THR 70  125 125 THR THR A . n 
A 1 71  VAL 71  126 126 VAL VAL A . n 
A 1 72  LYS 72  127 127 LYS LYS A . n 
A 1 73  ALA 73  128 128 ALA ALA A . n 
A 1 74  ALA 74  129 129 ALA ALA A . n 
A 1 75  CYS 75  130 130 CYS CYS A . n 
A 1 76  TRP 76  131 131 TRP TRP A . n 
A 1 77  TRP 77  132 132 TRP TRP A . n 
A 1 78  ALA 78  133 133 ALA ALA A . n 
A 1 79  GLY 79  134 134 GLY GLY A . n 
A 1 80  ILE 80  135 135 ILE ILE A . n 
A 1 81  LYS 81  136 136 LYS LYS A . n 
A 1 82  GLN 82  137 137 GLN GLN A . n 
A 1 83  GLU 83  138 138 GLU GLU A . n 
A 1 84  ASP 84  139 139 ASP ASP A . n 
A 1 85  GLY 85  140 140 GLY GLY A . n 
A 1 86  ILE 86  141 141 ILE ILE A . n 
A 1 87  PRO 87  142 142 PRO PRO A . n 
A 1 88  TYR 88  143 143 TYR TYR A . n 
A 1 89  ASN 89  144 144 ASN ASN A . n 
A 1 90  PRO 90  145 145 PRO PRO A . n 
A 1 91  GLN 91  146 146 GLN GLN A . n 
A 1 92  SER 92  147 147 SER SER A . n 
A 1 93  GLN 93  148 148 GLN GLN A . n 
A 1 94  GLY 94  149 149 GLY GLY A . n 
A 1 95  VAL 95  150 150 VAL VAL A . n 
A 1 96  ILE 96  151 151 ILE ILE A . n 
A 1 97  GLU 97  152 152 GLU GLU A . n 
A 1 98  SER 98  153 153 SER SER A . n 
A 1 99  MET 99  154 154 MET MET A . n 
A 1 100 ASN 100 155 155 ASN ASN A . n 
A 1 101 LYS 101 156 156 LYS LYS A . n 
A 1 102 GLU 102 157 157 GLU GLU A . n 
A 1 103 LEU 103 158 158 LEU LEU A . n 
A 1 104 LYS 104 159 159 LYS LYS A . n 
A 1 105 LYS 105 160 160 LYS LYS A . n 
A 1 106 ILE 106 161 161 ILE ILE A . n 
A 1 107 ILE 107 162 162 ILE ILE A . n 
A 1 108 GLY 108 163 163 GLY GLY A . n 
A 1 109 GLN 109 164 164 GLN GLN A . n 
A 1 110 VAL 110 165 165 VAL VAL A . n 
A 1 111 ARG 111 166 166 ARG ARG A . n 
A 1 112 ASP 112 167 167 ASP ASP A . n 
A 1 113 GLN 113 168 168 GLN GLN A . n 
A 1 114 ALA 114 169 169 ALA ALA A . n 
A 1 115 GLU 115 170 170 GLU GLU A . n 
A 1 116 HIS 116 171 171 HIS HIS A . n 
A 1 117 LEU 117 172 172 LEU LEU A . n 
A 1 118 LYS 118 173 173 LYS LYS A . n 
A 1 119 THR 119 174 174 THR THR A . n 
A 1 120 ALA 120 175 175 ALA ALA A . n 
A 1 121 VAL 121 176 176 VAL VAL A . n 
A 1 122 GLN 122 177 177 GLN GLN A . n 
A 1 123 MET 123 178 178 MET MET A . n 
A 1 124 ALA 124 179 179 ALA ALA A . n 
A 1 125 VAL 125 180 180 VAL VAL A . n 
A 1 126 PHE 126 181 181 PHE PHE A . n 
A 1 127 ILE 127 182 182 ILE ILE A . n 
A 1 128 HIS 128 183 183 HIS HIS A . n 
A 1 129 ASN 129 184 184 ASN ASN A . n 
A 1 130 HIS 130 185 185 HIS HIS A . n 
A 1 131 LYS 131 186 186 LYS LYS A . n 
A 1 132 ARG 132 187 187 ARG ARG A . n 
A 1 133 LYS 133 188 188 LYS LYS A . n 
A 1 134 GLY 134 189 189 GLY GLY A . n 
A 1 135 GLY 135 190 ?   ?   ?   A . n 
A 1 136 ILE 136 191 ?   ?   ?   A . n 
A 1 137 GLY 137 192 ?   ?   ?   A . n 
A 1 138 GLY 138 193 193 GLY GLY A . n 
A 1 139 TYR 139 194 194 TYR TYR A . n 
A 1 140 SER 140 195 195 SER SER A . n 
A 1 141 ALA 141 196 196 ALA ALA A . n 
A 1 142 GLY 142 197 197 GLY GLY A . n 
A 1 143 GLU 143 198 198 GLU GLU A . n 
A 1 144 ARG 144 199 199 ARG ARG A . n 
A 1 145 ILE 145 200 200 ILE ILE A . n 
A 1 146 VAL 146 201 201 VAL VAL A . n 
A 1 147 ASP 147 202 202 ASP ASP A . n 
A 1 148 ILE 148 203 203 ILE ILE A . n 
A 1 149 ILE 149 204 204 ILE ILE A . n 
A 1 150 ALA 150 205 205 ALA ALA A . n 
A 1 151 THR 151 206 206 THR THR A . n 
A 1 152 ASP 152 207 207 ASP ASP A . n 
A 1 153 ILE 153 208 208 ILE ILE A . n 
A 1 154 GLN 154 209 209 GLN GLN A . n 
A 1 155 THR 155 210 210 THR THR A . n 
A 1 156 LYS 156 211 211 LYS LYS A . n 
A 1 157 GLU 157 212 ?   ?   ?   A . n 
# 
_pdbx_audit_support.funding_organization   'Not funded' 
_pdbx_audit_support.country                ? 
_pdbx_audit_support.grant_number           ? 
_pdbx_audit_support.ordinal                1 
# 
_pdbx_contact_author.id                 2 
_pdbx_contact_author.email              fwang@wuxibiortus.com 
_pdbx_contact_author.name_first         Feng 
_pdbx_contact_author.name_last          Wang 
_pdbx_contact_author.name_mi            ? 
_pdbx_contact_author.role               'principal investigator/group leader' 
_pdbx_contact_author.identifier_ORCID   0000-0002-4384-5834 
# 
loop_
_pdbx_entity_nonpoly.entity_id 
_pdbx_entity_nonpoly.name 
_pdbx_entity_nonpoly.comp_id 
2 'SULFATE ION' SO4 
3 'ACETATE ION' ACT 
4 water         HOH 
# 
_pdbx_entry_details.entry_id                 8WF7 
_pdbx_entry_details.has_ligand_of_interest   N 
_pdbx_entry_details.compound_details         ? 
_pdbx_entry_details.source_details           ? 
_pdbx_entry_details.nonpolymer_details       ? 
_pdbx_entry_details.sequence_details         ? 
# 
_pdbx_initial_refinement_model.id               1 
_pdbx_initial_refinement_model.entity_id_list   ? 
_pdbx_initial_refinement_model.type             'experimental model' 
_pdbx_initial_refinement_model.source_name      PDB 
_pdbx_initial_refinement_model.accession_code   7UOQ 
_pdbx_initial_refinement_model.details          ? 
# 
_pdbx_struct_assembly_auth_evidence.id                     1 
_pdbx_struct_assembly_auth_evidence.assembly_id            1 
_pdbx_struct_assembly_auth_evidence.experimental_support   'gel filtration' 
_pdbx_struct_assembly_auth_evidence.details                ? 
# 
loop_
_software.citation_id 
_software.classification 
_software.compiler_name 
_software.compiler_version 
_software.contact_author 
_software.contact_author_email 
_software.date 
_software.description 
_software.dependencies 
_software.hardware 
_software.language 
_software.location 
_software.mods 
_software.name 
_software.os 
_software.os_version 
_software.type 
_software.version 
_software.pdbx_ordinal 
? refinement       ? ? ? ? ? ? ? ? ? ? ? REFMAC  ? ? ? 5.8.0352 1 
? 'data reduction' ? ? ? ? ? ? ? ? ? ? ? XDS     ? ? ? .        2 
? 'data scaling'   ? ? ? ? ? ? ? ? ? ? ? Aimless ? ? ? .        3 
? phasing          ? ? ? ? ? ? ? ? ? ? ? PHASER  ? ? ? .        4 
# 
loop_
_chem_comp_atom.comp_id 
_chem_comp_atom.atom_id 
_chem_comp_atom.type_symbol 
_chem_comp_atom.pdbx_aromatic_flag 
_chem_comp_atom.pdbx_stereo_config 
_chem_comp_atom.pdbx_ordinal 
ACT C    C N N 1   
ACT O    O N N 2   
ACT OXT  O N N 3   
ACT CH3  C N N 4   
ACT H1   H N N 5   
ACT H2   H N N 6   
ACT H3   H N N 7   
ALA N    N N N 8   
ALA CA   C N S 9   
ALA C    C N N 10  
ALA O    O N N 11  
ALA CB   C N N 12  
ALA OXT  O N N 13  
ALA H    H N N 14  
ALA H2   H N N 15  
ALA HA   H N N 16  
ALA HB1  H N N 17  
ALA HB2  H N N 18  
ALA HB3  H N N 19  
ALA HXT  H N N 20  
ARG N    N N N 21  
ARG CA   C N S 22  
ARG C    C N N 23  
ARG O    O N N 24  
ARG CB   C N N 25  
ARG CG   C N N 26  
ARG CD   C N N 27  
ARG NE   N N N 28  
ARG CZ   C N N 29  
ARG NH1  N N N 30  
ARG NH2  N N N 31  
ARG OXT  O N N 32  
ARG H    H N N 33  
ARG H2   H N N 34  
ARG HA   H N N 35  
ARG HB2  H N N 36  
ARG HB3  H N N 37  
ARG HG2  H N N 38  
ARG HG3  H N N 39  
ARG HD2  H N N 40  
ARG HD3  H N N 41  
ARG HE   H N N 42  
ARG HH11 H N N 43  
ARG HH12 H N N 44  
ARG HH21 H N N 45  
ARG HH22 H N N 46  
ARG HXT  H N N 47  
ASN N    N N N 48  
ASN CA   C N S 49  
ASN C    C N N 50  
ASN O    O N N 51  
ASN CB   C N N 52  
ASN CG   C N N 53  
ASN OD1  O N N 54  
ASN ND2  N N N 55  
ASN OXT  O N N 56  
ASN H    H N N 57  
ASN H2   H N N 58  
ASN HA   H N N 59  
ASN HB2  H N N 60  
ASN HB3  H N N 61  
ASN HD21 H N N 62  
ASN HD22 H N N 63  
ASN HXT  H N N 64  
ASP N    N N N 65  
ASP CA   C N S 66  
ASP C    C N N 67  
ASP O    O N N 68  
ASP CB   C N N 69  
ASP CG   C N N 70  
ASP OD1  O N N 71  
ASP OD2  O N N 72  
ASP OXT  O N N 73  
ASP H    H N N 74  
ASP H2   H N N 75  
ASP HA   H N N 76  
ASP HB2  H N N 77  
ASP HB3  H N N 78  
ASP HD2  H N N 79  
ASP HXT  H N N 80  
CYS N    N N N 81  
CYS CA   C N R 82  
CYS C    C N N 83  
CYS O    O N N 84  
CYS CB   C N N 85  
CYS SG   S N N 86  
CYS OXT  O N N 87  
CYS H    H N N 88  
CYS H2   H N N 89  
CYS HA   H N N 90  
CYS HB2  H N N 91  
CYS HB3  H N N 92  
CYS HG   H N N 93  
CYS HXT  H N N 94  
GLN N    N N N 95  
GLN CA   C N S 96  
GLN C    C N N 97  
GLN O    O N N 98  
GLN CB   C N N 99  
GLN CG   C N N 100 
GLN CD   C N N 101 
GLN OE1  O N N 102 
GLN NE2  N N N 103 
GLN OXT  O N N 104 
GLN H    H N N 105 
GLN H2   H N N 106 
GLN HA   H N N 107 
GLN HB2  H N N 108 
GLN HB3  H N N 109 
GLN HG2  H N N 110 
GLN HG3  H N N 111 
GLN HE21 H N N 112 
GLN HE22 H N N 113 
GLN HXT  H N N 114 
GLU N    N N N 115 
GLU CA   C N S 116 
GLU C    C N N 117 
GLU O    O N N 118 
GLU CB   C N N 119 
GLU CG   C N N 120 
GLU CD   C N N 121 
GLU OE1  O N N 122 
GLU OE2  O N N 123 
GLU OXT  O N N 124 
GLU H    H N N 125 
GLU H2   H N N 126 
GLU HA   H N N 127 
GLU HB2  H N N 128 
GLU HB3  H N N 129 
GLU HG2  H N N 130 
GLU HG3  H N N 131 
GLU HE2  H N N 132 
GLU HXT  H N N 133 
GLY N    N N N 134 
GLY CA   C N N 135 
GLY C    C N N 136 
GLY O    O N N 137 
GLY OXT  O N N 138 
GLY H    H N N 139 
GLY H2   H N N 140 
GLY HA2  H N N 141 
GLY HA3  H N N 142 
GLY HXT  H N N 143 
HIS N    N N N 144 
HIS CA   C N S 145 
HIS C    C N N 146 
HIS O    O N N 147 
HIS CB   C N N 148 
HIS CG   C Y N 149 
HIS ND1  N Y N 150 
HIS CD2  C Y N 151 
HIS CE1  C Y N 152 
HIS NE2  N Y N 153 
HIS OXT  O N N 154 
HIS H    H N N 155 
HIS H2   H N N 156 
HIS HA   H N N 157 
HIS HB2  H N N 158 
HIS HB3  H N N 159 
HIS HD1  H N N 160 
HIS HD2  H N N 161 
HIS HE1  H N N 162 
HIS HE2  H N N 163 
HIS HXT  H N N 164 
HOH O    O N N 165 
HOH H1   H N N 166 
HOH H2   H N N 167 
ILE N    N N N 168 
ILE CA   C N S 169 
ILE C    C N N 170 
ILE O    O N N 171 
ILE CB   C N S 172 
ILE CG1  C N N 173 
ILE CG2  C N N 174 
ILE CD1  C N N 175 
ILE OXT  O N N 176 
ILE H    H N N 177 
ILE H2   H N N 178 
ILE HA   H N N 179 
ILE HB   H N N 180 
ILE HG12 H N N 181 
ILE HG13 H N N 182 
ILE HG21 H N N 183 
ILE HG22 H N N 184 
ILE HG23 H N N 185 
ILE HD11 H N N 186 
ILE HD12 H N N 187 
ILE HD13 H N N 188 
ILE HXT  H N N 189 
LEU N    N N N 190 
LEU CA   C N S 191 
LEU C    C N N 192 
LEU O    O N N 193 
LEU CB   C N N 194 
LEU CG   C N N 195 
LEU CD1  C N N 196 
LEU CD2  C N N 197 
LEU OXT  O N N 198 
LEU H    H N N 199 
LEU H2   H N N 200 
LEU HA   H N N 201 
LEU HB2  H N N 202 
LEU HB3  H N N 203 
LEU HG   H N N 204 
LEU HD11 H N N 205 
LEU HD12 H N N 206 
LEU HD13 H N N 207 
LEU HD21 H N N 208 
LEU HD22 H N N 209 
LEU HD23 H N N 210 
LEU HXT  H N N 211 
LYS N    N N N 212 
LYS CA   C N S 213 
LYS C    C N N 214 
LYS O    O N N 215 
LYS CB   C N N 216 
LYS CG   C N N 217 
LYS CD   C N N 218 
LYS CE   C N N 219 
LYS NZ   N N N 220 
LYS OXT  O N N 221 
LYS H    H N N 222 
LYS H2   H N N 223 
LYS HA   H N N 224 
LYS HB2  H N N 225 
LYS HB3  H N N 226 
LYS HG2  H N N 227 
LYS HG3  H N N 228 
LYS HD2  H N N 229 
LYS HD3  H N N 230 
LYS HE2  H N N 231 
LYS HE3  H N N 232 
LYS HZ1  H N N 233 
LYS HZ2  H N N 234 
LYS HZ3  H N N 235 
LYS HXT  H N N 236 
MET N    N N N 237 
MET CA   C N S 238 
MET C    C N N 239 
MET O    O N N 240 
MET CB   C N N 241 
MET CG   C N N 242 
MET SD   S N N 243 
MET CE   C N N 244 
MET OXT  O N N 245 
MET H    H N N 246 
MET H2   H N N 247 
MET HA   H N N 248 
MET HB2  H N N 249 
MET HB3  H N N 250 
MET HG2  H N N 251 
MET HG3  H N N 252 
MET HE1  H N N 253 
MET HE2  H N N 254 
MET HE3  H N N 255 
MET HXT  H N N 256 
PHE N    N N N 257 
PHE CA   C N S 258 
PHE C    C N N 259 
PHE O    O N N 260 
PHE CB   C N N 261 
PHE CG   C Y N 262 
PHE CD1  C Y N 263 
PHE CD2  C Y N 264 
PHE CE1  C Y N 265 
PHE CE2  C Y N 266 
PHE CZ   C Y N 267 
PHE OXT  O N N 268 
PHE H    H N N 269 
PHE H2   H N N 270 
PHE HA   H N N 271 
PHE HB2  H N N 272 
PHE HB3  H N N 273 
PHE HD1  H N N 274 
PHE HD2  H N N 275 
PHE HE1  H N N 276 
PHE HE2  H N N 277 
PHE HZ   H N N 278 
PHE HXT  H N N 279 
PRO N    N N N 280 
PRO CA   C N S 281 
PRO C    C N N 282 
PRO O    O N N 283 
PRO CB   C N N 284 
PRO CG   C N N 285 
PRO CD   C N N 286 
PRO OXT  O N N 287 
PRO H    H N N 288 
PRO HA   H N N 289 
PRO HB2  H N N 290 
PRO HB3  H N N 291 
PRO HG2  H N N 292 
PRO HG3  H N N 293 
PRO HD2  H N N 294 
PRO HD3  H N N 295 
PRO HXT  H N N 296 
SER N    N N N 297 
SER CA   C N S 298 
SER C    C N N 299 
SER O    O N N 300 
SER CB   C N N 301 
SER OG   O N N 302 
SER OXT  O N N 303 
SER H    H N N 304 
SER H2   H N N 305 
SER HA   H N N 306 
SER HB2  H N N 307 
SER HB3  H N N 308 
SER HG   H N N 309 
SER HXT  H N N 310 
SO4 S    S N N 311 
SO4 O1   O N N 312 
SO4 O2   O N N 313 
SO4 O3   O N N 314 
SO4 O4   O N N 315 
THR N    N N N 316 
THR CA   C N S 317 
THR C    C N N 318 
THR O    O N N 319 
THR CB   C N R 320 
THR OG1  O N N 321 
THR CG2  C N N 322 
THR OXT  O N N 323 
THR H    H N N 324 
THR H2   H N N 325 
THR HA   H N N 326 
THR HB   H N N 327 
THR HG1  H N N 328 
THR HG21 H N N 329 
THR HG22 H N N 330 
THR HG23 H N N 331 
THR HXT  H N N 332 
TRP N    N N N 333 
TRP CA   C N S 334 
TRP C    C N N 335 
TRP O    O N N 336 
TRP CB   C N N 337 
TRP CG   C Y N 338 
TRP CD1  C Y N 339 
TRP CD2  C Y N 340 
TRP NE1  N Y N 341 
TRP CE2  C Y N 342 
TRP CE3  C Y N 343 
TRP CZ2  C Y N 344 
TRP CZ3  C Y N 345 
TRP CH2  C Y N 346 
TRP OXT  O N N 347 
TRP H    H N N 348 
TRP H2   H N N 349 
TRP HA   H N N 350 
TRP HB2  H N N 351 
TRP HB3  H N N 352 
TRP HD1  H N N 353 
TRP HE1  H N N 354 
TRP HE3  H N N 355 
TRP HZ2  H N N 356 
TRP HZ3  H N N 357 
TRP HH2  H N N 358 
TRP HXT  H N N 359 
TYR N    N N N 360 
TYR CA   C N S 361 
TYR C    C N N 362 
TYR O    O N N 363 
TYR CB   C N N 364 
TYR CG   C Y N 365 
TYR CD1  C Y N 366 
TYR CD2  C Y N 367 
TYR CE1  C Y N 368 
TYR CE2  C Y N 369 
TYR CZ   C Y N 370 
TYR OH   O N N 371 
TYR OXT  O N N 372 
TYR H    H N N 373 
TYR H2   H N N 374 
TYR HA   H N N 375 
TYR HB2  H N N 376 
TYR HB3  H N N 377 
TYR HD1  H N N 378 
TYR HD2  H N N 379 
TYR HE1  H N N 380 
TYR HE2  H N N 381 
TYR HH   H N N 382 
TYR HXT  H N N 383 
VAL N    N N N 384 
VAL CA   C N S 385 
VAL C    C N N 386 
VAL O    O N N 387 
VAL CB   C N N 388 
VAL CG1  C N N 389 
VAL CG2  C N N 390 
VAL OXT  O N N 391 
VAL H    H N N 392 
VAL H2   H N N 393 
VAL HA   H N N 394 
VAL HB   H N N 395 
VAL HG11 H N N 396 
VAL HG12 H N N 397 
VAL HG13 H N N 398 
VAL HG21 H N N 399 
VAL HG22 H N N 400 
VAL HG23 H N N 401 
VAL HXT  H N N 402 
# 
loop_
_chem_comp_bond.comp_id 
_chem_comp_bond.atom_id_1 
_chem_comp_bond.atom_id_2 
_chem_comp_bond.value_order 
_chem_comp_bond.pdbx_aromatic_flag 
_chem_comp_bond.pdbx_stereo_config 
_chem_comp_bond.pdbx_ordinal 
ACT C   O    doub N N 1   
ACT C   OXT  sing N N 2   
ACT C   CH3  sing N N 3   
ACT CH3 H1   sing N N 4   
ACT CH3 H2   sing N N 5   
ACT CH3 H3   sing N N 6   
ALA N   CA   sing N N 7   
ALA N   H    sing N N 8   
ALA N   H2   sing N N 9   
ALA CA  C    sing N N 10  
ALA CA  CB   sing N N 11  
ALA CA  HA   sing N N 12  
ALA C   O    doub N N 13  
ALA C   OXT  sing N N 14  
ALA CB  HB1  sing N N 15  
ALA CB  HB2  sing N N 16  
ALA CB  HB3  sing N N 17  
ALA OXT HXT  sing N N 18  
ARG N   CA   sing N N 19  
ARG N   H    sing N N 20  
ARG N   H2   sing N N 21  
ARG CA  C    sing N N 22  
ARG CA  CB   sing N N 23  
ARG CA  HA   sing N N 24  
ARG C   O    doub N N 25  
ARG C   OXT  sing N N 26  
ARG CB  CG   sing N N 27  
ARG CB  HB2  sing N N 28  
ARG CB  HB3  sing N N 29  
ARG CG  CD   sing N N 30  
ARG CG  HG2  sing N N 31  
ARG CG  HG3  sing N N 32  
ARG CD  NE   sing N N 33  
ARG CD  HD2  sing N N 34  
ARG CD  HD3  sing N N 35  
ARG NE  CZ   sing N N 36  
ARG NE  HE   sing N N 37  
ARG CZ  NH1  sing N N 38  
ARG CZ  NH2  doub N N 39  
ARG NH1 HH11 sing N N 40  
ARG NH1 HH12 sing N N 41  
ARG NH2 HH21 sing N N 42  
ARG NH2 HH22 sing N N 43  
ARG OXT HXT  sing N N 44  
ASN N   CA   sing N N 45  
ASN N   H    sing N N 46  
ASN N   H2   sing N N 47  
ASN CA  C    sing N N 48  
ASN CA  CB   sing N N 49  
ASN CA  HA   sing N N 50  
ASN C   O    doub N N 51  
ASN C   OXT  sing N N 52  
ASN CB  CG   sing N N 53  
ASN CB  HB2  sing N N 54  
ASN CB  HB3  sing N N 55  
ASN CG  OD1  doub N N 56  
ASN CG  ND2  sing N N 57  
ASN ND2 HD21 sing N N 58  
ASN ND2 HD22 sing N N 59  
ASN OXT HXT  sing N N 60  
ASP N   CA   sing N N 61  
ASP N   H    sing N N 62  
ASP N   H2   sing N N 63  
ASP CA  C    sing N N 64  
ASP CA  CB   sing N N 65  
ASP CA  HA   sing N N 66  
ASP C   O    doub N N 67  
ASP C   OXT  sing N N 68  
ASP CB  CG   sing N N 69  
ASP CB  HB2  sing N N 70  
ASP CB  HB3  sing N N 71  
ASP CG  OD1  doub N N 72  
ASP CG  OD2  sing N N 73  
ASP OD2 HD2  sing N N 74  
ASP OXT HXT  sing N N 75  
CYS N   CA   sing N N 76  
CYS N   H    sing N N 77  
CYS N   H2   sing N N 78  
CYS CA  C    sing N N 79  
CYS CA  CB   sing N N 80  
CYS CA  HA   sing N N 81  
CYS C   O    doub N N 82  
CYS C   OXT  sing N N 83  
CYS CB  SG   sing N N 84  
CYS CB  HB2  sing N N 85  
CYS CB  HB3  sing N N 86  
CYS SG  HG   sing N N 87  
CYS OXT HXT  sing N N 88  
GLN N   CA   sing N N 89  
GLN N   H    sing N N 90  
GLN N   H2   sing N N 91  
GLN CA  C    sing N N 92  
GLN CA  CB   sing N N 93  
GLN CA  HA   sing N N 94  
GLN C   O    doub N N 95  
GLN C   OXT  sing N N 96  
GLN CB  CG   sing N N 97  
GLN CB  HB2  sing N N 98  
GLN CB  HB3  sing N N 99  
GLN CG  CD   sing N N 100 
GLN CG  HG2  sing N N 101 
GLN CG  HG3  sing N N 102 
GLN CD  OE1  doub N N 103 
GLN CD  NE2  sing N N 104 
GLN NE2 HE21 sing N N 105 
GLN NE2 HE22 sing N N 106 
GLN OXT HXT  sing N N 107 
GLU N   CA   sing N N 108 
GLU N   H    sing N N 109 
GLU N   H2   sing N N 110 
GLU CA  C    sing N N 111 
GLU CA  CB   sing N N 112 
GLU CA  HA   sing N N 113 
GLU C   O    doub N N 114 
GLU C   OXT  sing N N 115 
GLU CB  CG   sing N N 116 
GLU CB  HB2  sing N N 117 
GLU CB  HB3  sing N N 118 
GLU CG  CD   sing N N 119 
GLU CG  HG2  sing N N 120 
GLU CG  HG3  sing N N 121 
GLU CD  OE1  doub N N 122 
GLU CD  OE2  sing N N 123 
GLU OE2 HE2  sing N N 124 
GLU OXT HXT  sing N N 125 
GLY N   CA   sing N N 126 
GLY N   H    sing N N 127 
GLY N   H2   sing N N 128 
GLY CA  C    sing N N 129 
GLY CA  HA2  sing N N 130 
GLY CA  HA3  sing N N 131 
GLY C   O    doub N N 132 
GLY C   OXT  sing N N 133 
GLY OXT HXT  sing N N 134 
HIS N   CA   sing N N 135 
HIS N   H    sing N N 136 
HIS N   H2   sing N N 137 
HIS CA  C    sing N N 138 
HIS CA  CB   sing N N 139 
HIS CA  HA   sing N N 140 
HIS C   O    doub N N 141 
HIS C   OXT  sing N N 142 
HIS CB  CG   sing N N 143 
HIS CB  HB2  sing N N 144 
HIS CB  HB3  sing N N 145 
HIS CG  ND1  sing Y N 146 
HIS CG  CD2  doub Y N 147 
HIS ND1 CE1  doub Y N 148 
HIS ND1 HD1  sing N N 149 
HIS CD2 NE2  sing Y N 150 
HIS CD2 HD2  sing N N 151 
HIS CE1 NE2  sing Y N 152 
HIS CE1 HE1  sing N N 153 
HIS NE2 HE2  sing N N 154 
HIS OXT HXT  sing N N 155 
HOH O   H1   sing N N 156 
HOH O   H2   sing N N 157 
ILE N   CA   sing N N 158 
ILE N   H    sing N N 159 
ILE N   H2   sing N N 160 
ILE CA  C    sing N N 161 
ILE CA  CB   sing N N 162 
ILE CA  HA   sing N N 163 
ILE C   O    doub N N 164 
ILE C   OXT  sing N N 165 
ILE CB  CG1  sing N N 166 
ILE CB  CG2  sing N N 167 
ILE CB  HB   sing N N 168 
ILE CG1 CD1  sing N N 169 
ILE CG1 HG12 sing N N 170 
ILE CG1 HG13 sing N N 171 
ILE CG2 HG21 sing N N 172 
ILE CG2 HG22 sing N N 173 
ILE CG2 HG23 sing N N 174 
ILE CD1 HD11 sing N N 175 
ILE CD1 HD12 sing N N 176 
ILE CD1 HD13 sing N N 177 
ILE OXT HXT  sing N N 178 
LEU N   CA   sing N N 179 
LEU N   H    sing N N 180 
LEU N   H2   sing N N 181 
LEU CA  C    sing N N 182 
LEU CA  CB   sing N N 183 
LEU CA  HA   sing N N 184 
LEU C   O    doub N N 185 
LEU C   OXT  sing N N 186 
LEU CB  CG   sing N N 187 
LEU CB  HB2  sing N N 188 
LEU CB  HB3  sing N N 189 
LEU CG  CD1  sing N N 190 
LEU CG  CD2  sing N N 191 
LEU CG  HG   sing N N 192 
LEU CD1 HD11 sing N N 193 
LEU CD1 HD12 sing N N 194 
LEU CD1 HD13 sing N N 195 
LEU CD2 HD21 sing N N 196 
LEU CD2 HD22 sing N N 197 
LEU CD2 HD23 sing N N 198 
LEU OXT HXT  sing N N 199 
LYS N   CA   sing N N 200 
LYS N   H    sing N N 201 
LYS N   H2   sing N N 202 
LYS CA  C    sing N N 203 
LYS CA  CB   sing N N 204 
LYS CA  HA   sing N N 205 
LYS C   O    doub N N 206 
LYS C   OXT  sing N N 207 
LYS CB  CG   sing N N 208 
LYS CB  HB2  sing N N 209 
LYS CB  HB3  sing N N 210 
LYS CG  CD   sing N N 211 
LYS CG  HG2  sing N N 212 
LYS CG  HG3  sing N N 213 
LYS CD  CE   sing N N 214 
LYS CD  HD2  sing N N 215 
LYS CD  HD3  sing N N 216 
LYS CE  NZ   sing N N 217 
LYS CE  HE2  sing N N 218 
LYS CE  HE3  sing N N 219 
LYS NZ  HZ1  sing N N 220 
LYS NZ  HZ2  sing N N 221 
LYS NZ  HZ3  sing N N 222 
LYS OXT HXT  sing N N 223 
MET N   CA   sing N N 224 
MET N   H    sing N N 225 
MET N   H2   sing N N 226 
MET CA  C    sing N N 227 
MET CA  CB   sing N N 228 
MET CA  HA   sing N N 229 
MET C   O    doub N N 230 
MET C   OXT  sing N N 231 
MET CB  CG   sing N N 232 
MET CB  HB2  sing N N 233 
MET CB  HB3  sing N N 234 
MET CG  SD   sing N N 235 
MET CG  HG2  sing N N 236 
MET CG  HG3  sing N N 237 
MET SD  CE   sing N N 238 
MET CE  HE1  sing N N 239 
MET CE  HE2  sing N N 240 
MET CE  HE3  sing N N 241 
MET OXT HXT  sing N N 242 
PHE N   CA   sing N N 243 
PHE N   H    sing N N 244 
PHE N   H2   sing N N 245 
PHE CA  C    sing N N 246 
PHE CA  CB   sing N N 247 
PHE CA  HA   sing N N 248 
PHE C   O    doub N N 249 
PHE C   OXT  sing N N 250 
PHE CB  CG   sing N N 251 
PHE CB  HB2  sing N N 252 
PHE CB  HB3  sing N N 253 
PHE CG  CD1  doub Y N 254 
PHE CG  CD2  sing Y N 255 
PHE CD1 CE1  sing Y N 256 
PHE CD1 HD1  sing N N 257 
PHE CD2 CE2  doub Y N 258 
PHE CD2 HD2  sing N N 259 
PHE CE1 CZ   doub Y N 260 
PHE CE1 HE1  sing N N 261 
PHE CE2 CZ   sing Y N 262 
PHE CE2 HE2  sing N N 263 
PHE CZ  HZ   sing N N 264 
PHE OXT HXT  sing N N 265 
PRO N   CA   sing N N 266 
PRO N   CD   sing N N 267 
PRO N   H    sing N N 268 
PRO CA  C    sing N N 269 
PRO CA  CB   sing N N 270 
PRO CA  HA   sing N N 271 
PRO C   O    doub N N 272 
PRO C   OXT  sing N N 273 
PRO CB  CG   sing N N 274 
PRO CB  HB2  sing N N 275 
PRO CB  HB3  sing N N 276 
PRO CG  CD   sing N N 277 
PRO CG  HG2  sing N N 278 
PRO CG  HG3  sing N N 279 
PRO CD  HD2  sing N N 280 
PRO CD  HD3  sing N N 281 
PRO OXT HXT  sing N N 282 
SER N   CA   sing N N 283 
SER N   H    sing N N 284 
SER N   H2   sing N N 285 
SER CA  C    sing N N 286 
SER CA  CB   sing N N 287 
SER CA  HA   sing N N 288 
SER C   O    doub N N 289 
SER C   OXT  sing N N 290 
SER CB  OG   sing N N 291 
SER CB  HB2  sing N N 292 
SER CB  HB3  sing N N 293 
SER OG  HG   sing N N 294 
SER OXT HXT  sing N N 295 
SO4 S   O1   doub N N 296 
SO4 S   O2   doub N N 297 
SO4 S   O3   sing N N 298 
SO4 S   O4   sing N N 299 
THR N   CA   sing N N 300 
THR N   H    sing N N 301 
THR N   H2   sing N N 302 
THR CA  C    sing N N 303 
THR CA  CB   sing N N 304 
THR CA  HA   sing N N 305 
THR C   O    doub N N 306 
THR C   OXT  sing N N 307 
THR CB  OG1  sing N N 308 
THR CB  CG2  sing N N 309 
THR CB  HB   sing N N 310 
THR OG1 HG1  sing N N 311 
THR CG2 HG21 sing N N 312 
THR CG2 HG22 sing N N 313 
THR CG2 HG23 sing N N 314 
THR OXT HXT  sing N N 315 
TRP N   CA   sing N N 316 
TRP N   H    sing N N 317 
TRP N   H2   sing N N 318 
TRP CA  C    sing N N 319 
TRP CA  CB   sing N N 320 
TRP CA  HA   sing N N 321 
TRP C   O    doub N N 322 
TRP C   OXT  sing N N 323 
TRP CB  CG   sing N N 324 
TRP CB  HB2  sing N N 325 
TRP CB  HB3  sing N N 326 
TRP CG  CD1  doub Y N 327 
TRP CG  CD2  sing Y N 328 
TRP CD1 NE1  sing Y N 329 
TRP CD1 HD1  sing N N 330 
TRP CD2 CE2  doub Y N 331 
TRP CD2 CE3  sing Y N 332 
TRP NE1 CE2  sing Y N 333 
TRP NE1 HE1  sing N N 334 
TRP CE2 CZ2  sing Y N 335 
TRP CE3 CZ3  doub Y N 336 
TRP CE3 HE3  sing N N 337 
TRP CZ2 CH2  doub Y N 338 
TRP CZ2 HZ2  sing N N 339 
TRP CZ3 CH2  sing Y N 340 
TRP CZ3 HZ3  sing N N 341 
TRP CH2 HH2  sing N N 342 
TRP OXT HXT  sing N N 343 
TYR N   CA   sing N N 344 
TYR N   H    sing N N 345 
TYR N   H2   sing N N 346 
TYR CA  C    sing N N 347 
TYR CA  CB   sing N N 348 
TYR CA  HA   sing N N 349 
TYR C   O    doub N N 350 
TYR C   OXT  sing N N 351 
TYR CB  CG   sing N N 352 
TYR CB  HB2  sing N N 353 
TYR CB  HB3  sing N N 354 
TYR CG  CD1  doub Y N 355 
TYR CG  CD2  sing Y N 356 
TYR CD1 CE1  sing Y N 357 
TYR CD1 HD1  sing N N 358 
TYR CD2 CE2  doub Y N 359 
TYR CD2 HD2  sing N N 360 
TYR CE1 CZ   doub Y N 361 
TYR CE1 HE1  sing N N 362 
TYR CE2 CZ   sing Y N 363 
TYR CE2 HE2  sing N N 364 
TYR CZ  OH   sing N N 365 
TYR OH  HH   sing N N 366 
TYR OXT HXT  sing N N 367 
VAL N   CA   sing N N 368 
VAL N   H    sing N N 369 
VAL N   H2   sing N N 370 
VAL CA  C    sing N N 371 
VAL CA  CB   sing N N 372 
VAL CA  HA   sing N N 373 
VAL C   O    doub N N 374 
VAL C   OXT  sing N N 375 
VAL CB  CG1  sing N N 376 
VAL CB  CG2  sing N N 377 
VAL CB  HB   sing N N 378 
VAL CG1 HG11 sing N N 379 
VAL CG1 HG12 sing N N 380 
VAL CG1 HG13 sing N N 381 
VAL CG2 HG21 sing N N 382 
VAL CG2 HG22 sing N N 383 
VAL CG2 HG23 sing N N 384 
VAL OXT HXT  sing N N 385 
# 
_pdbx_struct_assembly.id                   1 
_pdbx_struct_assembly.details              author_and_software_defined_assembly 
_pdbx_struct_assembly.method_details       PISA 
_pdbx_struct_assembly.oligomeric_details   monomeric 
_pdbx_struct_assembly.oligomeric_count     1 
# 
_pdbx_struct_assembly_gen.assembly_id       1 
_pdbx_struct_assembly_gen.oper_expression   1 
_pdbx_struct_assembly_gen.asym_id_list      A,B,C,D,E,F,G,H,I 
# 
loop_
_pdbx_struct_assembly_prop.biol_id 
_pdbx_struct_assembly_prop.type 
_pdbx_struct_assembly_prop.value 
_pdbx_struct_assembly_prop.details 
1 'ABSA (A^2)' 180  ? 
1 MORE         -14  ? 
1 'SSA (A^2)'  8650 ? 
# 
_pdbx_struct_oper_list.id                   1 
_pdbx_struct_oper_list.type                 'identity operation' 
_pdbx_struct_oper_list.name                 1_555 
_pdbx_struct_oper_list.symmetry_operation   x,y,z 
_pdbx_struct_oper_list.matrix[1][1]         1.0000000000 
_pdbx_struct_oper_list.matrix[1][2]         0.0000000000 
_pdbx_struct_oper_list.matrix[1][3]         0.0000000000 
_pdbx_struct_oper_list.vector[1]            0.0000000000 
_pdbx_struct_oper_list.matrix[2][1]         0.0000000000 
_pdbx_struct_oper_list.matrix[2][2]         1.0000000000 
_pdbx_struct_oper_list.matrix[2][3]         0.0000000000 
_pdbx_struct_oper_list.vector[2]            0.0000000000 
_pdbx_struct_oper_list.matrix[3][1]         0.0000000000 
_pdbx_struct_oper_list.matrix[3][2]         0.0000000000 
_pdbx_struct_oper_list.matrix[3][3]         1.0000000000 
_pdbx_struct_oper_list.vector[3]            0.0000000000 
# 
loop_
_pdbx_nonpoly_scheme.asym_id 
_pdbx_nonpoly_scheme.entity_id 
_pdbx_nonpoly_scheme.mon_id 
_pdbx_nonpoly_scheme.ndb_seq_num 
_pdbx_nonpoly_scheme.pdb_seq_num 
_pdbx_nonpoly_scheme.auth_seq_num 
_pdbx_nonpoly_scheme.pdb_mon_id 
_pdbx_nonpoly_scheme.auth_mon_id 
_pdbx_nonpoly_scheme.pdb_strand_id 
_pdbx_nonpoly_scheme.pdb_ins_code 
B 2 SO4 1   301 1   SO4 SO4 A . 
C 2 SO4 1   302 2   SO4 SO4 A . 
D 2 SO4 1   303 3   SO4 SO4 A . 
E 2 SO4 1   304 4   SO4 SO4 A . 
F 2 SO4 1   305 5   SO4 SO4 A . 
G 2 SO4 1   306 6   SO4 SO4 A . 
H 3 ACT 1   307 7   ACT ACT A . 
I 4 HOH 1   401 93  HOH HOH A . 
I 4 HOH 2   402 15  HOH HOH A . 
I 4 HOH 3   403 115 HOH HOH A . 
I 4 HOH 4   404 100 HOH HOH A . 
I 4 HOH 5   405 129 HOH HOH A . 
I 4 HOH 6   406 89  HOH HOH A . 
I 4 HOH 7   407 2   HOH HOH A . 
I 4 HOH 8   408 35  HOH HOH A . 
I 4 HOH 9   409 94  HOH HOH A . 
I 4 HOH 10  410 46  HOH HOH A . 
I 4 HOH 11  411 96  HOH HOH A . 
I 4 HOH 12  412 116 HOH HOH A . 
I 4 HOH 13  413 5   HOH HOH A . 
I 4 HOH 14  414 12  HOH HOH A . 
I 4 HOH 15  415 6   HOH HOH A . 
I 4 HOH 16  416 97  HOH HOH A . 
I 4 HOH 17  417 13  HOH HOH A . 
I 4 HOH 18  418 69  HOH HOH A . 
I 4 HOH 19  419 95  HOH HOH A . 
I 4 HOH 20  420 4   HOH HOH A . 
I 4 HOH 21  421 78  HOH HOH A . 
I 4 HOH 22  422 88  HOH HOH A . 
I 4 HOH 23  423 79  HOH HOH A . 
I 4 HOH 24  424 23  HOH HOH A . 
I 4 HOH 25  425 25  HOH HOH A . 
I 4 HOH 26  426 84  HOH HOH A . 
I 4 HOH 27  427 43  HOH HOH A . 
I 4 HOH 28  428 18  HOH HOH A . 
I 4 HOH 29  429 16  HOH HOH A . 
I 4 HOH 30  430 63  HOH HOH A . 
I 4 HOH 31  431 107 HOH HOH A . 
I 4 HOH 32  432 52  HOH HOH A . 
I 4 HOH 33  433 9   HOH HOH A . 
I 4 HOH 34  434 64  HOH HOH A . 
I 4 HOH 35  435 19  HOH HOH A . 
I 4 HOH 36  436 126 HOH HOH A . 
I 4 HOH 37  437 11  HOH HOH A . 
I 4 HOH 38  438 29  HOH HOH A . 
I 4 HOH 39  439 74  HOH HOH A . 
I 4 HOH 40  440 106 HOH HOH A . 
I 4 HOH 41  441 59  HOH HOH A . 
I 4 HOH 42  442 119 HOH HOH A . 
I 4 HOH 43  443 60  HOH HOH A . 
I 4 HOH 44  444 3   HOH HOH A . 
I 4 HOH 45  445 37  HOH HOH A . 
I 4 HOH 46  446 39  HOH HOH A . 
I 4 HOH 47  447 21  HOH HOH A . 
I 4 HOH 48  448 62  HOH HOH A . 
I 4 HOH 49  449 40  HOH HOH A . 
I 4 HOH 50  450 26  HOH HOH A . 
I 4 HOH 51  451 98  HOH HOH A . 
I 4 HOH 52  452 86  HOH HOH A . 
I 4 HOH 53  453 68  HOH HOH A . 
I 4 HOH 54  454 133 HOH HOH A . 
I 4 HOH 55  455 58  HOH HOH A . 
I 4 HOH 56  456 137 HOH HOH A . 
I 4 HOH 57  457 8   HOH HOH A . 
I 4 HOH 58  458 33  HOH HOH A . 
I 4 HOH 59  459 111 HOH HOH A . 
I 4 HOH 60  460 7   HOH HOH A . 
I 4 HOH 61  461 1   HOH HOH A . 
I 4 HOH 62  462 28  HOH HOH A . 
I 4 HOH 63  463 92  HOH HOH A . 
I 4 HOH 64  464 48  HOH HOH A . 
I 4 HOH 65  465 10  HOH HOH A . 
I 4 HOH 66  466 120 HOH HOH A . 
I 4 HOH 67  467 87  HOH HOH A . 
I 4 HOH 68  468 73  HOH HOH A . 
I 4 HOH 69  469 102 HOH HOH A . 
I 4 HOH 70  470 47  HOH HOH A . 
I 4 HOH 71  471 66  HOH HOH A . 
I 4 HOH 72  472 85  HOH HOH A . 
I 4 HOH 73  473 99  HOH HOH A . 
I 4 HOH 74  474 24  HOH HOH A . 
I 4 HOH 75  475 76  HOH HOH A . 
I 4 HOH 76  476 20  HOH HOH A . 
I 4 HOH 77  477 55  HOH HOH A . 
I 4 HOH 78  478 61  HOH HOH A . 
I 4 HOH 79  479 31  HOH HOH A . 
I 4 HOH 80  480 14  HOH HOH A . 
I 4 HOH 81  481 17  HOH HOH A . 
I 4 HOH 82  482 101 HOH HOH A . 
I 4 HOH 83  483 32  HOH HOH A . 
I 4 HOH 84  484 27  HOH HOH A . 
I 4 HOH 85  485 103 HOH HOH A . 
I 4 HOH 86  486 131 HOH HOH A . 
I 4 HOH 87  487 110 HOH HOH A . 
I 4 HOH 88  488 22  HOH HOH A . 
I 4 HOH 89  489 70  HOH HOH A . 
I 4 HOH 90  490 38  HOH HOH A . 
I 4 HOH 91  491 45  HOH HOH A . 
I 4 HOH 92  492 80  HOH HOH A . 
I 4 HOH 93  493 50  HOH HOH A . 
I 4 HOH 94  494 136 HOH HOH A . 
I 4 HOH 95  495 53  HOH HOH A . 
I 4 HOH 96  496 75  HOH HOH A . 
I 4 HOH 97  497 130 HOH HOH A . 
I 4 HOH 98  498 71  HOH HOH A . 
I 4 HOH 99  499 121 HOH HOH A . 
I 4 HOH 100 500 105 HOH HOH A . 
I 4 HOH 101 501 108 HOH HOH A . 
I 4 HOH 102 502 134 HOH HOH A . 
I 4 HOH 103 503 128 HOH HOH A . 
I 4 HOH 104 504 49  HOH HOH A . 
I 4 HOH 105 505 114 HOH HOH A . 
I 4 HOH 106 506 36  HOH HOH A . 
I 4 HOH 107 507 124 HOH HOH A . 
I 4 HOH 108 508 118 HOH HOH A . 
I 4 HOH 109 509 72  HOH HOH A . 
I 4 HOH 110 510 122 HOH HOH A . 
I 4 HOH 111 511 44  HOH HOH A . 
I 4 HOH 112 512 104 HOH HOH A . 
I 4 HOH 113 513 90  HOH HOH A . 
I 4 HOH 114 514 125 HOH HOH A . 
I 4 HOH 115 515 57  HOH HOH A . 
I 4 HOH 116 516 117 HOH HOH A . 
I 4 HOH 117 517 41  HOH HOH A . 
I 4 HOH 118 518 113 HOH HOH A . 
I 4 HOH 119 519 81  HOH HOH A . 
I 4 HOH 120 520 67  HOH HOH A . 
I 4 HOH 121 521 83  HOH HOH A . 
I 4 HOH 122 522 123 HOH HOH A . 
I 4 HOH 123 523 112 HOH HOH A . 
I 4 HOH 124 524 91  HOH HOH A . 
I 4 HOH 125 525 56  HOH HOH A . 
I 4 HOH 126 526 30  HOH HOH A . 
I 4 HOH 127 527 51  HOH HOH A . 
I 4 HOH 128 528 77  HOH HOH A . 
I 4 HOH 129 529 42  HOH HOH A . 
I 4 HOH 130 530 65  HOH HOH A . 
I 4 HOH 131 531 34  HOH HOH A . 
I 4 HOH 132 532 127 HOH HOH A . 
I 4 HOH 133 533 82  HOH HOH A . 
I 4 HOH 134 534 135 HOH HOH A . 
I 4 HOH 135 535 109 HOH HOH A . 
I 4 HOH 136 536 132 HOH HOH A . 
I 4 HOH 137 537 54  HOH HOH A . 
# 
_pdbx_struct_special_symmetry.id              1 
_pdbx_struct_special_symmetry.PDB_model_num   1 
_pdbx_struct_special_symmetry.auth_asym_id    A 
_pdbx_struct_special_symmetry.auth_comp_id    HOH 
_pdbx_struct_special_symmetry.auth_seq_id     428 
_pdbx_struct_special_symmetry.PDB_ins_code    ? 
_pdbx_struct_special_symmetry.label_asym_id   I 
_pdbx_struct_special_symmetry.label_comp_id   HOH 
_pdbx_struct_special_symmetry.label_seq_id    . 
# 
loop_
_pdbx_unobs_or_zero_occ_residues.id 
_pdbx_unobs_or_zero_occ_residues.PDB_model_num 
_pdbx_unobs_or_zero_occ_residues.polymer_flag 
_pdbx_unobs_or_zero_occ_residues.occupancy_flag 
_pdbx_unobs_or_zero_occ_residues.auth_asym_id 
_pdbx_unobs_or_zero_occ_residues.auth_comp_id 
_pdbx_unobs_or_zero_occ_residues.auth_seq_id 
_pdbx_unobs_or_zero_occ_residues.PDB_ins_code 
_pdbx_unobs_or_zero_occ_residues.label_asym_id 
_pdbx_unobs_or_zero_occ_residues.label_comp_id 
_pdbx_unobs_or_zero_occ_residues.label_seq_id 
1 1 Y 1 A SER 56  ? A SER 1   
2 1 Y 1 A GLY 190 ? A GLY 135 
3 1 Y 1 A ILE 191 ? A ILE 136 
4 1 Y 1 A GLY 192 ? A GLY 137 
5 1 Y 1 A GLU 212 ? A GLU 157 
# 
_pdbx_audit_revision_history.ordinal             1 
_pdbx_audit_revision_history.data_content_type   'Structure model' 
_pdbx_audit_revision_history.major_revision      1 
_pdbx_audit_revision_history.minor_revision      0 
_pdbx_audit_revision_history.revision_date       2023-10-04 
# 
_pdbx_audit_revision_details.ordinal             1 
_pdbx_audit_revision_details.revision_ordinal    1 
_pdbx_audit_revision_details.data_content_type   'Structure model' 
_pdbx_audit_revision_details.provider            repository 
_pdbx_audit_revision_details.type                'Initial release' 
_pdbx_audit_revision_details.description         ? 
_pdbx_audit_revision_details.details             ? 
# 
